data_1KCQ
# 
_entry.id   1KCQ 
# 
_audit_conform.dict_name       mmcif_pdbx.dic 
_audit_conform.dict_version    5.399 
_audit_conform.dict_location   http://mmcif.pdb.org/dictionaries/ascii/mmcif_pdbx.dic 
# 
loop_
_database_2.database_id 
_database_2.database_code 
_database_2.pdbx_database_accession 
_database_2.pdbx_DOI 
PDB   1KCQ         pdb_00001kcq 10.2210/pdb1kcq/pdb 
RCSB  RCSB014817   ?            ?                   
WWPDB D_1000014817 ?            ?                   
# 
loop_
_pdbx_audit_revision_history.ordinal 
_pdbx_audit_revision_history.data_content_type 
_pdbx_audit_revision_history.major_revision 
_pdbx_audit_revision_history.minor_revision 
_pdbx_audit_revision_history.revision_date 
1 'Structure model' 1 0 2002-01-04 
2 'Structure model' 1 1 2008-04-27 
3 'Structure model' 1 2 2011-07-13 
4 'Structure model' 1 3 2023-08-16 
5 'Structure model' 1 4 2024-11-20 
# 
_pdbx_audit_revision_details.ordinal             1 
_pdbx_audit_revision_details.revision_ordinal    1 
_pdbx_audit_revision_details.data_content_type   'Structure model' 
_pdbx_audit_revision_details.provider            repository 
_pdbx_audit_revision_details.type                'Initial release' 
_pdbx_audit_revision_details.description         ? 
_pdbx_audit_revision_details.details             ? 
# 
loop_
_pdbx_audit_revision_group.ordinal 
_pdbx_audit_revision_group.revision_ordinal 
_pdbx_audit_revision_group.data_content_type 
_pdbx_audit_revision_group.group 
1 2 'Structure model' 'Version format compliance' 
2 3 'Structure model' 'Derived calculations'      
3 3 'Structure model' 'Version format compliance' 
4 4 'Structure model' 'Data collection'           
5 4 'Structure model' 'Database references'       
6 4 'Structure model' 'Derived calculations'      
7 4 'Structure model' 'Refinement description'    
8 5 'Structure model' 'Structure summary'         
# 
loop_
_pdbx_audit_revision_category.ordinal 
_pdbx_audit_revision_category.revision_ordinal 
_pdbx_audit_revision_category.data_content_type 
_pdbx_audit_revision_category.category 
1  4 'Structure model' chem_comp_atom                
2  4 'Structure model' chem_comp_bond                
3  4 'Structure model' database_2                    
4  4 'Structure model' pdbx_initial_refinement_model 
5  4 'Structure model' pdbx_struct_conn_angle        
6  4 'Structure model' software                      
7  4 'Structure model' struct_conn                   
8  4 'Structure model' struct_site                   
9  5 'Structure model' pdbx_entry_details            
10 5 'Structure model' pdbx_modification_feature     
# 
loop_
_pdbx_audit_revision_item.ordinal 
_pdbx_audit_revision_item.revision_ordinal 
_pdbx_audit_revision_item.data_content_type 
_pdbx_audit_revision_item.item 
1  4 'Structure model' '_database_2.pdbx_DOI'                        
2  4 'Structure model' '_database_2.pdbx_database_accession'         
3  4 'Structure model' '_pdbx_struct_conn_angle.ptnr1_auth_comp_id'  
4  4 'Structure model' '_pdbx_struct_conn_angle.ptnr1_auth_seq_id'   
5  4 'Structure model' '_pdbx_struct_conn_angle.ptnr1_label_asym_id' 
6  4 'Structure model' '_pdbx_struct_conn_angle.ptnr1_label_atom_id' 
7  4 'Structure model' '_pdbx_struct_conn_angle.ptnr1_label_comp_id' 
8  4 'Structure model' '_pdbx_struct_conn_angle.ptnr1_label_seq_id'  
9  4 'Structure model' '_pdbx_struct_conn_angle.ptnr1_symmetry'      
10 4 'Structure model' '_pdbx_struct_conn_angle.ptnr2_auth_seq_id'   
11 4 'Structure model' '_pdbx_struct_conn_angle.ptnr2_label_alt_id'  
12 4 'Structure model' '_pdbx_struct_conn_angle.ptnr2_label_asym_id' 
13 4 'Structure model' '_pdbx_struct_conn_angle.ptnr3_auth_comp_id'  
14 4 'Structure model' '_pdbx_struct_conn_angle.ptnr3_auth_seq_id'   
15 4 'Structure model' '_pdbx_struct_conn_angle.ptnr3_label_asym_id' 
16 4 'Structure model' '_pdbx_struct_conn_angle.ptnr3_label_atom_id' 
17 4 'Structure model' '_pdbx_struct_conn_angle.ptnr3_label_comp_id' 
18 4 'Structure model' '_pdbx_struct_conn_angle.ptnr3_label_seq_id'  
19 4 'Structure model' '_pdbx_struct_conn_angle.ptnr3_symmetry'      
20 4 'Structure model' '_pdbx_struct_conn_angle.value'               
21 4 'Structure model' '_struct_conn.pdbx_dist_value'                
22 4 'Structure model' '_struct_conn.pdbx_ptnr1_label_alt_id'        
23 4 'Structure model' '_struct_conn.pdbx_ptnr2_label_alt_id'        
24 4 'Structure model' '_struct_conn.ptnr1_auth_comp_id'             
25 4 'Structure model' '_struct_conn.ptnr1_auth_seq_id'              
26 4 'Structure model' '_struct_conn.ptnr1_label_asym_id'            
27 4 'Structure model' '_struct_conn.ptnr1_label_atom_id'            
28 4 'Structure model' '_struct_conn.ptnr1_label_comp_id'            
29 4 'Structure model' '_struct_conn.ptnr1_label_seq_id'             
30 4 'Structure model' '_struct_conn.ptnr1_symmetry'                 
31 4 'Structure model' '_struct_conn.ptnr2_auth_comp_id'             
32 4 'Structure model' '_struct_conn.ptnr2_auth_seq_id'              
33 4 'Structure model' '_struct_conn.ptnr2_label_asym_id'            
34 4 'Structure model' '_struct_conn.ptnr2_label_atom_id'            
35 4 'Structure model' '_struct_conn.ptnr2_label_comp_id'            
36 4 'Structure model' '_struct_conn.ptnr2_label_seq_id'             
37 4 'Structure model' '_struct_conn.ptnr2_symmetry'                 
38 4 'Structure model' '_struct_site.pdbx_auth_asym_id'              
39 4 'Structure model' '_struct_site.pdbx_auth_comp_id'              
40 4 'Structure model' '_struct_site.pdbx_auth_seq_id'               
# 
_pdbx_database_status.status_code                     REL 
_pdbx_database_status.entry_id                        1KCQ 
_pdbx_database_status.recvd_initial_deposition_date   2001-11-09 
_pdbx_database_status.deposit_site                    RCSB 
_pdbx_database_status.process_site                    RCSB 
_pdbx_database_status.status_code_sf                  REL 
_pdbx_database_status.SG_entry                        . 
_pdbx_database_status.status_code_mr                  ? 
_pdbx_database_status.status_code_cs                  ? 
_pdbx_database_status.pdb_format_compatible           Y 
_pdbx_database_status.status_code_nmr_data            ? 
_pdbx_database_status.methods_development_category    ? 
# 
loop_
_audit_author.name 
_audit_author.pdbx_ordinal 
'Kazmirski, S.L.' 1 
'Isaacson, R.L.'  2 
'An, C.'          3 
'Buckle, A.'      4 
'Johnson, C.M.'   5 
'Daggett, V.'     6 
'Fersht, A.R.'    7 
# 
_citation.id                        primary 
_citation.title                     'Loss of a metal-binding site in gelsolin leads to familial amyloidosis-Finnish type.' 
_citation.journal_abbrev            Nat.Struct.Biol. 
_citation.journal_volume            9 
_citation.page_first                112 
_citation.page_last                 116 
_citation.year                      2002 
_citation.journal_id_ASTM           NSBIEW 
_citation.country                   US 
_citation.journal_id_ISSN           1072-8368 
_citation.journal_id_CSD            2024 
_citation.book_publisher            ? 
_citation.pdbx_database_id_PubMed   11753432 
_citation.pdbx_database_id_DOI      10.1038/nsb745 
# 
loop_
_citation_author.citation_id 
_citation_author.name 
_citation_author.ordinal 
_citation_author.identifier_ORCID 
primary 'Kazmirski, S.L.' 1 ? 
primary 'Isaacson, R.L.'  2 ? 
primary 'An, C.'          3 ? 
primary 'Buckle, A.'      4 ? 
primary 'Johnson, C.M.'   5 ? 
primary 'Daggett, V.'     6 ? 
primary 'Fersht, A.R.'    7 ? 
# 
loop_
_entity.id 
_entity.type 
_entity.src_method 
_entity.pdbx_description 
_entity.formula_weight 
_entity.pdbx_number_of_molecules 
_entity.pdbx_ec 
_entity.pdbx_mutation 
_entity.pdbx_fragment 
_entity.details 
1 polymer     man GELSOLIN      11592.965 1   ? ? 'DOMAIN 2' ? 
2 non-polymer syn 'CADMIUM ION' 112.411   4   ? ? ?          ? 
3 water       nat water         18.015    130 ? ? ?          ? 
# 
_entity_name_com.entity_id   1 
_entity_name_com.name        'ACTIN-DEPOLYMERIZING FACTOR; BREVIN; ADF; AGEL' 
# 
_entity_poly.entity_id                      1 
_entity_poly.type                           'polypeptide(L)' 
_entity_poly.nstd_linkage                   no 
_entity_poly.nstd_monomer                   no 
_entity_poly.pdbx_seq_one_letter_code       
;VVQRLFQVKGRRVVRATEVPVSWESFNNGDCFILDLGNNIHQWCGSNSNRYERLKATQVSKGIRDNERSGRARVHVSEEG
TEPEAMLQVLGPKPALPAGTEDTA
;
_entity_poly.pdbx_seq_one_letter_code_can   
;VVQRLFQVKGRRVVRATEVPVSWESFNNGDCFILDLGNNIHQWCGSNSNRYERLKATQVSKGIRDNERSGRARVHVSEEG
TEPEAMLQVLGPKPALPAGTEDTA
;
_entity_poly.pdbx_strand_id                 A 
_entity_poly.pdbx_target_identifier         ? 
# 
loop_
_pdbx_entity_nonpoly.entity_id 
_pdbx_entity_nonpoly.name 
_pdbx_entity_nonpoly.comp_id 
2 'CADMIUM ION' CD  
3 water         HOH 
# 
loop_
_entity_poly_seq.entity_id 
_entity_poly_seq.num 
_entity_poly_seq.mon_id 
_entity_poly_seq.hetero 
1 1   VAL n 
1 2   VAL n 
1 3   GLN n 
1 4   ARG n 
1 5   LEU n 
1 6   PHE n 
1 7   GLN n 
1 8   VAL n 
1 9   LYS n 
1 10  GLY n 
1 11  ARG n 
1 12  ARG n 
1 13  VAL n 
1 14  VAL n 
1 15  ARG n 
1 16  ALA n 
1 17  THR n 
1 18  GLU n 
1 19  VAL n 
1 20  PRO n 
1 21  VAL n 
1 22  SER n 
1 23  TRP n 
1 24  GLU n 
1 25  SER n 
1 26  PHE n 
1 27  ASN n 
1 28  ASN n 
1 29  GLY n 
1 30  ASP n 
1 31  CYS n 
1 32  PHE n 
1 33  ILE n 
1 34  LEU n 
1 35  ASP n 
1 36  LEU n 
1 37  GLY n 
1 38  ASN n 
1 39  ASN n 
1 40  ILE n 
1 41  HIS n 
1 42  GLN n 
1 43  TRP n 
1 44  CYS n 
1 45  GLY n 
1 46  SER n 
1 47  ASN n 
1 48  SER n 
1 49  ASN n 
1 50  ARG n 
1 51  TYR n 
1 52  GLU n 
1 53  ARG n 
1 54  LEU n 
1 55  LYS n 
1 56  ALA n 
1 57  THR n 
1 58  GLN n 
1 59  VAL n 
1 60  SER n 
1 61  LYS n 
1 62  GLY n 
1 63  ILE n 
1 64  ARG n 
1 65  ASP n 
1 66  ASN n 
1 67  GLU n 
1 68  ARG n 
1 69  SER n 
1 70  GLY n 
1 71  ARG n 
1 72  ALA n 
1 73  ARG n 
1 74  VAL n 
1 75  HIS n 
1 76  VAL n 
1 77  SER n 
1 78  GLU n 
1 79  GLU n 
1 80  GLY n 
1 81  THR n 
1 82  GLU n 
1 83  PRO n 
1 84  GLU n 
1 85  ALA n 
1 86  MET n 
1 87  LEU n 
1 88  GLN n 
1 89  VAL n 
1 90  LEU n 
1 91  GLY n 
1 92  PRO n 
1 93  LYS n 
1 94  PRO n 
1 95  ALA n 
1 96  LEU n 
1 97  PRO n 
1 98  ALA n 
1 99  GLY n 
1 100 THR n 
1 101 GLU n 
1 102 ASP n 
1 103 THR n 
1 104 ALA n 
# 
_entity_src_gen.entity_id                          1 
_entity_src_gen.pdbx_src_id                        1 
_entity_src_gen.pdbx_alt_source_flag               sample 
_entity_src_gen.pdbx_seq_type                      ? 
_entity_src_gen.pdbx_beg_seq_num                   ? 
_entity_src_gen.pdbx_end_seq_num                   ? 
_entity_src_gen.gene_src_common_name               human 
_entity_src_gen.gene_src_genus                     Homo 
_entity_src_gen.pdbx_gene_src_gene                 ? 
_entity_src_gen.gene_src_species                   ? 
_entity_src_gen.gene_src_strain                    ? 
_entity_src_gen.gene_src_tissue                    ? 
_entity_src_gen.gene_src_tissue_fraction           ? 
_entity_src_gen.gene_src_details                   ? 
_entity_src_gen.pdbx_gene_src_fragment             ? 
_entity_src_gen.pdbx_gene_src_scientific_name      'Homo sapiens' 
_entity_src_gen.pdbx_gene_src_ncbi_taxonomy_id     9606 
_entity_src_gen.pdbx_gene_src_variant              ? 
_entity_src_gen.pdbx_gene_src_cell_line            ? 
_entity_src_gen.pdbx_gene_src_atcc                 ? 
_entity_src_gen.pdbx_gene_src_organ                ? 
_entity_src_gen.pdbx_gene_src_organelle            ? 
_entity_src_gen.pdbx_gene_src_cell                 ? 
_entity_src_gen.pdbx_gene_src_cellular_location    ? 
_entity_src_gen.host_org_common_name               ? 
_entity_src_gen.pdbx_host_org_scientific_name      'Escherichia coli' 
_entity_src_gen.pdbx_host_org_ncbi_taxonomy_id     562 
_entity_src_gen.host_org_genus                     Escherichia 
_entity_src_gen.pdbx_host_org_gene                 ? 
_entity_src_gen.pdbx_host_org_organ                ? 
_entity_src_gen.host_org_species                   ? 
_entity_src_gen.pdbx_host_org_tissue               ? 
_entity_src_gen.pdbx_host_org_tissue_fraction      ? 
_entity_src_gen.pdbx_host_org_strain               ? 
_entity_src_gen.pdbx_host_org_variant              ? 
_entity_src_gen.pdbx_host_org_cell_line            ? 
_entity_src_gen.pdbx_host_org_atcc                 ? 
_entity_src_gen.pdbx_host_org_culture_collection   ? 
_entity_src_gen.pdbx_host_org_cell                 ? 
_entity_src_gen.pdbx_host_org_organelle            ? 
_entity_src_gen.pdbx_host_org_cellular_location    ? 
_entity_src_gen.pdbx_host_org_vector_type          ? 
_entity_src_gen.pdbx_host_org_vector               ? 
_entity_src_gen.host_org_details                   ? 
_entity_src_gen.expression_system_id               ? 
_entity_src_gen.plasmid_name                       ? 
_entity_src_gen.plasmid_details                    ? 
_entity_src_gen.pdbx_description                   ? 
# 
loop_
_chem_comp.id 
_chem_comp.type 
_chem_comp.mon_nstd_flag 
_chem_comp.name 
_chem_comp.pdbx_synonyms 
_chem_comp.formula 
_chem_comp.formula_weight 
ALA 'L-peptide linking' y ALANINE         ? 'C3 H7 N O2'     89.093  
ARG 'L-peptide linking' y ARGININE        ? 'C6 H15 N4 O2 1' 175.209 
ASN 'L-peptide linking' y ASPARAGINE      ? 'C4 H8 N2 O3'    132.118 
ASP 'L-peptide linking' y 'ASPARTIC ACID' ? 'C4 H7 N O4'     133.103 
CD  non-polymer         . 'CADMIUM ION'   ? 'Cd 2'           112.411 
CYS 'L-peptide linking' y CYSTEINE        ? 'C3 H7 N O2 S'   121.158 
GLN 'L-peptide linking' y GLUTAMINE       ? 'C5 H10 N2 O3'   146.144 
GLU 'L-peptide linking' y 'GLUTAMIC ACID' ? 'C5 H9 N O4'     147.129 
GLY 'peptide linking'   y GLYCINE         ? 'C2 H5 N O2'     75.067  
HIS 'L-peptide linking' y HISTIDINE       ? 'C6 H10 N3 O2 1' 156.162 
HOH non-polymer         . WATER           ? 'H2 O'           18.015  
ILE 'L-peptide linking' y ISOLEUCINE      ? 'C6 H13 N O2'    131.173 
LEU 'L-peptide linking' y LEUCINE         ? 'C6 H13 N O2'    131.173 
LYS 'L-peptide linking' y LYSINE          ? 'C6 H15 N2 O2 1' 147.195 
MET 'L-peptide linking' y METHIONINE      ? 'C5 H11 N O2 S'  149.211 
PHE 'L-peptide linking' y PHENYLALANINE   ? 'C9 H11 N O2'    165.189 
PRO 'L-peptide linking' y PROLINE         ? 'C5 H9 N O2'     115.130 
SER 'L-peptide linking' y SERINE          ? 'C3 H7 N O3'     105.093 
THR 'L-peptide linking' y THREONINE       ? 'C4 H9 N O3'     119.119 
TRP 'L-peptide linking' y TRYPTOPHAN      ? 'C11 H12 N2 O2'  204.225 
TYR 'L-peptide linking' y TYROSINE        ? 'C9 H11 N O3'    181.189 
VAL 'L-peptide linking' y VALINE          ? 'C5 H11 N O2'    117.146 
# 
loop_
_pdbx_poly_seq_scheme.asym_id 
_pdbx_poly_seq_scheme.entity_id 
_pdbx_poly_seq_scheme.seq_id 
_pdbx_poly_seq_scheme.mon_id 
_pdbx_poly_seq_scheme.ndb_seq_num 
_pdbx_poly_seq_scheme.pdb_seq_num 
_pdbx_poly_seq_scheme.auth_seq_num 
_pdbx_poly_seq_scheme.pdb_mon_id 
_pdbx_poly_seq_scheme.auth_mon_id 
_pdbx_poly_seq_scheme.pdb_strand_id 
_pdbx_poly_seq_scheme.pdb_ins_code 
_pdbx_poly_seq_scheme.hetero 
A 1 1   VAL 1   158 158 VAL VAL A . n 
A 1 2   VAL 2   159 159 VAL VAL A . n 
A 1 3   GLN 3   160 160 GLN GLN A . n 
A 1 4   ARG 4   161 161 ARG ARG A . n 
A 1 5   LEU 5   162 162 LEU LEU A . n 
A 1 6   PHE 6   163 163 PHE PHE A . n 
A 1 7   GLN 7   164 164 GLN GLN A . n 
A 1 8   VAL 8   165 165 VAL VAL A . n 
A 1 9   LYS 9   166 166 LYS LYS A . n 
A 1 10  GLY 10  167 167 GLY GLY A . n 
A 1 11  ARG 11  168 168 ARG ARG A . n 
A 1 12  ARG 12  169 169 ARG ARG A . n 
A 1 13  VAL 13  170 170 VAL VAL A . n 
A 1 14  VAL 14  171 171 VAL VAL A . n 
A 1 15  ARG 15  172 172 ARG ARG A . n 
A 1 16  ALA 16  173 173 ALA ALA A . n 
A 1 17  THR 17  174 174 THR THR A . n 
A 1 18  GLU 18  175 175 GLU GLU A . n 
A 1 19  VAL 19  176 176 VAL VAL A . n 
A 1 20  PRO 20  177 177 PRO PRO A . n 
A 1 21  VAL 21  178 178 VAL VAL A . n 
A 1 22  SER 22  179 179 SER SER A . n 
A 1 23  TRP 23  180 180 TRP TRP A . n 
A 1 24  GLU 24  181 181 GLU GLU A . n 
A 1 25  SER 25  182 182 SER SER A . n 
A 1 26  PHE 26  183 183 PHE PHE A . n 
A 1 27  ASN 27  184 184 ASN ASN A . n 
A 1 28  ASN 28  185 185 ASN ASN A . n 
A 1 29  GLY 29  186 186 GLY GLY A . n 
A 1 30  ASP 30  187 187 ASP ASP A . n 
A 1 31  CYS 31  188 188 CYS CYS A . n 
A 1 32  PHE 32  189 189 PHE PHE A . n 
A 1 33  ILE 33  190 190 ILE ILE A . n 
A 1 34  LEU 34  191 191 LEU LEU A . n 
A 1 35  ASP 35  192 192 ASP ASP A . n 
A 1 36  LEU 36  193 193 LEU LEU A . n 
A 1 37  GLY 37  194 194 GLY GLY A . n 
A 1 38  ASN 38  195 195 ASN ASN A . n 
A 1 39  ASN 39  196 196 ASN ASN A . n 
A 1 40  ILE 40  197 197 ILE ILE A . n 
A 1 41  HIS 41  198 198 HIS HIS A . n 
A 1 42  GLN 42  199 199 GLN GLN A . n 
A 1 43  TRP 43  200 200 TRP TRP A . n 
A 1 44  CYS 44  201 201 CYS CYS A . n 
A 1 45  GLY 45  202 202 GLY GLY A . n 
A 1 46  SER 46  203 203 SER SER A . n 
A 1 47  ASN 47  204 204 ASN ASN A . n 
A 1 48  SER 48  205 205 SER SER A . n 
A 1 49  ASN 49  206 206 ASN ASN A . n 
A 1 50  ARG 50  207 207 ARG ARG A . n 
A 1 51  TYR 51  208 208 TYR TYR A . n 
A 1 52  GLU 52  209 209 GLU GLU A . n 
A 1 53  ARG 53  210 210 ARG ARG A . n 
A 1 54  LEU 54  211 211 LEU LEU A . n 
A 1 55  LYS 55  212 212 LYS LYS A . n 
A 1 56  ALA 56  213 213 ALA ALA A . n 
A 1 57  THR 57  214 214 THR THR A . n 
A 1 58  GLN 58  215 215 GLN GLN A . n 
A 1 59  VAL 59  216 216 VAL VAL A . n 
A 1 60  SER 60  217 217 SER SER A . n 
A 1 61  LYS 61  218 218 LYS LYS A . n 
A 1 62  GLY 62  219 219 GLY GLY A . n 
A 1 63  ILE 63  220 220 ILE ILE A . n 
A 1 64  ARG 64  221 221 ARG ARG A . n 
A 1 65  ASP 65  222 222 ASP ASP A . n 
A 1 66  ASN 66  223 223 ASN ASN A . n 
A 1 67  GLU 67  224 224 GLU GLU A . n 
A 1 68  ARG 68  225 225 ARG ARG A . n 
A 1 69  SER 69  226 226 SER SER A . n 
A 1 70  GLY 70  227 227 GLY GLY A . n 
A 1 71  ARG 71  228 228 ARG ARG A . n 
A 1 72  ALA 72  229 229 ALA ALA A . n 
A 1 73  ARG 73  230 230 ARG ARG A . n 
A 1 74  VAL 74  231 231 VAL VAL A . n 
A 1 75  HIS 75  232 232 HIS HIS A . n 
A 1 76  VAL 76  233 233 VAL VAL A . n 
A 1 77  SER 77  234 234 SER SER A . n 
A 1 78  GLU 78  235 235 GLU GLU A . n 
A 1 79  GLU 79  236 236 GLU GLU A . n 
A 1 80  GLY 80  237 237 GLY GLY A . n 
A 1 81  THR 81  238 238 THR THR A . n 
A 1 82  GLU 82  239 239 GLU GLU A . n 
A 1 83  PRO 83  240 240 PRO PRO A . n 
A 1 84  GLU 84  241 241 GLU GLU A . n 
A 1 85  ALA 85  242 242 ALA ALA A . n 
A 1 86  MET 86  243 243 MET MET A . n 
A 1 87  LEU 87  244 244 LEU LEU A . n 
A 1 88  GLN 88  245 245 GLN GLN A . n 
A 1 89  VAL 89  246 246 VAL VAL A . n 
A 1 90  LEU 90  247 247 LEU LEU A . n 
A 1 91  GLY 91  248 248 GLY GLY A . n 
A 1 92  PRO 92  249 249 PRO PRO A . n 
A 1 93  LYS 93  250 250 LYS LYS A . n 
A 1 94  PRO 94  251 251 PRO PRO A . n 
A 1 95  ALA 95  252 252 ALA ALA A . n 
A 1 96  LEU 96  253 253 LEU LEU A . n 
A 1 97  PRO 97  254 254 PRO PRO A . n 
A 1 98  ALA 98  255 255 ALA ALA A . n 
A 1 99  GLY 99  256 256 GLY GLY A . n 
A 1 100 THR 100 257 257 THR THR A . n 
A 1 101 GLU 101 258 258 GLU GLU A . n 
A 1 102 ASP 102 259 259 ASP ASP A . n 
A 1 103 THR 103 260 260 THR THR A . n 
A 1 104 ALA 104 261 261 ALA ALA A . n 
# 
loop_
_pdbx_nonpoly_scheme.asym_id 
_pdbx_nonpoly_scheme.entity_id 
_pdbx_nonpoly_scheme.mon_id 
_pdbx_nonpoly_scheme.ndb_seq_num 
_pdbx_nonpoly_scheme.pdb_seq_num 
_pdbx_nonpoly_scheme.auth_seq_num 
_pdbx_nonpoly_scheme.pdb_mon_id 
_pdbx_nonpoly_scheme.auth_mon_id 
_pdbx_nonpoly_scheme.pdb_strand_id 
_pdbx_nonpoly_scheme.pdb_ins_code 
B 2 CD  1   262 262 CD  CD  A . 
C 2 CD  1   263 263 CD  CD  A . 
D 2 CD  1   264 264 CD  CD  A . 
E 2 CD  1   265 265 CD  CD  A . 
F 3 HOH 1   266 266 HOH HOH A . 
F 3 HOH 2   267 267 HOH HOH A . 
F 3 HOH 3   268 268 HOH HOH A . 
F 3 HOH 4   269 269 HOH HOH A . 
F 3 HOH 5   270 270 HOH HOH A . 
F 3 HOH 6   271 271 HOH HOH A . 
F 3 HOH 7   272 272 HOH HOH A . 
F 3 HOH 8   273 273 HOH HOH A . 
F 3 HOH 9   274 274 HOH HOH A . 
F 3 HOH 10  275 275 HOH HOH A . 
F 3 HOH 11  276 276 HOH HOH A . 
F 3 HOH 12  277 277 HOH HOH A . 
F 3 HOH 13  278 278 HOH HOH A . 
F 3 HOH 14  279 279 HOH HOH A . 
F 3 HOH 15  280 280 HOH HOH A . 
F 3 HOH 16  281 281 HOH HOH A . 
F 3 HOH 17  282 282 HOH HOH A . 
F 3 HOH 18  283 283 HOH HOH A . 
F 3 HOH 19  284 284 HOH HOH A . 
F 3 HOH 20  285 285 HOH HOH A . 
F 3 HOH 21  286 286 HOH HOH A . 
F 3 HOH 22  287 287 HOH HOH A . 
F 3 HOH 23  288 288 HOH HOH A . 
F 3 HOH 24  289 289 HOH HOH A . 
F 3 HOH 25  290 290 HOH HOH A . 
F 3 HOH 26  291 291 HOH HOH A . 
F 3 HOH 27  292 292 HOH HOH A . 
F 3 HOH 28  293 293 HOH HOH A . 
F 3 HOH 29  294 294 HOH HOH A . 
F 3 HOH 30  295 295 HOH HOH A . 
F 3 HOH 31  296 296 HOH HOH A . 
F 3 HOH 32  297 297 HOH HOH A . 
F 3 HOH 33  298 298 HOH HOH A . 
F 3 HOH 34  299 299 HOH HOH A . 
F 3 HOH 35  300 300 HOH HOH A . 
F 3 HOH 36  301 301 HOH HOH A . 
F 3 HOH 37  302 302 HOH HOH A . 
F 3 HOH 38  303 303 HOH HOH A . 
F 3 HOH 39  304 304 HOH HOH A . 
F 3 HOH 40  305 305 HOH HOH A . 
F 3 HOH 41  306 306 HOH HOH A . 
F 3 HOH 42  307 307 HOH HOH A . 
F 3 HOH 43  308 308 HOH HOH A . 
F 3 HOH 44  309 309 HOH HOH A . 
F 3 HOH 45  310 310 HOH HOH A . 
F 3 HOH 46  311 311 HOH HOH A . 
F 3 HOH 47  312 312 HOH HOH A . 
F 3 HOH 48  313 313 HOH HOH A . 
F 3 HOH 49  314 314 HOH HOH A . 
F 3 HOH 50  315 315 HOH HOH A . 
F 3 HOH 51  316 316 HOH HOH A . 
F 3 HOH 52  317 317 HOH HOH A . 
F 3 HOH 53  318 318 HOH HOH A . 
F 3 HOH 54  319 319 HOH HOH A . 
F 3 HOH 55  320 320 HOH HOH A . 
F 3 HOH 56  321 321 HOH HOH A . 
F 3 HOH 57  322 322 HOH HOH A . 
F 3 HOH 58  323 323 HOH HOH A . 
F 3 HOH 59  324 324 HOH HOH A . 
F 3 HOH 60  325 325 HOH HOH A . 
F 3 HOH 61  326 326 HOH HOH A . 
F 3 HOH 62  327 327 HOH HOH A . 
F 3 HOH 63  328 328 HOH HOH A . 
F 3 HOH 64  329 329 HOH HOH A . 
F 3 HOH 65  330 330 HOH HOH A . 
F 3 HOH 66  331 331 HOH HOH A . 
F 3 HOH 67  332 332 HOH HOH A . 
F 3 HOH 68  333 333 HOH HOH A . 
F 3 HOH 69  334 334 HOH HOH A . 
F 3 HOH 70  335 335 HOH HOH A . 
F 3 HOH 71  336 336 HOH HOH A . 
F 3 HOH 72  337 337 HOH HOH A . 
F 3 HOH 73  338 338 HOH HOH A . 
F 3 HOH 74  339 339 HOH HOH A . 
F 3 HOH 75  340 340 HOH HOH A . 
F 3 HOH 76  341 341 HOH HOH A . 
F 3 HOH 77  342 342 HOH HOH A . 
F 3 HOH 78  343 343 HOH HOH A . 
F 3 HOH 79  344 344 HOH HOH A . 
F 3 HOH 80  345 345 HOH HOH A . 
F 3 HOH 81  346 346 HOH HOH A . 
F 3 HOH 82  347 347 HOH HOH A . 
F 3 HOH 83  348 348 HOH HOH A . 
F 3 HOH 84  349 349 HOH HOH A . 
F 3 HOH 85  350 350 HOH HOH A . 
F 3 HOH 86  351 351 HOH HOH A . 
F 3 HOH 87  352 352 HOH HOH A . 
F 3 HOH 88  353 353 HOH HOH A . 
F 3 HOH 89  354 354 HOH HOH A . 
F 3 HOH 90  355 355 HOH HOH A . 
F 3 HOH 91  356 356 HOH HOH A . 
F 3 HOH 92  357 357 HOH HOH A . 
F 3 HOH 93  358 358 HOH HOH A . 
F 3 HOH 94  359 359 HOH HOH A . 
F 3 HOH 95  360 360 HOH HOH A . 
F 3 HOH 96  361 361 HOH HOH A . 
F 3 HOH 97  362 362 HOH HOH A . 
F 3 HOH 98  363 363 HOH HOH A . 
F 3 HOH 99  364 364 HOH HOH A . 
F 3 HOH 100 365 365 HOH HOH A . 
F 3 HOH 101 366 366 HOH HOH A . 
F 3 HOH 102 367 367 HOH HOH A . 
F 3 HOH 103 368 368 HOH HOH A . 
F 3 HOH 104 369 369 HOH HOH A . 
F 3 HOH 105 370 370 HOH HOH A . 
F 3 HOH 106 371 371 HOH HOH A . 
F 3 HOH 107 372 372 HOH HOH A . 
F 3 HOH 108 373 373 HOH HOH A . 
F 3 HOH 109 374 374 HOH HOH A . 
F 3 HOH 110 375 375 HOH HOH A . 
F 3 HOH 111 376 376 HOH HOH A . 
F 3 HOH 112 377 377 HOH HOH A . 
F 3 HOH 113 378 378 HOH HOH A . 
F 3 HOH 114 379 379 HOH HOH A . 
F 3 HOH 115 380 380 HOH HOH A . 
F 3 HOH 116 381 381 HOH HOH A . 
F 3 HOH 117 382 382 HOH HOH A . 
F 3 HOH 118 383 383 HOH HOH A . 
F 3 HOH 119 384 384 HOH HOH A . 
F 3 HOH 120 385 385 HOH HOH A . 
F 3 HOH 121 386 386 HOH HOH A . 
F 3 HOH 122 387 387 HOH HOH A . 
F 3 HOH 123 388 388 HOH HOH A . 
F 3 HOH 124 389 389 HOH HOH A . 
F 3 HOH 125 390 390 HOH HOH A . 
F 3 HOH 126 391 391 HOH HOH A . 
F 3 HOH 127 392 392 HOH HOH A . 
F 3 HOH 128 393 393 HOH HOH A . 
F 3 HOH 129 394 394 HOH HOH A . 
F 3 HOH 130 395 395 HOH HOH A . 
# 
loop_
_pdbx_unobs_or_zero_occ_atoms.id 
_pdbx_unobs_or_zero_occ_atoms.PDB_model_num 
_pdbx_unobs_or_zero_occ_atoms.polymer_flag 
_pdbx_unobs_or_zero_occ_atoms.occupancy_flag 
_pdbx_unobs_or_zero_occ_atoms.auth_asym_id 
_pdbx_unobs_or_zero_occ_atoms.auth_comp_id 
_pdbx_unobs_or_zero_occ_atoms.auth_seq_id 
_pdbx_unobs_or_zero_occ_atoms.PDB_ins_code 
_pdbx_unobs_or_zero_occ_atoms.auth_atom_id 
_pdbx_unobs_or_zero_occ_atoms.label_alt_id 
_pdbx_unobs_or_zero_occ_atoms.label_asym_id 
_pdbx_unobs_or_zero_occ_atoms.label_comp_id 
_pdbx_unobs_or_zero_occ_atoms.label_seq_id 
_pdbx_unobs_or_zero_occ_atoms.label_atom_id 
1  1 Y 1 A VAL 158 ? N   ? A VAL 1  N   
2  1 Y 1 A VAL 158 ? CA  ? A VAL 1  CA  
3  1 Y 1 A VAL 158 ? CB  ? A VAL 1  CB  
4  1 Y 1 A VAL 158 ? CG1 ? A VAL 1  CG1 
5  1 Y 1 A VAL 158 ? CG2 ? A VAL 1  CG2 
6  1 Y 1 A ARG 168 ? CZ  ? A ARG 11 CZ  
7  1 Y 1 A ARG 168 ? NH1 ? A ARG 11 NH1 
8  1 Y 1 A ARG 168 ? NH2 ? A ARG 11 NH2 
9  1 Y 1 A ARG 169 ? CD  ? A ARG 12 CD  
10 1 Y 1 A ARG 169 ? NE  ? A ARG 12 NE  
11 1 Y 1 A ARG 169 ? CZ  ? A ARG 12 CZ  
12 1 Y 1 A ARG 169 ? NH1 ? A ARG 12 NH1 
13 1 Y 1 A ARG 169 ? NH2 ? A ARG 12 NH2 
14 1 Y 1 A ARG 228 ? NH1 ? A ARG 71 NH1 
15 1 Y 1 A ARG 228 ? NH2 ? A ARG 71 NH2 
16 1 Y 1 A ARG 230 ? NE  ? A ARG 73 NE  
17 1 Y 1 A ARG 230 ? CZ  ? A ARG 73 CZ  
18 1 Y 1 A ARG 230 ? NH1 ? A ARG 73 NH1 
19 1 Y 1 A ARG 230 ? NH2 ? A ARG 73 NH2 
# 
loop_
_software.name 
_software.classification 
_software.version 
_software.citation_id 
_software.pdbx_ordinal 
MAR345 'data collection' .         ? 1 
SCALA  'data scaling'    .         ? 2 
AMoRE  phasing           .         ? 3 
X-PLOR refinement        .         ? 4 
CCP4   'data scaling'    '(SCALA)' ? 5 
# 
_cell.entry_id           1KCQ 
_cell.length_a           96.968 
_cell.length_b           26.525 
_cell.length_c           50.294 
_cell.angle_alpha        90.00 
_cell.angle_beta         121.19 
_cell.angle_gamma        90.00 
_cell.Z_PDB              4 
_cell.pdbx_unique_axis   ? 
_cell.length_a_esd       ? 
_cell.length_b_esd       ? 
_cell.length_c_esd       ? 
_cell.angle_alpha_esd    ? 
_cell.angle_beta_esd     ? 
_cell.angle_gamma_esd    ? 
# 
_symmetry.entry_id                         1KCQ 
_symmetry.space_group_name_H-M             'C 1 2 1' 
_symmetry.pdbx_full_space_group_name_H-M   ? 
_symmetry.cell_setting                     monoclinic 
_symmetry.Int_Tables_number                5 
_symmetry.space_group_name_Hall            ? 
# 
_exptl.entry_id          1KCQ 
_exptl.method            'X-RAY DIFFRACTION' 
_exptl.crystals_number   1 
# 
_exptl_crystal.id                    1 
_exptl_crystal.density_meas          ? 
_exptl_crystal.density_percent_sol   48.43 
_exptl_crystal.density_Matthews      2.39 
_exptl_crystal.description           ? 
_exptl_crystal.F_000                 ? 
_exptl_crystal.preparation           ? 
# 
_exptl_crystal_grow.crystal_id      1 
_exptl_crystal_grow.method          'VAPOR DIFFUSION, HANGING DROP' 
_exptl_crystal_grow.temp            290 
_exptl_crystal_grow.temp_details    ? 
_exptl_crystal_grow.pH              4.6 
_exptl_crystal_grow.pdbx_details    'PEG 400, cadmium chloride, sodium acetate, pH 4.6, VAPOR DIFFUSION, HANGING DROP at 290K' 
_exptl_crystal_grow.pdbx_pH_range   ? 
# 
_diffrn.id                     1 
_diffrn.ambient_temp           100.0 
_diffrn.ambient_temp_details   ? 
_diffrn.crystal_id             1 
# 
_diffrn_detector.diffrn_id              1 
_diffrn_detector.detector               CCD 
_diffrn_detector.type                   MARRESEARCH 
_diffrn_detector.pdbx_collection_date   2000-09-04 
_diffrn_detector.details                ? 
# 
_diffrn_radiation.diffrn_id                        1 
_diffrn_radiation.wavelength_id                    1 
_diffrn_radiation.pdbx_monochromatic_or_laue_m_l   M 
_diffrn_radiation.monochromator                    'Si 111 CHANNEL' 
_diffrn_radiation.pdbx_diffrn_protocol             'SINGLE WAVELENGTH' 
_diffrn_radiation.pdbx_scattering_type             x-ray 
# 
_diffrn_radiation_wavelength.id           1 
_diffrn_radiation_wavelength.wavelength   1.200 
_diffrn_radiation_wavelength.wt           1.0 
# 
_diffrn_source.diffrn_id                   1 
_diffrn_source.source                      SYNCHROTRON 
_diffrn_source.type                        'SRS BEAMLINE PX9.5' 
_diffrn_source.pdbx_synchrotron_site       SRS 
_diffrn_source.pdbx_synchrotron_beamline   PX9.5 
_diffrn_source.pdbx_wavelength             ? 
_diffrn_source.pdbx_wavelength_list        1.200 
# 
_reflns.entry_id                     1KCQ 
_reflns.observed_criterion_sigma_I   1.0 
_reflns.observed_criterion_sigma_F   ? 
_reflns.d_resolution_low             43.033 
_reflns.d_resolution_high            1.65 
_reflns.number_obs                   14799 
_reflns.number_all                   ? 
_reflns.percent_possible_obs         99.0 
_reflns.pdbx_Rmerge_I_obs            0.075 
_reflns.pdbx_Rsym_value              ? 
_reflns.pdbx_netI_over_sigmaI        5.2 
_reflns.B_iso_Wilson_estimate        33.8 
_reflns.pdbx_redundancy              3.3 
_reflns.R_free_details               ? 
_reflns.observed_criterion_F_max     ? 
_reflns.observed_criterion_F_min     ? 
_reflns.limit_h_max                  ? 
_reflns.limit_h_min                  ? 
_reflns.limit_k_max                  ? 
_reflns.limit_k_min                  ? 
_reflns.limit_l_max                  ? 
_reflns.limit_l_min                  ? 
_reflns.pdbx_chi_squared             ? 
_reflns.pdbx_scaling_rejects         ? 
_reflns.pdbx_ordinal                 1 
_reflns.pdbx_diffrn_id               1 
# 
_reflns_shell.d_res_high             1.65 
_reflns_shell.d_res_low              1.74 
_reflns_shell.percent_possible_all   94.6 
_reflns_shell.Rmerge_I_obs           0.174 
_reflns_shell.pdbx_Rsym_value        ? 
_reflns_shell.meanI_over_sigI_obs    ? 
_reflns_shell.pdbx_redundancy        2.7 
_reflns_shell.percent_possible_obs   ? 
_reflns_shell.number_unique_all      ? 
_reflns_shell.number_measured_all    ? 
_reflns_shell.number_measured_obs    ? 
_reflns_shell.number_unique_obs      ? 
_reflns_shell.pdbx_chi_squared       ? 
_reflns_shell.pdbx_ordinal           1 
_reflns_shell.pdbx_diffrn_id         1 
# 
_refine.entry_id                                 1KCQ 
_refine.ls_number_reflns_obs                     13501 
_refine.ls_number_reflns_all                     14799 
_refine.pdbx_ls_sigma_I                          1.0 
_refine.pdbx_ls_sigma_F                          2.0 
_refine.pdbx_data_cutoff_high_absF               ? 
_refine.pdbx_data_cutoff_low_absF                ? 
_refine.ls_d_res_low                             22.25 
_refine.ls_d_res_high                            1.65 
_refine.ls_percent_reflns_obs                    ? 
_refine.ls_R_factor_obs                          0.18 
_refine.ls_R_factor_all                          0.191 
_refine.ls_R_factor_R_work                       0.177 
_refine.ls_R_factor_R_free                       0.233 
_refine.ls_R_factor_R_free_error                 ? 
_refine.ls_R_factor_R_free_error_details         ? 
_refine.ls_percent_reflns_R_free                 5.0 
_refine.ls_number_reflns_R_free                  673 
_refine.ls_number_parameters                     ? 
_refine.ls_number_restraints                     ? 
_refine.occupancy_min                            ? 
_refine.occupancy_max                            ? 
_refine.B_iso_mean                               20.2 
_refine.aniso_B[1][1]                            ? 
_refine.aniso_B[2][2]                            ? 
_refine.aniso_B[3][3]                            ? 
_refine.aniso_B[1][2]                            ? 
_refine.aniso_B[1][3]                            ? 
_refine.aniso_B[2][3]                            ? 
_refine.solvent_model_details                    ? 
_refine.solvent_model_param_ksol                 ? 
_refine.solvent_model_param_bsol                 ? 
_refine.pdbx_ls_cross_valid_method               THROUGHOUT 
_refine.details                                  ? 
_refine.pdbx_starting_model                      'Residues 151-266 from PDB ENTRY 1D0N' 
_refine.pdbx_method_to_determine_struct          'MOLECULAR REPLACEMENT' 
_refine.pdbx_isotropic_thermal_model             ? 
_refine.pdbx_stereochemistry_target_values       'Engh & Huber' 
_refine.pdbx_stereochem_target_val_spec_case     ? 
_refine.pdbx_R_Free_selection_details            Random 
_refine.pdbx_overall_ESU_R_Free                  ? 
_refine.overall_SU_B                             ? 
_refine.ls_redundancy_reflns_obs                 ? 
_refine.B_iso_min                                ? 
_refine.B_iso_max                                ? 
_refine.correlation_coeff_Fo_to_Fc               ? 
_refine.overall_SU_R_Cruickshank_DPI             ? 
_refine.overall_SU_R_free                        ? 
_refine.overall_SU_ML                            ? 
_refine.pdbx_data_cutoff_high_rms_absF           ? 
_refine.correlation_coeff_Fo_to_Fc_free          ? 
_refine.pdbx_solvent_vdw_probe_radii             ? 
_refine.pdbx_solvent_ion_probe_radii             ? 
_refine.pdbx_solvent_shrinkage_radii             ? 
_refine.pdbx_refine_id                           'X-RAY DIFFRACTION' 
_refine.pdbx_overall_phase_error                 ? 
_refine.ls_wR_factor_R_free                      ? 
_refine.ls_wR_factor_R_work                      ? 
_refine.overall_FOM_free_R_set                   ? 
_refine.overall_FOM_work_R_set                   ? 
_refine.pdbx_overall_ESU_R                       ? 
_refine.pdbx_diffrn_id                           1 
_refine.pdbx_TLS_residual_ADP_flag               ? 
_refine.pdbx_overall_SU_R_free_Cruickshank_DPI   ? 
_refine.pdbx_overall_SU_R_Blow_DPI               ? 
_refine.pdbx_overall_SU_R_free_Blow_DPI          ? 
# 
_refine_hist.pdbx_refine_id                   'X-RAY DIFFRACTION' 
_refine_hist.cycle_id                         LAST 
_refine_hist.pdbx_number_atoms_protein        794 
_refine_hist.pdbx_number_atoms_nucleic_acid   0 
_refine_hist.pdbx_number_atoms_ligand         4 
_refine_hist.number_atoms_solvent             130 
_refine_hist.number_atoms_total               928 
_refine_hist.d_res_high                       1.65 
_refine_hist.d_res_low                        22.25 
# 
loop_
_refine_ls_restr.type 
_refine_ls_restr.dev_ideal 
_refine_ls_restr.dev_ideal_target 
_refine_ls_restr.weight 
_refine_ls_restr.number 
_refine_ls_restr.pdbx_refine_id 
_refine_ls_restr.pdbx_restraint_function 
x_bond_d    0.007 ? ? ? 'X-RAY DIFFRACTION' ? 
x_angle_deg 1.9   ? ? ? 'X-RAY DIFFRACTION' ? 
# 
_struct.entry_id                  1KCQ 
_struct.title                     'Human Gelsolin Domain 2 with a Cd2+ bound' 
_struct.pdbx_model_details        ? 
_struct.pdbx_CASP_flag            ? 
_struct.pdbx_model_type_details   ? 
# 
_struct_keywords.entry_id        1KCQ 
_struct_keywords.pdbx_keywords   'STRUCTURAL PROTEIN' 
_struct_keywords.text            
'alpha-beta structure, actin-binding protein, familial amyloidosis--Finnish type, cadmium binding, metal binding, structural protein' 
# 
loop_
_struct_asym.id 
_struct_asym.pdbx_blank_PDB_chainid_flag 
_struct_asym.pdbx_modified 
_struct_asym.entity_id 
_struct_asym.details 
A N N 1 ? 
B N N 2 ? 
C N N 2 ? 
D N N 2 ? 
E N N 2 ? 
F N N 3 ? 
# 
_struct_ref.id                         1 
_struct_ref.entity_id                  1 
_struct_ref.db_name                    UNP 
_struct_ref.db_code                    GELS_HUMAN 
_struct_ref.pdbx_db_accession          P06396 
_struct_ref.pdbx_align_begin           185 
_struct_ref.pdbx_seq_one_letter_code   
;VVQRLFQVKGRRVVRATEVPVSWESFNNGDCFILDLGNNIHQWCGSNSNRYERLKATQVSKGIRDNERSGRARVHVSEEG
TEPEAMLQVLGPKPALPAGTEDTA
;
_struct_ref.pdbx_db_isoform            ? 
# 
_struct_ref_seq.align_id                      1 
_struct_ref_seq.ref_id                        1 
_struct_ref_seq.pdbx_PDB_id_code              1KCQ 
_struct_ref_seq.pdbx_strand_id                A 
_struct_ref_seq.seq_align_beg                 1 
_struct_ref_seq.pdbx_seq_align_beg_ins_code   ? 
_struct_ref_seq.seq_align_end                 104 
_struct_ref_seq.pdbx_seq_align_end_ins_code   ? 
_struct_ref_seq.pdbx_db_accession             P06396 
_struct_ref_seq.db_align_beg                  185 
_struct_ref_seq.pdbx_db_align_beg_ins_code    ? 
_struct_ref_seq.db_align_end                  288 
_struct_ref_seq.pdbx_db_align_end_ins_code    ? 
_struct_ref_seq.pdbx_auth_seq_align_beg       158 
_struct_ref_seq.pdbx_auth_seq_align_end       261 
# 
loop_
_pdbx_struct_assembly.id 
_pdbx_struct_assembly.details 
_pdbx_struct_assembly.method_details 
_pdbx_struct_assembly.oligomeric_details 
_pdbx_struct_assembly.oligomeric_count 
1 author_defined_assembly   ?   monomeric 1 
2 software_defined_assembly PQS dimeric   2 
# 
loop_
_pdbx_struct_assembly_prop.biol_id 
_pdbx_struct_assembly_prop.type 
_pdbx_struct_assembly_prop.value 
_pdbx_struct_assembly_prop.details 
2 'ABSA (A^2)' 1680  ? 
2 MORE         -53   ? 
2 'SSA (A^2)'  10650 ? 
# 
loop_
_pdbx_struct_assembly_gen.assembly_id 
_pdbx_struct_assembly_gen.oper_expression 
_pdbx_struct_assembly_gen.asym_id_list 
1 1   A,B,C,D,E,F 
2 1,2 A,B,C,D,E,F 
# 
loop_
_pdbx_struct_oper_list.id 
_pdbx_struct_oper_list.type 
_pdbx_struct_oper_list.name 
_pdbx_struct_oper_list.symmetry_operation 
_pdbx_struct_oper_list.matrix[1][1] 
_pdbx_struct_oper_list.matrix[1][2] 
_pdbx_struct_oper_list.matrix[1][3] 
_pdbx_struct_oper_list.vector[1] 
_pdbx_struct_oper_list.matrix[2][1] 
_pdbx_struct_oper_list.matrix[2][2] 
_pdbx_struct_oper_list.matrix[2][3] 
_pdbx_struct_oper_list.vector[2] 
_pdbx_struct_oper_list.matrix[3][1] 
_pdbx_struct_oper_list.matrix[3][2] 
_pdbx_struct_oper_list.matrix[3][3] 
_pdbx_struct_oper_list.vector[3] 
1 'identity operation'         1_555 x,y,z     1.0000000000  0.0000000000  0.0000000000 0.0000000000  0.0000000000  1.0000000000  0.0000000000  0.0000000000   0.0000000000 0.0000000000  1.0000000000  0.0000000000  
2 'crystal symmetry operation' 2_556 -x,y,-z+1 -0.4867664086 -0.5026588552 0.7144176221 -9.9238704587 -0.5026588552 -0.5076979976 -0.6996976622 -21.2264350980 0.7144176221 -0.6996976622 -0.0055355938 -7.8055071973 
# 
_struct_biol.id                    1 
_struct_biol.pdbx_parent_biol_id   ? 
_struct_biol.details               ? 
# 
loop_
_struct_conf.conf_type_id 
_struct_conf.id 
_struct_conf.pdbx_PDB_helix_id 
_struct_conf.beg_label_comp_id 
_struct_conf.beg_label_asym_id 
_struct_conf.beg_label_seq_id 
_struct_conf.pdbx_beg_PDB_ins_code 
_struct_conf.end_label_comp_id 
_struct_conf.end_label_asym_id 
_struct_conf.end_label_seq_id 
_struct_conf.pdbx_end_PDB_ins_code 
_struct_conf.beg_auth_comp_id 
_struct_conf.beg_auth_asym_id 
_struct_conf.beg_auth_seq_id 
_struct_conf.end_auth_comp_id 
_struct_conf.end_auth_asym_id 
_struct_conf.end_auth_seq_id 
_struct_conf.pdbx_PDB_helix_class 
_struct_conf.details 
_struct_conf.pdbx_PDB_helix_length 
HELX_P HELX_P1 1 SER A 22 ? PHE A 26 ? SER A 179 PHE A 183 5 ? 5  
HELX_P HELX_P2 2 ASN A 49 ? GLU A 67 ? ASN A 206 GLU A 224 1 ? 19 
HELX_P HELX_P3 3 PRO A 83 ? GLY A 91 ? PRO A 240 GLY A 248 1 ? 9  
# 
_struct_conf_type.id          HELX_P 
_struct_conf_type.criteria    ? 
_struct_conf_type.reference   ? 
# 
loop_
_struct_conn.id 
_struct_conn.conn_type_id 
_struct_conn.pdbx_leaving_atom_flag 
_struct_conn.pdbx_PDB_id 
_struct_conn.ptnr1_label_asym_id 
_struct_conn.ptnr1_label_comp_id 
_struct_conn.ptnr1_label_seq_id 
_struct_conn.ptnr1_label_atom_id 
_struct_conn.pdbx_ptnr1_label_alt_id 
_struct_conn.pdbx_ptnr1_PDB_ins_code 
_struct_conn.pdbx_ptnr1_standard_comp_id 
_struct_conn.ptnr1_symmetry 
_struct_conn.ptnr2_label_asym_id 
_struct_conn.ptnr2_label_comp_id 
_struct_conn.ptnr2_label_seq_id 
_struct_conn.ptnr2_label_atom_id 
_struct_conn.pdbx_ptnr2_label_alt_id 
_struct_conn.pdbx_ptnr2_PDB_ins_code 
_struct_conn.ptnr1_auth_asym_id 
_struct_conn.ptnr1_auth_comp_id 
_struct_conn.ptnr1_auth_seq_id 
_struct_conn.ptnr2_auth_asym_id 
_struct_conn.ptnr2_auth_comp_id 
_struct_conn.ptnr2_auth_seq_id 
_struct_conn.ptnr2_symmetry 
_struct_conn.pdbx_ptnr3_label_atom_id 
_struct_conn.pdbx_ptnr3_label_seq_id 
_struct_conn.pdbx_ptnr3_label_comp_id 
_struct_conn.pdbx_ptnr3_label_asym_id 
_struct_conn.pdbx_ptnr3_label_alt_id 
_struct_conn.pdbx_ptnr3_PDB_ins_code 
_struct_conn.details 
_struct_conn.pdbx_dist_value 
_struct_conn.pdbx_value_order 
_struct_conn.pdbx_role 
disulf1  disulf ? ? A CYS 31  SG  ? ? ? 1_555 A CYS 44 SG ? ? A CYS 188 A CYS 201 1_555 ? ? ? ? ? ? ? 2.065 ? ? 
metalc1  metalc ? ? A GLU 18  OE1 ? ? ? 1_555 D CD  .  CD ? ? A GLU 175 A CD  264 1_555 ? ? ? ? ? ? ? 2.482 ? ? 
metalc2  metalc ? ? A GLU 18  OE2 ? ? ? 1_555 D CD  .  CD ? ? A GLU 175 A CD  264 1_555 ? ? ? ? ? ? ? 2.362 ? ? 
metalc3  metalc ? ? A GLU 18  OE1 ? ? ? 2_556 D CD  .  CD ? ? A GLU 175 A CD  264 1_555 ? ? ? ? ? ? ? 2.325 ? ? 
metalc4  metalc ? ? A GLU 18  OE2 ? ? ? 2_556 D CD  .  CD ? ? A GLU 175 A CD  264 1_555 ? ? ? ? ? ? ? 2.505 ? ? 
metalc5  metalc ? ? A GLY 29  O   ? ? ? 1_555 C CD  .  CD ? ? A GLY 186 A CD  263 1_555 ? ? ? ? ? ? ? 2.206 ? ? 
metalc6  metalc ? ? A ASP 30  OD1 ? ? ? 1_555 C CD  .  CD ? ? A ASP 187 A CD  263 1_555 ? ? ? ? ? ? ? 2.379 ? ? 
metalc7  metalc ? ? A GLU 52  OE2 ? ? ? 1_555 C CD  .  CD ? ? A GLU 209 A CD  263 1_555 ? ? ? ? ? ? ? 2.308 ? ? 
metalc8  metalc ? ? A GLU 52  OE1 ? ? ? 1_555 C CD  .  CD ? ? A GLU 209 A CD  263 1_555 ? ? ? ? ? ? ? 2.679 ? ? 
metalc9  metalc ? ? A HIS 75  ND1 ? ? ? 1_555 E CD  .  CD B ? A HIS 232 A CD  265 1_555 ? ? ? ? ? ? ? 2.590 ? ? 
metalc10 metalc ? ? A HIS 75  ND1 ? ? ? 1_555 E CD  .  CD A ? A HIS 232 A CD  265 1_555 ? ? ? ? ? ? ? 2.327 ? ? 
metalc11 metalc ? ? A GLU 101 OE2 ? ? ? 1_555 B CD  .  CD ? ? A GLU 258 A CD  262 1_555 ? ? ? ? ? ? ? 1.946 ? ? 
metalc12 metalc ? ? A GLU 101 OE1 ? ? ? 1_555 B CD  .  CD ? ? A GLU 258 A CD  262 1_555 ? ? ? ? ? ? ? 2.789 ? ? 
metalc13 metalc ? ? A GLU 101 OE1 ? ? ? 2_555 B CD  .  CD ? ? A GLU 258 A CD  262 1_555 ? ? ? ? ? ? ? 2.698 ? ? 
metalc14 metalc ? ? A GLU 101 OE2 ? ? ? 2_555 B CD  .  CD ? ? A GLU 258 A CD  262 1_555 ? ? ? ? ? ? ? 2.499 ? ? 
metalc15 metalc ? ? A ASP 102 OD2 ? ? ? 1_555 C CD  .  CD ? ? A ASP 259 A CD  263 1_555 ? ? ? ? ? ? ? 2.798 ? ? 
metalc16 metalc ? ? A ASP 102 OD1 ? ? ? 1_555 C CD  .  CD ? ? A ASP 259 A CD  263 1_555 ? ? ? ? ? ? ? 2.447 ? ? 
metalc17 metalc ? ? B CD  .   CD  ? ? ? 1_555 F HOH .  O  ? ? A CD  262 A HOH 273 1_555 ? ? ? ? ? ? ? 2.466 ? ? 
metalc18 metalc ? ? B CD  .   CD  ? ? ? 1_555 F HOH .  O  ? ? A CD  262 A HOH 273 2_555 ? ? ? ? ? ? ? 2.464 ? ? 
metalc19 metalc ? ? B CD  .   CD  ? ? ? 1_555 F HOH .  O  ? ? A CD  262 A HOH 358 1_555 ? ? ? ? ? ? ? 2.553 ? ? 
metalc20 metalc ? ? C CD  .   CD  ? ? ? 1_555 F HOH .  O  ? ? A CD  263 A HOH 267 1_555 ? ? ? ? ? ? ? 2.370 ? ? 
metalc21 metalc ? ? C CD  .   CD  ? ? ? 1_555 F HOH .  O  ? ? A CD  263 A HOH 268 1_555 ? ? ? ? ? ? ? 2.479 ? ? 
metalc22 metalc ? ? D CD  .   CD  ? ? ? 1_555 F HOH .  O  ? ? A CD  264 A HOH 270 1_555 ? ? ? ? ? ? ? 2.320 ? ? 
metalc23 metalc ? ? D CD  .   CD  ? ? ? 1_555 F HOH .  O  ? ? A CD  264 A HOH 270 2_556 ? ? ? ? ? ? ? 2.796 ? ? 
metalc24 metalc ? ? E CD  .   CD  B ? ? 1_555 F HOH .  O  ? ? A CD  265 A HOH 355 1_555 ? ? ? ? ? ? ? 2.433 ? ? 
metalc25 metalc ? ? E CD  .   CD  A ? ? 1_555 F HOH .  O  ? ? A CD  265 A HOH 355 1_555 ? ? ? ? ? ? ? 2.587 ? ? 
metalc26 metalc ? ? E CD  .   CD  A ? ? 1_555 F HOH .  O  ? ? A CD  265 A HOH 360 1_555 ? ? ? ? ? ? ? 2.382 ? ? 
metalc27 metalc ? ? E CD  .   CD  B ? ? 1_555 F HOH .  O  ? ? A CD  265 A HOH 374 1_555 ? ? ? ? ? ? ? 2.387 ? ? 
metalc28 metalc ? ? E CD  .   CD  A ? ? 1_555 F HOH .  O  ? ? A CD  265 A HOH 374 1_555 ? ? ? ? ? ? ? 2.798 ? ? 
# 
loop_
_struct_conn_type.id 
_struct_conn_type.criteria 
_struct_conn_type.reference 
disulf ? ? 
metalc ? ? 
# 
loop_
_pdbx_struct_conn_angle.id 
_pdbx_struct_conn_angle.ptnr1_label_atom_id 
_pdbx_struct_conn_angle.ptnr1_label_alt_id 
_pdbx_struct_conn_angle.ptnr1_label_asym_id 
_pdbx_struct_conn_angle.ptnr1_label_comp_id 
_pdbx_struct_conn_angle.ptnr1_label_seq_id 
_pdbx_struct_conn_angle.ptnr1_auth_atom_id 
_pdbx_struct_conn_angle.ptnr1_auth_asym_id 
_pdbx_struct_conn_angle.ptnr1_auth_comp_id 
_pdbx_struct_conn_angle.ptnr1_auth_seq_id 
_pdbx_struct_conn_angle.ptnr1_PDB_ins_code 
_pdbx_struct_conn_angle.ptnr1_symmetry 
_pdbx_struct_conn_angle.ptnr2_label_atom_id 
_pdbx_struct_conn_angle.ptnr2_label_alt_id 
_pdbx_struct_conn_angle.ptnr2_label_asym_id 
_pdbx_struct_conn_angle.ptnr2_label_comp_id 
_pdbx_struct_conn_angle.ptnr2_label_seq_id 
_pdbx_struct_conn_angle.ptnr2_auth_atom_id 
_pdbx_struct_conn_angle.ptnr2_auth_asym_id 
_pdbx_struct_conn_angle.ptnr2_auth_comp_id 
_pdbx_struct_conn_angle.ptnr2_auth_seq_id 
_pdbx_struct_conn_angle.ptnr2_PDB_ins_code 
_pdbx_struct_conn_angle.ptnr2_symmetry 
_pdbx_struct_conn_angle.ptnr3_label_atom_id 
_pdbx_struct_conn_angle.ptnr3_label_alt_id 
_pdbx_struct_conn_angle.ptnr3_label_asym_id 
_pdbx_struct_conn_angle.ptnr3_label_comp_id 
_pdbx_struct_conn_angle.ptnr3_label_seq_id 
_pdbx_struct_conn_angle.ptnr3_auth_atom_id 
_pdbx_struct_conn_angle.ptnr3_auth_asym_id 
_pdbx_struct_conn_angle.ptnr3_auth_comp_id 
_pdbx_struct_conn_angle.ptnr3_auth_seq_id 
_pdbx_struct_conn_angle.ptnr3_PDB_ins_code 
_pdbx_struct_conn_angle.ptnr3_symmetry 
_pdbx_struct_conn_angle.value 
_pdbx_struct_conn_angle.value_esd 
1  OE1 ? A GLU 18  ? A GLU 175 ? 1_555 CD ? D CD . ? A CD 264 ? 1_555 OE2 ? A GLU 18  ? A GLU 175 ? 1_555 54.2  ? 
2  OE1 ? A GLU 18  ? A GLU 175 ? 1_555 CD ? D CD . ? A CD 264 ? 1_555 OE1 ? A GLU 18  ? A GLU 175 ? 2_556 71.3  ? 
3  OE2 ? A GLU 18  ? A GLU 175 ? 1_555 CD ? D CD . ? A CD 264 ? 1_555 OE1 ? A GLU 18  ? A GLU 175 ? 2_556 109.6 ? 
4  OE1 ? A GLU 18  ? A GLU 175 ? 1_555 CD ? D CD . ? A CD 264 ? 1_555 OE2 ? A GLU 18  ? A GLU 175 ? 2_556 100.4 ? 
5  OE2 ? A GLU 18  ? A GLU 175 ? 1_555 CD ? D CD . ? A CD 264 ? 1_555 OE2 ? A GLU 18  ? A GLU 175 ? 2_556 154.6 ? 
6  OE1 ? A GLU 18  ? A GLU 175 ? 2_556 CD ? D CD . ? A CD 264 ? 1_555 OE2 ? A GLU 18  ? A GLU 175 ? 2_556 54.3  ? 
7  OE1 ? A GLU 18  ? A GLU 175 ? 1_555 CD ? D CD . ? A CD 264 ? 1_555 O   ? F HOH .   ? A HOH 270 ? 1_555 147.7 ? 
8  OE2 ? A GLU 18  ? A GLU 175 ? 1_555 CD ? D CD . ? A CD 264 ? 1_555 O   ? F HOH .   ? A HOH 270 ? 1_555 100.2 ? 
9  OE1 ? A GLU 18  ? A GLU 175 ? 2_556 CD ? D CD . ? A CD 264 ? 1_555 O   ? F HOH .   ? A HOH 270 ? 1_555 105.7 ? 
10 OE2 ? A GLU 18  ? A GLU 175 ? 2_556 CD ? D CD . ? A CD 264 ? 1_555 O   ? F HOH .   ? A HOH 270 ? 1_555 103.3 ? 
11 OE1 ? A GLU 18  ? A GLU 175 ? 1_555 CD ? D CD . ? A CD 264 ? 1_555 O   ? F HOH .   ? A HOH 270 ? 2_556 88.9  ? 
12 OE2 ? A GLU 18  ? A GLU 175 ? 1_555 CD ? D CD . ? A CD 264 ? 1_555 O   ? F HOH .   ? A HOH 270 ? 2_556 94.0  ? 
13 OE1 ? A GLU 18  ? A GLU 175 ? 2_556 CD ? D CD . ? A CD 264 ? 1_555 O   ? F HOH .   ? A HOH 270 ? 2_556 128.3 ? 
14 OE2 ? A GLU 18  ? A GLU 175 ? 2_556 CD ? D CD . ? A CD 264 ? 1_555 O   ? F HOH .   ? A HOH 270 ? 2_556 85.1  ? 
15 O   ? F HOH .   ? A HOH 270 ? 1_555 CD ? D CD . ? A CD 264 ? 1_555 O   ? F HOH .   ? A HOH 270 ? 2_556 114.7 ? 
16 O   ? A GLY 29  ? A GLY 186 ? 1_555 CD ? C CD . ? A CD 263 ? 1_555 OD1 ? A ASP 30  ? A ASP 187 ? 1_555 80.7  ? 
17 O   ? A GLY 29  ? A GLY 186 ? 1_555 CD ? C CD . ? A CD 263 ? 1_555 OE2 ? A GLU 52  ? A GLU 209 ? 1_555 121.6 ? 
18 OD1 ? A ASP 30  ? A ASP 187 ? 1_555 CD ? C CD . ? A CD 263 ? 1_555 OE2 ? A GLU 52  ? A GLU 209 ? 1_555 86.0  ? 
19 O   ? A GLY 29  ? A GLY 186 ? 1_555 CD ? C CD . ? A CD 263 ? 1_555 OE1 ? A GLU 52  ? A GLU 209 ? 1_555 77.4  ? 
20 OD1 ? A ASP 30  ? A ASP 187 ? 1_555 CD ? C CD . ? A CD 263 ? 1_555 OE1 ? A GLU 52  ? A GLU 209 ? 1_555 106.3 ? 
21 OE2 ? A GLU 52  ? A GLU 209 ? 1_555 CD ? C CD . ? A CD 263 ? 1_555 OE1 ? A GLU 52  ? A GLU 209 ? 1_555 52.6  ? 
22 O   ? A GLY 29  ? A GLY 186 ? 1_555 CD ? C CD . ? A CD 263 ? 1_555 OD2 ? A ASP 102 ? A ASP 259 ? 1_555 154.2 ? 
23 OD1 ? A ASP 30  ? A ASP 187 ? 1_555 CD ? C CD . ? A CD 263 ? 1_555 OD2 ? A ASP 102 ? A ASP 259 ? 1_555 81.8  ? 
24 OE2 ? A GLU 52  ? A GLU 209 ? 1_555 CD ? C CD . ? A CD 263 ? 1_555 OD2 ? A ASP 102 ? A ASP 259 ? 1_555 75.7  ? 
25 OE1 ? A GLU 52  ? A GLU 209 ? 1_555 CD ? C CD . ? A CD 263 ? 1_555 OD2 ? A ASP 102 ? A ASP 259 ? 1_555 126.0 ? 
26 O   ? A GLY 29  ? A GLY 186 ? 1_555 CD ? C CD . ? A CD 263 ? 1_555 OD1 ? A ASP 102 ? A ASP 259 ? 1_555 144.0 ? 
27 OD1 ? A ASP 30  ? A ASP 187 ? 1_555 CD ? C CD . ? A CD 263 ? 1_555 OD1 ? A ASP 102 ? A ASP 259 ? 1_555 130.9 ? 
28 OE2 ? A GLU 52  ? A GLU 209 ? 1_555 CD ? C CD . ? A CD 263 ? 1_555 OD1 ? A ASP 102 ? A ASP 259 ? 1_555 82.6  ? 
29 OE1 ? A GLU 52  ? A GLU 209 ? 1_555 CD ? C CD . ? A CD 263 ? 1_555 OD1 ? A ASP 102 ? A ASP 259 ? 1_555 103.8 ? 
30 OD2 ? A ASP 102 ? A ASP 259 ? 1_555 CD ? C CD . ? A CD 263 ? 1_555 OD1 ? A ASP 102 ? A ASP 259 ? 1_555 49.1  ? 
31 O   ? A GLY 29  ? A GLY 186 ? 1_555 CD ? C CD . ? A CD 263 ? 1_555 O   ? F HOH .   ? A HOH 267 ? 1_555 82.7  ? 
32 OD1 ? A ASP 30  ? A ASP 187 ? 1_555 CD ? C CD . ? A CD 263 ? 1_555 O   ? F HOH .   ? A HOH 267 ? 1_555 85.0  ? 
33 OE2 ? A GLU 52  ? A GLU 209 ? 1_555 CD ? C CD . ? A CD 263 ? 1_555 O   ? F HOH .   ? A HOH 267 ? 1_555 152.2 ? 
34 OE1 ? A GLU 52  ? A GLU 209 ? 1_555 CD ? C CD . ? A CD 263 ? 1_555 O   ? F HOH .   ? A HOH 267 ? 1_555 155.0 ? 
35 OD2 ? A ASP 102 ? A ASP 259 ? 1_555 CD ? C CD . ? A CD 263 ? 1_555 O   ? F HOH .   ? A HOH 267 ? 1_555 77.0  ? 
36 OD1 ? A ASP 102 ? A ASP 259 ? 1_555 CD ? C CD . ? A CD 263 ? 1_555 O   ? F HOH .   ? A HOH 267 ? 1_555 83.7  ? 
37 O   ? A GLY 29  ? A GLY 186 ? 1_555 CD ? C CD . ? A CD 263 ? 1_555 O   ? F HOH .   ? A HOH 268 ? 1_555 73.5  ? 
38 OD1 ? A ASP 30  ? A ASP 187 ? 1_555 CD ? C CD . ? A CD 263 ? 1_555 O   ? F HOH .   ? A HOH 268 ? 1_555 152.1 ? 
39 OE2 ? A GLU 52  ? A GLU 209 ? 1_555 CD ? C CD . ? A CD 263 ? 1_555 O   ? F HOH .   ? A HOH 268 ? 1_555 116.6 ? 
40 OE1 ? A GLU 52  ? A GLU 209 ? 1_555 CD ? C CD . ? A CD 263 ? 1_555 O   ? F HOH .   ? A HOH 268 ? 1_555 78.7  ? 
41 OD2 ? A ASP 102 ? A ASP 259 ? 1_555 CD ? C CD . ? A CD 263 ? 1_555 O   ? F HOH .   ? A HOH 268 ? 1_555 118.1 ? 
42 OD1 ? A ASP 102 ? A ASP 259 ? 1_555 CD ? C CD . ? A CD 263 ? 1_555 O   ? F HOH .   ? A HOH 268 ? 1_555 71.5  ? 
43 O   ? F HOH .   ? A HOH 267 ? 1_555 CD ? C CD . ? A CD 263 ? 1_555 O   ? F HOH .   ? A HOH 268 ? 1_555 81.3  ? 
44 ND1 ? A HIS 75  ? A HIS 232 ? 1_555 CD B E CD . ? A CD 265 ? 1_555 O   ? F HOH .   ? A HOH 355 ? 1_555 88.7  ? 
45 ND1 ? A HIS 75  ? A HIS 232 ? 1_555 CD B E CD . ? A CD 265 ? 1_555 O   ? F HOH .   ? A HOH 374 ? 1_555 107.7 ? 
46 O   ? F HOH .   ? A HOH 355 ? 1_555 CD B E CD . ? A CD 265 ? 1_555 O   ? F HOH .   ? A HOH 374 ? 1_555 151.9 ? 
47 ND1 ? A HIS 75  ? A HIS 232 ? 1_555 CD A E CD . ? A CD 265 ? 1_555 O   ? F HOH .   ? A HOH 355 ? 1_555 91.1  ? 
48 ND1 ? A HIS 75  ? A HIS 232 ? 1_555 CD A E CD . ? A CD 265 ? 1_555 O   ? F HOH .   ? A HOH 360 ? 1_555 94.4  ? 
49 O   ? F HOH .   ? A HOH 355 ? 1_555 CD A E CD . ? A CD 265 ? 1_555 O   ? F HOH .   ? A HOH 360 ? 1_555 142.5 ? 
50 ND1 ? A HIS 75  ? A HIS 232 ? 1_555 CD A E CD . ? A CD 265 ? 1_555 O   ? F HOH .   ? A HOH 374 ? 1_555 103.0 ? 
51 O   ? F HOH .   ? A HOH 355 ? 1_555 CD A E CD . ? A CD 265 ? 1_555 O   ? F HOH .   ? A HOH 374 ? 1_555 120.5 ? 
52 O   ? F HOH .   ? A HOH 360 ? 1_555 CD A E CD . ? A CD 265 ? 1_555 O   ? F HOH .   ? A HOH 374 ? 1_555 94.3  ? 
53 OE2 ? A GLU 101 ? A GLU 258 ? 1_555 CD ? B CD . ? A CD 262 ? 1_555 OE1 ? A GLU 101 ? A GLU 258 ? 1_555 50.1  ? 
54 OE2 ? A GLU 101 ? A GLU 258 ? 1_555 CD ? B CD . ? A CD 262 ? 1_555 OE1 ? A GLU 101 ? A GLU 258 ? 2_555 83.1  ? 
55 OE1 ? A GLU 101 ? A GLU 258 ? 1_555 CD ? B CD . ? A CD 262 ? 1_555 OE1 ? A GLU 101 ? A GLU 258 ? 2_555 78.7  ? 
56 OE2 ? A GLU 101 ? A GLU 258 ? 1_555 CD ? B CD . ? A CD 262 ? 1_555 OE2 ? A GLU 101 ? A GLU 258 ? 2_555 111.6 ? 
57 OE1 ? A GLU 101 ? A GLU 258 ? 1_555 CD ? B CD . ? A CD 262 ? 1_555 OE2 ? A GLU 101 ? A GLU 258 ? 2_555 72.4  ? 
58 OE1 ? A GLU 101 ? A GLU 258 ? 2_555 CD ? B CD . ? A CD 262 ? 1_555 OE2 ? A GLU 101 ? A GLU 258 ? 2_555 48.6  ? 
59 OE2 ? A GLU 101 ? A GLU 258 ? 1_555 CD ? B CD . ? A CD 262 ? 1_555 O   ? F HOH .   ? A HOH 273 ? 1_555 153.4 ? 
60 OE1 ? A GLU 101 ? A GLU 258 ? 1_555 CD ? B CD . ? A CD 262 ? 1_555 O   ? F HOH .   ? A HOH 273 ? 1_555 154.4 ? 
61 OE1 ? A GLU 101 ? A GLU 258 ? 2_555 CD ? B CD . ? A CD 262 ? 1_555 O   ? F HOH .   ? A HOH 273 ? 1_555 92.5  ? 
62 OE2 ? A GLU 101 ? A GLU 258 ? 2_555 CD ? B CD . ? A CD 262 ? 1_555 O   ? F HOH .   ? A HOH 273 ? 1_555 83.7  ? 
63 OE2 ? A GLU 101 ? A GLU 258 ? 1_555 CD ? B CD . ? A CD 262 ? 1_555 O   ? F HOH .   ? A HOH 273 ? 2_555 96.6  ? 
64 OE1 ? A GLU 101 ? A GLU 258 ? 1_555 CD ? B CD . ? A CD 262 ? 1_555 O   ? F HOH .   ? A HOH 273 ? 2_555 90.3  ? 
65 OE1 ? A GLU 101 ? A GLU 258 ? 2_555 CD ? B CD . ? A CD 262 ? 1_555 O   ? F HOH .   ? A HOH 273 ? 2_555 166.0 ? 
66 OE2 ? A GLU 101 ? A GLU 258 ? 2_555 CD ? B CD . ? A CD 262 ? 1_555 O   ? F HOH .   ? A HOH 273 ? 2_555 119.9 ? 
67 O   ? F HOH .   ? A HOH 273 ? 1_555 CD ? B CD . ? A CD 262 ? 1_555 O   ? F HOH .   ? A HOH 273 ? 2_555 93.8  ? 
68 OE2 ? A GLU 101 ? A GLU 258 ? 1_555 CD ? B CD . ? A CD 262 ? 1_555 O   ? F HOH .   ? A HOH 358 ? 1_555 87.1  ? 
69 OE1 ? A GLU 101 ? A GLU 258 ? 1_555 CD ? B CD . ? A CD 262 ? 1_555 O   ? F HOH .   ? A HOH 358 ? 1_555 137.1 ? 
70 OE1 ? A GLU 101 ? A GLU 258 ? 2_555 CD ? B CD . ? A CD 262 ? 1_555 O   ? F HOH .   ? A HOH 358 ? 1_555 94.6  ? 
71 OE2 ? A GLU 101 ? A GLU 258 ? 2_555 CD ? B CD . ? A CD 262 ? 1_555 O   ? F HOH .   ? A HOH 358 ? 1_555 132.5 ? 
72 O   ? F HOH .   ? A HOH 273 ? 1_555 CD ? B CD . ? A CD 262 ? 1_555 O   ? F HOH .   ? A HOH 358 ? 1_555 67.0  ? 
73 O   ? F HOH .   ? A HOH 273 ? 2_555 CD ? B CD . ? A CD 262 ? 1_555 O   ? F HOH .   ? A HOH 358 ? 1_555 99.4  ? 
# 
_pdbx_modification_feature.ordinal                            1 
_pdbx_modification_feature.label_comp_id                      CYS 
_pdbx_modification_feature.label_asym_id                      A 
_pdbx_modification_feature.label_seq_id                       31 
_pdbx_modification_feature.label_alt_id                       ? 
_pdbx_modification_feature.modified_residue_label_comp_id     CYS 
_pdbx_modification_feature.modified_residue_label_asym_id     A 
_pdbx_modification_feature.modified_residue_label_seq_id      44 
_pdbx_modification_feature.modified_residue_label_alt_id      ? 
_pdbx_modification_feature.auth_comp_id                       CYS 
_pdbx_modification_feature.auth_asym_id                       A 
_pdbx_modification_feature.auth_seq_id                        188 
_pdbx_modification_feature.PDB_ins_code                       ? 
_pdbx_modification_feature.symmetry                           1_555 
_pdbx_modification_feature.modified_residue_auth_comp_id      CYS 
_pdbx_modification_feature.modified_residue_auth_asym_id      A 
_pdbx_modification_feature.modified_residue_auth_seq_id       201 
_pdbx_modification_feature.modified_residue_PDB_ins_code      ? 
_pdbx_modification_feature.modified_residue_symmetry          1_555 
_pdbx_modification_feature.comp_id_linking_atom               SG 
_pdbx_modification_feature.modified_residue_id_linking_atom   SG 
_pdbx_modification_feature.modified_residue_id                . 
_pdbx_modification_feature.ref_pcm_id                         . 
_pdbx_modification_feature.ref_comp_id                        . 
_pdbx_modification_feature.type                               None 
_pdbx_modification_feature.category                           'Disulfide bridge' 
# 
_struct_sheet.id               A 
_struct_sheet.type             ? 
_struct_sheet.number_strands   5 
_struct_sheet.details          ? 
# 
loop_
_struct_sheet_order.sheet_id 
_struct_sheet_order.range_id_1 
_struct_sheet_order.range_id_2 
_struct_sheet_order.offset 
_struct_sheet_order.sense 
A 1 2 ? anti-parallel 
A 2 3 ? anti-parallel 
A 3 4 ? anti-parallel 
A 4 5 ? parallel      
# 
loop_
_struct_sheet_range.sheet_id 
_struct_sheet_range.id 
_struct_sheet_range.beg_label_comp_id 
_struct_sheet_range.beg_label_asym_id 
_struct_sheet_range.beg_label_seq_id 
_struct_sheet_range.pdbx_beg_PDB_ins_code 
_struct_sheet_range.end_label_comp_id 
_struct_sheet_range.end_label_asym_id 
_struct_sheet_range.end_label_seq_id 
_struct_sheet_range.pdbx_end_PDB_ins_code 
_struct_sheet_range.beg_auth_comp_id 
_struct_sheet_range.beg_auth_asym_id 
_struct_sheet_range.beg_auth_seq_id 
_struct_sheet_range.end_auth_comp_id 
_struct_sheet_range.end_auth_asym_id 
_struct_sheet_range.end_auth_seq_id 
A 1 VAL A 14 ? VAL A 19 ? VAL A 171 VAL A 176 
A 2 ARG A 4  ? GLY A 10 ? ARG A 161 GLY A 167 
A 3 CYS A 31 ? ASP A 35 ? CYS A 188 ASP A 192 
A 4 ASN A 39 ? CYS A 44 ? ASN A 196 CYS A 201 
A 5 ARG A 73 ? GLU A 78 ? ARG A 230 GLU A 235 
# 
loop_
_pdbx_struct_sheet_hbond.sheet_id 
_pdbx_struct_sheet_hbond.range_id_1 
_pdbx_struct_sheet_hbond.range_id_2 
_pdbx_struct_sheet_hbond.range_1_label_atom_id 
_pdbx_struct_sheet_hbond.range_1_label_comp_id 
_pdbx_struct_sheet_hbond.range_1_label_asym_id 
_pdbx_struct_sheet_hbond.range_1_label_seq_id 
_pdbx_struct_sheet_hbond.range_1_PDB_ins_code 
_pdbx_struct_sheet_hbond.range_1_auth_atom_id 
_pdbx_struct_sheet_hbond.range_1_auth_comp_id 
_pdbx_struct_sheet_hbond.range_1_auth_asym_id 
_pdbx_struct_sheet_hbond.range_1_auth_seq_id 
_pdbx_struct_sheet_hbond.range_2_label_atom_id 
_pdbx_struct_sheet_hbond.range_2_label_comp_id 
_pdbx_struct_sheet_hbond.range_2_label_asym_id 
_pdbx_struct_sheet_hbond.range_2_label_seq_id 
_pdbx_struct_sheet_hbond.range_2_PDB_ins_code 
_pdbx_struct_sheet_hbond.range_2_auth_atom_id 
_pdbx_struct_sheet_hbond.range_2_auth_comp_id 
_pdbx_struct_sheet_hbond.range_2_auth_asym_id 
_pdbx_struct_sheet_hbond.range_2_auth_seq_id 
A 1 2 O THR A 17 ? O THR A 174 N GLN A 7  ? N GLN A 164 
A 2 3 N VAL A 8  ? N VAL A 165 O CYS A 31 ? O CYS A 188 
A 3 4 N LEU A 34 ? N LEU A 191 O HIS A 41 ? O HIS A 198 
A 4 5 N ILE A 40 ? N ILE A 197 O HIS A 75 ? O HIS A 232 
# 
loop_
_struct_site.id 
_struct_site.pdbx_evidence_code 
_struct_site.pdbx_auth_asym_id 
_struct_site.pdbx_auth_comp_id 
_struct_site.pdbx_auth_seq_id 
_struct_site.pdbx_auth_ins_code 
_struct_site.pdbx_num_residues 
_struct_site.details 
AC1 Software A CD 262 ? 5 'BINDING SITE FOR RESIDUE CD A 262' 
AC2 Software A CD 263 ? 6 'BINDING SITE FOR RESIDUE CD A 263' 
AC3 Software A CD 264 ? 4 'BINDING SITE FOR RESIDUE CD A 264' 
AC4 Software A CD 265 ? 4 'BINDING SITE FOR RESIDUE CD A 265' 
# 
loop_
_struct_site_gen.id 
_struct_site_gen.site_id 
_struct_site_gen.pdbx_num_res 
_struct_site_gen.label_comp_id 
_struct_site_gen.label_asym_id 
_struct_site_gen.label_seq_id 
_struct_site_gen.pdbx_auth_ins_code 
_struct_site_gen.auth_comp_id 
_struct_site_gen.auth_asym_id 
_struct_site_gen.auth_seq_id 
_struct_site_gen.label_atom_id 
_struct_site_gen.label_alt_id 
_struct_site_gen.symmetry 
_struct_site_gen.details 
1  AC1 5 GLU A 101 ? GLU A 258 . ? 1_555 ? 
2  AC1 5 GLU A 101 ? GLU A 258 . ? 2_555 ? 
3  AC1 5 HOH F .   ? HOH A 273 . ? 1_555 ? 
4  AC1 5 HOH F .   ? HOH A 273 . ? 2_555 ? 
5  AC1 5 HOH F .   ? HOH A 358 . ? 1_555 ? 
6  AC2 6 GLY A 29  ? GLY A 186 . ? 1_555 ? 
7  AC2 6 ASP A 30  ? ASP A 187 . ? 1_555 ? 
8  AC2 6 GLU A 52  ? GLU A 209 . ? 1_555 ? 
9  AC2 6 ASP A 102 ? ASP A 259 . ? 1_555 ? 
10 AC2 6 HOH F .   ? HOH A 267 . ? 1_555 ? 
11 AC2 6 HOH F .   ? HOH A 268 . ? 1_555 ? 
12 AC3 4 GLU A 18  ? GLU A 175 . ? 1_555 ? 
13 AC3 4 GLU A 18  ? GLU A 175 . ? 2_556 ? 
14 AC3 4 HOH F .   ? HOH A 270 . ? 2_556 ? 
15 AC3 4 HOH F .   ? HOH A 270 . ? 1_555 ? 
16 AC4 4 HIS A 75  ? HIS A 232 . ? 1_555 ? 
17 AC4 4 HOH F .   ? HOH A 355 . ? 1_555 ? 
18 AC4 4 HOH F .   ? HOH A 360 . ? 1_555 ? 
19 AC4 4 HOH F .   ? HOH A 374 . ? 1_555 ? 
# 
_pdbx_entry_details.entry_id                   1KCQ 
_pdbx_entry_details.compound_details           ? 
_pdbx_entry_details.source_details             ? 
_pdbx_entry_details.nonpolymer_details         ? 
_pdbx_entry_details.sequence_details           ? 
_pdbx_entry_details.has_ligand_of_interest     ? 
_pdbx_entry_details.has_protein_modification   Y 
# 
loop_
_pdbx_validate_rmsd_angle.id 
_pdbx_validate_rmsd_angle.PDB_model_num 
_pdbx_validate_rmsd_angle.auth_atom_id_1 
_pdbx_validate_rmsd_angle.auth_asym_id_1 
_pdbx_validate_rmsd_angle.auth_comp_id_1 
_pdbx_validate_rmsd_angle.auth_seq_id_1 
_pdbx_validate_rmsd_angle.PDB_ins_code_1 
_pdbx_validate_rmsd_angle.label_alt_id_1 
_pdbx_validate_rmsd_angle.auth_atom_id_2 
_pdbx_validate_rmsd_angle.auth_asym_id_2 
_pdbx_validate_rmsd_angle.auth_comp_id_2 
_pdbx_validate_rmsd_angle.auth_seq_id_2 
_pdbx_validate_rmsd_angle.PDB_ins_code_2 
_pdbx_validate_rmsd_angle.label_alt_id_2 
_pdbx_validate_rmsd_angle.auth_atom_id_3 
_pdbx_validate_rmsd_angle.auth_asym_id_3 
_pdbx_validate_rmsd_angle.auth_comp_id_3 
_pdbx_validate_rmsd_angle.auth_seq_id_3 
_pdbx_validate_rmsd_angle.PDB_ins_code_3 
_pdbx_validate_rmsd_angle.label_alt_id_3 
_pdbx_validate_rmsd_angle.angle_value 
_pdbx_validate_rmsd_angle.angle_target_value 
_pdbx_validate_rmsd_angle.angle_deviation 
_pdbx_validate_rmsd_angle.angle_standard_deviation 
_pdbx_validate_rmsd_angle.linker_flag 
1 1 CD A ARG 207 ? ? NE A ARG 207 ? ? CZ  A ARG 207 ? ? 132.52 123.60 8.92  1.40 N 
2 1 NE A ARG 207 ? ? CZ A ARG 207 ? ? NH1 A ARG 207 ? ? 117.29 120.30 -3.01 0.50 N 
3 1 NE A ARG 207 ? ? CZ A ARG 207 ? ? NH2 A ARG 207 ? ? 123.61 120.30 3.31  0.50 N 
4 1 NE A ARG 221 ? ? CZ A ARG 221 ? ? NH2 A ARG 221 ? ? 117.06 120.30 -3.24 0.50 N 
# 
loop_
_pdbx_validate_torsion.id 
_pdbx_validate_torsion.PDB_model_num 
_pdbx_validate_torsion.auth_comp_id 
_pdbx_validate_torsion.auth_asym_id 
_pdbx_validate_torsion.auth_seq_id 
_pdbx_validate_torsion.PDB_ins_code 
_pdbx_validate_torsion.label_alt_id 
_pdbx_validate_torsion.phi 
_pdbx_validate_torsion.psi 
1 1 ARG A 168 ? ? -135.22 -65.40 
2 1 ARG A 228 ? ? -95.13  52.95  
# 
loop_
_chem_comp_atom.comp_id 
_chem_comp_atom.atom_id 
_chem_comp_atom.type_symbol 
_chem_comp_atom.pdbx_aromatic_flag 
_chem_comp_atom.pdbx_stereo_config 
_chem_comp_atom.pdbx_ordinal 
ALA N    N  N N 1   
ALA CA   C  N S 2   
ALA C    C  N N 3   
ALA O    O  N N 4   
ALA CB   C  N N 5   
ALA OXT  O  N N 6   
ALA H    H  N N 7   
ALA H2   H  N N 8   
ALA HA   H  N N 9   
ALA HB1  H  N N 10  
ALA HB2  H  N N 11  
ALA HB3  H  N N 12  
ALA HXT  H  N N 13  
ARG N    N  N N 14  
ARG CA   C  N S 15  
ARG C    C  N N 16  
ARG O    O  N N 17  
ARG CB   C  N N 18  
ARG CG   C  N N 19  
ARG CD   C  N N 20  
ARG NE   N  N N 21  
ARG CZ   C  N N 22  
ARG NH1  N  N N 23  
ARG NH2  N  N N 24  
ARG OXT  O  N N 25  
ARG H    H  N N 26  
ARG H2   H  N N 27  
ARG HA   H  N N 28  
ARG HB2  H  N N 29  
ARG HB3  H  N N 30  
ARG HG2  H  N N 31  
ARG HG3  H  N N 32  
ARG HD2  H  N N 33  
ARG HD3  H  N N 34  
ARG HE   H  N N 35  
ARG HH11 H  N N 36  
ARG HH12 H  N N 37  
ARG HH21 H  N N 38  
ARG HH22 H  N N 39  
ARG HXT  H  N N 40  
ASN N    N  N N 41  
ASN CA   C  N S 42  
ASN C    C  N N 43  
ASN O    O  N N 44  
ASN CB   C  N N 45  
ASN CG   C  N N 46  
ASN OD1  O  N N 47  
ASN ND2  N  N N 48  
ASN OXT  O  N N 49  
ASN H    H  N N 50  
ASN H2   H  N N 51  
ASN HA   H  N N 52  
ASN HB2  H  N N 53  
ASN HB3  H  N N 54  
ASN HD21 H  N N 55  
ASN HD22 H  N N 56  
ASN HXT  H  N N 57  
ASP N    N  N N 58  
ASP CA   C  N S 59  
ASP C    C  N N 60  
ASP O    O  N N 61  
ASP CB   C  N N 62  
ASP CG   C  N N 63  
ASP OD1  O  N N 64  
ASP OD2  O  N N 65  
ASP OXT  O  N N 66  
ASP H    H  N N 67  
ASP H2   H  N N 68  
ASP HA   H  N N 69  
ASP HB2  H  N N 70  
ASP HB3  H  N N 71  
ASP HD2  H  N N 72  
ASP HXT  H  N N 73  
CD  CD   CD N N 74  
CYS N    N  N N 75  
CYS CA   C  N R 76  
CYS C    C  N N 77  
CYS O    O  N N 78  
CYS CB   C  N N 79  
CYS SG   S  N N 80  
CYS OXT  O  N N 81  
CYS H    H  N N 82  
CYS H2   H  N N 83  
CYS HA   H  N N 84  
CYS HB2  H  N N 85  
CYS HB3  H  N N 86  
CYS HG   H  N N 87  
CYS HXT  H  N N 88  
GLN N    N  N N 89  
GLN CA   C  N S 90  
GLN C    C  N N 91  
GLN O    O  N N 92  
GLN CB   C  N N 93  
GLN CG   C  N N 94  
GLN CD   C  N N 95  
GLN OE1  O  N N 96  
GLN NE2  N  N N 97  
GLN OXT  O  N N 98  
GLN H    H  N N 99  
GLN H2   H  N N 100 
GLN HA   H  N N 101 
GLN HB2  H  N N 102 
GLN HB3  H  N N 103 
GLN HG2  H  N N 104 
GLN HG3  H  N N 105 
GLN HE21 H  N N 106 
GLN HE22 H  N N 107 
GLN HXT  H  N N 108 
GLU N    N  N N 109 
GLU CA   C  N S 110 
GLU C    C  N N 111 
GLU O    O  N N 112 
GLU CB   C  N N 113 
GLU CG   C  N N 114 
GLU CD   C  N N 115 
GLU OE1  O  N N 116 
GLU OE2  O  N N 117 
GLU OXT  O  N N 118 
GLU H    H  N N 119 
GLU H2   H  N N 120 
GLU HA   H  N N 121 
GLU HB2  H  N N 122 
GLU HB3  H  N N 123 
GLU HG2  H  N N 124 
GLU HG3  H  N N 125 
GLU HE2  H  N N 126 
GLU HXT  H  N N 127 
GLY N    N  N N 128 
GLY CA   C  N N 129 
GLY C    C  N N 130 
GLY O    O  N N 131 
GLY OXT  O  N N 132 
GLY H    H  N N 133 
GLY H2   H  N N 134 
GLY HA2  H  N N 135 
GLY HA3  H  N N 136 
GLY HXT  H  N N 137 
HIS N    N  N N 138 
HIS CA   C  N S 139 
HIS C    C  N N 140 
HIS O    O  N N 141 
HIS CB   C  N N 142 
HIS CG   C  Y N 143 
HIS ND1  N  Y N 144 
HIS CD2  C  Y N 145 
HIS CE1  C  Y N 146 
HIS NE2  N  Y N 147 
HIS OXT  O  N N 148 
HIS H    H  N N 149 
HIS H2   H  N N 150 
HIS HA   H  N N 151 
HIS HB2  H  N N 152 
HIS HB3  H  N N 153 
HIS HD1  H  N N 154 
HIS HD2  H  N N 155 
HIS HE1  H  N N 156 
HIS HE2  H  N N 157 
HIS HXT  H  N N 158 
HOH O    O  N N 159 
HOH H1   H  N N 160 
HOH H2   H  N N 161 
ILE N    N  N N 162 
ILE CA   C  N S 163 
ILE C    C  N N 164 
ILE O    O  N N 165 
ILE CB   C  N S 166 
ILE CG1  C  N N 167 
ILE CG2  C  N N 168 
ILE CD1  C  N N 169 
ILE OXT  O  N N 170 
ILE H    H  N N 171 
ILE H2   H  N N 172 
ILE HA   H  N N 173 
ILE HB   H  N N 174 
ILE HG12 H  N N 175 
ILE HG13 H  N N 176 
ILE HG21 H  N N 177 
ILE HG22 H  N N 178 
ILE HG23 H  N N 179 
ILE HD11 H  N N 180 
ILE HD12 H  N N 181 
ILE HD13 H  N N 182 
ILE HXT  H  N N 183 
LEU N    N  N N 184 
LEU CA   C  N S 185 
LEU C    C  N N 186 
LEU O    O  N N 187 
LEU CB   C  N N 188 
LEU CG   C  N N 189 
LEU CD1  C  N N 190 
LEU CD2  C  N N 191 
LEU OXT  O  N N 192 
LEU H    H  N N 193 
LEU H2   H  N N 194 
LEU HA   H  N N 195 
LEU HB2  H  N N 196 
LEU HB3  H  N N 197 
LEU HG   H  N N 198 
LEU HD11 H  N N 199 
LEU HD12 H  N N 200 
LEU HD13 H  N N 201 
LEU HD21 H  N N 202 
LEU HD22 H  N N 203 
LEU HD23 H  N N 204 
LEU HXT  H  N N 205 
LYS N    N  N N 206 
LYS CA   C  N S 207 
LYS C    C  N N 208 
LYS O    O  N N 209 
LYS CB   C  N N 210 
LYS CG   C  N N 211 
LYS CD   C  N N 212 
LYS CE   C  N N 213 
LYS NZ   N  N N 214 
LYS OXT  O  N N 215 
LYS H    H  N N 216 
LYS H2   H  N N 217 
LYS HA   H  N N 218 
LYS HB2  H  N N 219 
LYS HB3  H  N N 220 
LYS HG2  H  N N 221 
LYS HG3  H  N N 222 
LYS HD2  H  N N 223 
LYS HD3  H  N N 224 
LYS HE2  H  N N 225 
LYS HE3  H  N N 226 
LYS HZ1  H  N N 227 
LYS HZ2  H  N N 228 
LYS HZ3  H  N N 229 
LYS HXT  H  N N 230 
MET N    N  N N 231 
MET CA   C  N S 232 
MET C    C  N N 233 
MET O    O  N N 234 
MET CB   C  N N 235 
MET CG   C  N N 236 
MET SD   S  N N 237 
MET CE   C  N N 238 
MET OXT  O  N N 239 
MET H    H  N N 240 
MET H2   H  N N 241 
MET HA   H  N N 242 
MET HB2  H  N N 243 
MET HB3  H  N N 244 
MET HG2  H  N N 245 
MET HG3  H  N N 246 
MET HE1  H  N N 247 
MET HE2  H  N N 248 
MET HE3  H  N N 249 
MET HXT  H  N N 250 
PHE N    N  N N 251 
PHE CA   C  N S 252 
PHE C    C  N N 253 
PHE O    O  N N 254 
PHE CB   C  N N 255 
PHE CG   C  Y N 256 
PHE CD1  C  Y N 257 
PHE CD2  C  Y N 258 
PHE CE1  C  Y N 259 
PHE CE2  C  Y N 260 
PHE CZ   C  Y N 261 
PHE OXT  O  N N 262 
PHE H    H  N N 263 
PHE H2   H  N N 264 
PHE HA   H  N N 265 
PHE HB2  H  N N 266 
PHE HB3  H  N N 267 
PHE HD1  H  N N 268 
PHE HD2  H  N N 269 
PHE HE1  H  N N 270 
PHE HE2  H  N N 271 
PHE HZ   H  N N 272 
PHE HXT  H  N N 273 
PRO N    N  N N 274 
PRO CA   C  N S 275 
PRO C    C  N N 276 
PRO O    O  N N 277 
PRO CB   C  N N 278 
PRO CG   C  N N 279 
PRO CD   C  N N 280 
PRO OXT  O  N N 281 
PRO H    H  N N 282 
PRO HA   H  N N 283 
PRO HB2  H  N N 284 
PRO HB3  H  N N 285 
PRO HG2  H  N N 286 
PRO HG3  H  N N 287 
PRO HD2  H  N N 288 
PRO HD3  H  N N 289 
PRO HXT  H  N N 290 
SER N    N  N N 291 
SER CA   C  N S 292 
SER C    C  N N 293 
SER O    O  N N 294 
SER CB   C  N N 295 
SER OG   O  N N 296 
SER OXT  O  N N 297 
SER H    H  N N 298 
SER H2   H  N N 299 
SER HA   H  N N 300 
SER HB2  H  N N 301 
SER HB3  H  N N 302 
SER HG   H  N N 303 
SER HXT  H  N N 304 
THR N    N  N N 305 
THR CA   C  N S 306 
THR C    C  N N 307 
THR O    O  N N 308 
THR CB   C  N R 309 
THR OG1  O  N N 310 
THR CG2  C  N N 311 
THR OXT  O  N N 312 
THR H    H  N N 313 
THR H2   H  N N 314 
THR HA   H  N N 315 
THR HB   H  N N 316 
THR HG1  H  N N 317 
THR HG21 H  N N 318 
THR HG22 H  N N 319 
THR HG23 H  N N 320 
THR HXT  H  N N 321 
TRP N    N  N N 322 
TRP CA   C  N S 323 
TRP C    C  N N 324 
TRP O    O  N N 325 
TRP CB   C  N N 326 
TRP CG   C  Y N 327 
TRP CD1  C  Y N 328 
TRP CD2  C  Y N 329 
TRP NE1  N  Y N 330 
TRP CE2  C  Y N 331 
TRP CE3  C  Y N 332 
TRP CZ2  C  Y N 333 
TRP CZ3  C  Y N 334 
TRP CH2  C  Y N 335 
TRP OXT  O  N N 336 
TRP H    H  N N 337 
TRP H2   H  N N 338 
TRP HA   H  N N 339 
TRP HB2  H  N N 340 
TRP HB3  H  N N 341 
TRP HD1  H  N N 342 
TRP HE1  H  N N 343 
TRP HE3  H  N N 344 
TRP HZ2  H  N N 345 
TRP HZ3  H  N N 346 
TRP HH2  H  N N 347 
TRP HXT  H  N N 348 
TYR N    N  N N 349 
TYR CA   C  N S 350 
TYR C    C  N N 351 
TYR O    O  N N 352 
TYR CB   C  N N 353 
TYR CG   C  Y N 354 
TYR CD1  C  Y N 355 
TYR CD2  C  Y N 356 
TYR CE1  C  Y N 357 
TYR CE2  C  Y N 358 
TYR CZ   C  Y N 359 
TYR OH   O  N N 360 
TYR OXT  O  N N 361 
TYR H    H  N N 362 
TYR H2   H  N N 363 
TYR HA   H  N N 364 
TYR HB2  H  N N 365 
TYR HB3  H  N N 366 
TYR HD1  H  N N 367 
TYR HD2  H  N N 368 
TYR HE1  H  N N 369 
TYR HE2  H  N N 370 
TYR HH   H  N N 371 
TYR HXT  H  N N 372 
VAL N    N  N N 373 
VAL CA   C  N S 374 
VAL C    C  N N 375 
VAL O    O  N N 376 
VAL CB   C  N N 377 
VAL CG1  C  N N 378 
VAL CG2  C  N N 379 
VAL OXT  O  N N 380 
VAL H    H  N N 381 
VAL H2   H  N N 382 
VAL HA   H  N N 383 
VAL HB   H  N N 384 
VAL HG11 H  N N 385 
VAL HG12 H  N N 386 
VAL HG13 H  N N 387 
VAL HG21 H  N N 388 
VAL HG22 H  N N 389 
VAL HG23 H  N N 390 
VAL HXT  H  N N 391 
# 
loop_
_chem_comp_bond.comp_id 
_chem_comp_bond.atom_id_1 
_chem_comp_bond.atom_id_2 
_chem_comp_bond.value_order 
_chem_comp_bond.pdbx_aromatic_flag 
_chem_comp_bond.pdbx_stereo_config 
_chem_comp_bond.pdbx_ordinal 
ALA N   CA   sing N N 1   
ALA N   H    sing N N 2   
ALA N   H2   sing N N 3   
ALA CA  C    sing N N 4   
ALA CA  CB   sing N N 5   
ALA CA  HA   sing N N 6   
ALA C   O    doub N N 7   
ALA C   OXT  sing N N 8   
ALA CB  HB1  sing N N 9   
ALA CB  HB2  sing N N 10  
ALA CB  HB3  sing N N 11  
ALA OXT HXT  sing N N 12  
ARG N   CA   sing N N 13  
ARG N   H    sing N N 14  
ARG N   H2   sing N N 15  
ARG CA  C    sing N N 16  
ARG CA  CB   sing N N 17  
ARG CA  HA   sing N N 18  
ARG C   O    doub N N 19  
ARG C   OXT  sing N N 20  
ARG CB  CG   sing N N 21  
ARG CB  HB2  sing N N 22  
ARG CB  HB3  sing N N 23  
ARG CG  CD   sing N N 24  
ARG CG  HG2  sing N N 25  
ARG CG  HG3  sing N N 26  
ARG CD  NE   sing N N 27  
ARG CD  HD2  sing N N 28  
ARG CD  HD3  sing N N 29  
ARG NE  CZ   sing N N 30  
ARG NE  HE   sing N N 31  
ARG CZ  NH1  sing N N 32  
ARG CZ  NH2  doub N N 33  
ARG NH1 HH11 sing N N 34  
ARG NH1 HH12 sing N N 35  
ARG NH2 HH21 sing N N 36  
ARG NH2 HH22 sing N N 37  
ARG OXT HXT  sing N N 38  
ASN N   CA   sing N N 39  
ASN N   H    sing N N 40  
ASN N   H2   sing N N 41  
ASN CA  C    sing N N 42  
ASN CA  CB   sing N N 43  
ASN CA  HA   sing N N 44  
ASN C   O    doub N N 45  
ASN C   OXT  sing N N 46  
ASN CB  CG   sing N N 47  
ASN CB  HB2  sing N N 48  
ASN CB  HB3  sing N N 49  
ASN CG  OD1  doub N N 50  
ASN CG  ND2  sing N N 51  
ASN ND2 HD21 sing N N 52  
ASN ND2 HD22 sing N N 53  
ASN OXT HXT  sing N N 54  
ASP N   CA   sing N N 55  
ASP N   H    sing N N 56  
ASP N   H2   sing N N 57  
ASP CA  C    sing N N 58  
ASP CA  CB   sing N N 59  
ASP CA  HA   sing N N 60  
ASP C   O    doub N N 61  
ASP C   OXT  sing N N 62  
ASP CB  CG   sing N N 63  
ASP CB  HB2  sing N N 64  
ASP CB  HB3  sing N N 65  
ASP CG  OD1  doub N N 66  
ASP CG  OD2  sing N N 67  
ASP OD2 HD2  sing N N 68  
ASP OXT HXT  sing N N 69  
CYS N   CA   sing N N 70  
CYS N   H    sing N N 71  
CYS N   H2   sing N N 72  
CYS CA  C    sing N N 73  
CYS CA  CB   sing N N 74  
CYS CA  HA   sing N N 75  
CYS C   O    doub N N 76  
CYS C   OXT  sing N N 77  
CYS CB  SG   sing N N 78  
CYS CB  HB2  sing N N 79  
CYS CB  HB3  sing N N 80  
CYS SG  HG   sing N N 81  
CYS OXT HXT  sing N N 82  
GLN N   CA   sing N N 83  
GLN N   H    sing N N 84  
GLN N   H2   sing N N 85  
GLN CA  C    sing N N 86  
GLN CA  CB   sing N N 87  
GLN CA  HA   sing N N 88  
GLN C   O    doub N N 89  
GLN C   OXT  sing N N 90  
GLN CB  CG   sing N N 91  
GLN CB  HB2  sing N N 92  
GLN CB  HB3  sing N N 93  
GLN CG  CD   sing N N 94  
GLN CG  HG2  sing N N 95  
GLN CG  HG3  sing N N 96  
GLN CD  OE1  doub N N 97  
GLN CD  NE2  sing N N 98  
GLN NE2 HE21 sing N N 99  
GLN NE2 HE22 sing N N 100 
GLN OXT HXT  sing N N 101 
GLU N   CA   sing N N 102 
GLU N   H    sing N N 103 
GLU N   H2   sing N N 104 
GLU CA  C    sing N N 105 
GLU CA  CB   sing N N 106 
GLU CA  HA   sing N N 107 
GLU C   O    doub N N 108 
GLU C   OXT  sing N N 109 
GLU CB  CG   sing N N 110 
GLU CB  HB2  sing N N 111 
GLU CB  HB3  sing N N 112 
GLU CG  CD   sing N N 113 
GLU CG  HG2  sing N N 114 
GLU CG  HG3  sing N N 115 
GLU CD  OE1  doub N N 116 
GLU CD  OE2  sing N N 117 
GLU OE2 HE2  sing N N 118 
GLU OXT HXT  sing N N 119 
GLY N   CA   sing N N 120 
GLY N   H    sing N N 121 
GLY N   H2   sing N N 122 
GLY CA  C    sing N N 123 
GLY CA  HA2  sing N N 124 
GLY CA  HA3  sing N N 125 
GLY C   O    doub N N 126 
GLY C   OXT  sing N N 127 
GLY OXT HXT  sing N N 128 
HIS N   CA   sing N N 129 
HIS N   H    sing N N 130 
HIS N   H2   sing N N 131 
HIS CA  C    sing N N 132 
HIS CA  CB   sing N N 133 
HIS CA  HA   sing N N 134 
HIS C   O    doub N N 135 
HIS C   OXT  sing N N 136 
HIS CB  CG   sing N N 137 
HIS CB  HB2  sing N N 138 
HIS CB  HB3  sing N N 139 
HIS CG  ND1  sing Y N 140 
HIS CG  CD2  doub Y N 141 
HIS ND1 CE1  doub Y N 142 
HIS ND1 HD1  sing N N 143 
HIS CD2 NE2  sing Y N 144 
HIS CD2 HD2  sing N N 145 
HIS CE1 NE2  sing Y N 146 
HIS CE1 HE1  sing N N 147 
HIS NE2 HE2  sing N N 148 
HIS OXT HXT  sing N N 149 
HOH O   H1   sing N N 150 
HOH O   H2   sing N N 151 
ILE N   CA   sing N N 152 
ILE N   H    sing N N 153 
ILE N   H2   sing N N 154 
ILE CA  C    sing N N 155 
ILE CA  CB   sing N N 156 
ILE CA  HA   sing N N 157 
ILE C   O    doub N N 158 
ILE C   OXT  sing N N 159 
ILE CB  CG1  sing N N 160 
ILE CB  CG2  sing N N 161 
ILE CB  HB   sing N N 162 
ILE CG1 CD1  sing N N 163 
ILE CG1 HG12 sing N N 164 
ILE CG1 HG13 sing N N 165 
ILE CG2 HG21 sing N N 166 
ILE CG2 HG22 sing N N 167 
ILE CG2 HG23 sing N N 168 
ILE CD1 HD11 sing N N 169 
ILE CD1 HD12 sing N N 170 
ILE CD1 HD13 sing N N 171 
ILE OXT HXT  sing N N 172 
LEU N   CA   sing N N 173 
LEU N   H    sing N N 174 
LEU N   H2   sing N N 175 
LEU CA  C    sing N N 176 
LEU CA  CB   sing N N 177 
LEU CA  HA   sing N N 178 
LEU C   O    doub N N 179 
LEU C   OXT  sing N N 180 
LEU CB  CG   sing N N 181 
LEU CB  HB2  sing N N 182 
LEU CB  HB3  sing N N 183 
LEU CG  CD1  sing N N 184 
LEU CG  CD2  sing N N 185 
LEU CG  HG   sing N N 186 
LEU CD1 HD11 sing N N 187 
LEU CD1 HD12 sing N N 188 
LEU CD1 HD13 sing N N 189 
LEU CD2 HD21 sing N N 190 
LEU CD2 HD22 sing N N 191 
LEU CD2 HD23 sing N N 192 
LEU OXT HXT  sing N N 193 
LYS N   CA   sing N N 194 
LYS N   H    sing N N 195 
LYS N   H2   sing N N 196 
LYS CA  C    sing N N 197 
LYS CA  CB   sing N N 198 
LYS CA  HA   sing N N 199 
LYS C   O    doub N N 200 
LYS C   OXT  sing N N 201 
LYS CB  CG   sing N N 202 
LYS CB  HB2  sing N N 203 
LYS CB  HB3  sing N N 204 
LYS CG  CD   sing N N 205 
LYS CG  HG2  sing N N 206 
LYS CG  HG3  sing N N 207 
LYS CD  CE   sing N N 208 
LYS CD  HD2  sing N N 209 
LYS CD  HD3  sing N N 210 
LYS CE  NZ   sing N N 211 
LYS CE  HE2  sing N N 212 
LYS CE  HE3  sing N N 213 
LYS NZ  HZ1  sing N N 214 
LYS NZ  HZ2  sing N N 215 
LYS NZ  HZ3  sing N N 216 
LYS OXT HXT  sing N N 217 
MET N   CA   sing N N 218 
MET N   H    sing N N 219 
MET N   H2   sing N N 220 
MET CA  C    sing N N 221 
MET CA  CB   sing N N 222 
MET CA  HA   sing N N 223 
MET C   O    doub N N 224 
MET C   OXT  sing N N 225 
MET CB  CG   sing N N 226 
MET CB  HB2  sing N N 227 
MET CB  HB3  sing N N 228 
MET CG  SD   sing N N 229 
MET CG  HG2  sing N N 230 
MET CG  HG3  sing N N 231 
MET SD  CE   sing N N 232 
MET CE  HE1  sing N N 233 
MET CE  HE2  sing N N 234 
MET CE  HE3  sing N N 235 
MET OXT HXT  sing N N 236 
PHE N   CA   sing N N 237 
PHE N   H    sing N N 238 
PHE N   H2   sing N N 239 
PHE CA  C    sing N N 240 
PHE CA  CB   sing N N 241 
PHE CA  HA   sing N N 242 
PHE C   O    doub N N 243 
PHE C   OXT  sing N N 244 
PHE CB  CG   sing N N 245 
PHE CB  HB2  sing N N 246 
PHE CB  HB3  sing N N 247 
PHE CG  CD1  doub Y N 248 
PHE CG  CD2  sing Y N 249 
PHE CD1 CE1  sing Y N 250 
PHE CD1 HD1  sing N N 251 
PHE CD2 CE2  doub Y N 252 
PHE CD2 HD2  sing N N 253 
PHE CE1 CZ   doub Y N 254 
PHE CE1 HE1  sing N N 255 
PHE CE2 CZ   sing Y N 256 
PHE CE2 HE2  sing N N 257 
PHE CZ  HZ   sing N N 258 
PHE OXT HXT  sing N N 259 
PRO N   CA   sing N N 260 
PRO N   CD   sing N N 261 
PRO N   H    sing N N 262 
PRO CA  C    sing N N 263 
PRO CA  CB   sing N N 264 
PRO CA  HA   sing N N 265 
PRO C   O    doub N N 266 
PRO C   OXT  sing N N 267 
PRO CB  CG   sing N N 268 
PRO CB  HB2  sing N N 269 
PRO CB  HB3  sing N N 270 
PRO CG  CD   sing N N 271 
PRO CG  HG2  sing N N 272 
PRO CG  HG3  sing N N 273 
PRO CD  HD2  sing N N 274 
PRO CD  HD3  sing N N 275 
PRO OXT HXT  sing N N 276 
SER N   CA   sing N N 277 
SER N   H    sing N N 278 
SER N   H2   sing N N 279 
SER CA  C    sing N N 280 
SER CA  CB   sing N N 281 
SER CA  HA   sing N N 282 
SER C   O    doub N N 283 
SER C   OXT  sing N N 284 
SER CB  OG   sing N N 285 
SER CB  HB2  sing N N 286 
SER CB  HB3  sing N N 287 
SER OG  HG   sing N N 288 
SER OXT HXT  sing N N 289 
THR N   CA   sing N N 290 
THR N   H    sing N N 291 
THR N   H2   sing N N 292 
THR CA  C    sing N N 293 
THR CA  CB   sing N N 294 
THR CA  HA   sing N N 295 
THR C   O    doub N N 296 
THR C   OXT  sing N N 297 
THR CB  OG1  sing N N 298 
THR CB  CG2  sing N N 299 
THR CB  HB   sing N N 300 
THR OG1 HG1  sing N N 301 
THR CG2 HG21 sing N N 302 
THR CG2 HG22 sing N N 303 
THR CG2 HG23 sing N N 304 
THR OXT HXT  sing N N 305 
TRP N   CA   sing N N 306 
TRP N   H    sing N N 307 
TRP N   H2   sing N N 308 
TRP CA  C    sing N N 309 
TRP CA  CB   sing N N 310 
TRP CA  HA   sing N N 311 
TRP C   O    doub N N 312 
TRP C   OXT  sing N N 313 
TRP CB  CG   sing N N 314 
TRP CB  HB2  sing N N 315 
TRP CB  HB3  sing N N 316 
TRP CG  CD1  doub Y N 317 
TRP CG  CD2  sing Y N 318 
TRP CD1 NE1  sing Y N 319 
TRP CD1 HD1  sing N N 320 
TRP CD2 CE2  doub Y N 321 
TRP CD2 CE3  sing Y N 322 
TRP NE1 CE2  sing Y N 323 
TRP NE1 HE1  sing N N 324 
TRP CE2 CZ2  sing Y N 325 
TRP CE3 CZ3  doub Y N 326 
TRP CE3 HE3  sing N N 327 
TRP CZ2 CH2  doub Y N 328 
TRP CZ2 HZ2  sing N N 329 
TRP CZ3 CH2  sing Y N 330 
TRP CZ3 HZ3  sing N N 331 
TRP CH2 HH2  sing N N 332 
TRP OXT HXT  sing N N 333 
TYR N   CA   sing N N 334 
TYR N   H    sing N N 335 
TYR N   H2   sing N N 336 
TYR CA  C    sing N N 337 
TYR CA  CB   sing N N 338 
TYR CA  HA   sing N N 339 
TYR C   O    doub N N 340 
TYR C   OXT  sing N N 341 
TYR CB  CG   sing N N 342 
TYR CB  HB2  sing N N 343 
TYR CB  HB3  sing N N 344 
TYR CG  CD1  doub Y N 345 
TYR CG  CD2  sing Y N 346 
TYR CD1 CE1  sing Y N 347 
TYR CD1 HD1  sing N N 348 
TYR CD2 CE2  doub Y N 349 
TYR CD2 HD2  sing N N 350 
TYR CE1 CZ   doub Y N 351 
TYR CE1 HE1  sing N N 352 
TYR CE2 CZ   sing Y N 353 
TYR CE2 HE2  sing N N 354 
TYR CZ  OH   sing N N 355 
TYR OH  HH   sing N N 356 
TYR OXT HXT  sing N N 357 
VAL N   CA   sing N N 358 
VAL N   H    sing N N 359 
VAL N   H2   sing N N 360 
VAL CA  C    sing N N 361 
VAL CA  CB   sing N N 362 
VAL CA  HA   sing N N 363 
VAL C   O    doub N N 364 
VAL C   OXT  sing N N 365 
VAL CB  CG1  sing N N 366 
VAL CB  CG2  sing N N 367 
VAL CB  HB   sing N N 368 
VAL CG1 HG11 sing N N 369 
VAL CG1 HG12 sing N N 370 
VAL CG1 HG13 sing N N 371 
VAL CG2 HG21 sing N N 372 
VAL CG2 HG22 sing N N 373 
VAL CG2 HG23 sing N N 374 
VAL OXT HXT  sing N N 375 
# 
_pdbx_initial_refinement_model.id               1 
_pdbx_initial_refinement_model.entity_id_list   ? 
_pdbx_initial_refinement_model.type             'experimental model' 
_pdbx_initial_refinement_model.source_name      PDB 
_pdbx_initial_refinement_model.accession_code   1D0N 
_pdbx_initial_refinement_model.details          'Residues 151-266 from PDB ENTRY 1D0N' 
# 
_atom_sites.entry_id                    1KCQ 
_atom_sites.fract_transf_matrix[1][1]   0.01027961 
_atom_sites.fract_transf_matrix[1][2]   0.00491208 
_atom_sites.fract_transf_matrix[1][3]   -0.00392871 
_atom_sites.fract_transf_matrix[2][1]   0.01909782 
_atom_sites.fract_transf_matrix[2][2]   -0.01870433 
_atom_sites.fract_transf_matrix[2][3]   0.02658404 
_atom_sites.fract_transf_matrix[3][1]   0.01276301 
_atom_sites.fract_transf_matrix[3][2]   -0.01033730 
_atom_sites.fract_transf_matrix[3][3]   -0.01644212 
_atom_sites.fract_transf_vector[1]      0.087775 
_atom_sites.fract_transf_vector[2]      -0.010290 
_atom_sites.fract_transf_vector[3]      0.389389 
# 
loop_
_atom_type.symbol 
C  
CD 
N  
O  
S  
# 
loop_
_atom_site.group_PDB 
_atom_site.id 
_atom_site.type_symbol 
_atom_site.label_atom_id 
_atom_site.label_alt_id 
_atom_site.label_comp_id 
_atom_site.label_asym_id 
_atom_site.label_entity_id 
_atom_site.label_seq_id 
_atom_site.pdbx_PDB_ins_code 
_atom_site.Cartn_x 
_atom_site.Cartn_y 
_atom_site.Cartn_z 
_atom_site.occupancy 
_atom_site.B_iso_or_equiv 
_atom_site.pdbx_formal_charge 
_atom_site.auth_seq_id 
_atom_site.auth_comp_id 
_atom_site.auth_asym_id 
_atom_site.auth_atom_id 
_atom_site.pdbx_PDB_model_num 
ATOM   1   C  C   . VAL A 1 1   ? 0.458   -7.347  -15.517 1.00 34.76 ? 158 VAL A C   1 
ATOM   2   O  O   . VAL A 1 1   ? -0.557  -8.021  -15.730 1.00 36.16 ? 158 VAL A O   1 
ATOM   3   N  N   . VAL A 1 2   ? 0.767   -7.027  -14.259 1.00 32.65 ? 159 VAL A N   1 
ATOM   4   C  CA  . VAL A 1 2   ? -0.289  -6.829  -13.258 1.00 30.03 ? 159 VAL A CA  1 
ATOM   5   C  C   . VAL A 1 2   ? -0.176  -5.418  -12.696 1.00 26.18 ? 159 VAL A C   1 
ATOM   6   O  O   . VAL A 1 2   ? 0.929   -4.888  -12.586 1.00 26.84 ? 159 VAL A O   1 
ATOM   7   C  CB  . VAL A 1 2   ? -0.139  -7.838  -12.096 1.00 32.34 ? 159 VAL A CB  1 
ATOM   8   C  CG1 . VAL A 1 2   ? -1.058  -7.506  -10.918 1.00 33.71 ? 159 VAL A CG1 1 
ATOM   9   C  CG2 . VAL A 1 2   ? -0.479  -9.262  -12.560 1.00 35.91 ? 159 VAL A CG2 1 
ATOM   10  N  N   . GLN A 1 3   ? -1.310  -4.787  -12.422 1.00 24.40 ? 160 GLN A N   1 
ATOM   11  C  CA  . GLN A 1 3   ? -1.371  -3.467  -11.825 1.00 20.70 ? 160 GLN A CA  1 
ATOM   12  C  C   . GLN A 1 3   ? -2.598  -3.426  -10.908 1.00 18.10 ? 160 GLN A C   1 
ATOM   13  O  O   . GLN A 1 3   ? -3.737  -3.323  -11.384 1.00 18.15 ? 160 GLN A O   1 
ATOM   14  C  CB  . GLN A 1 3   ? -1.445  -2.272  -12.771 1.00 20.10 ? 160 GLN A CB  1 
ATOM   15  C  CG  . GLN A 1 3   ? -0.166  -1.996  -13.534 1.00 22.85 ? 160 GLN A CG  1 
ATOM   16  C  CD  . GLN A 1 3   ? -0.076  -0.655  -14.216 1.00 24.17 ? 160 GLN A CD  1 
ATOM   17  O  OE1 . GLN A 1 3   ? -1.009  0.149   -14.207 1.00 27.99 ? 160 GLN A OE1 1 
ATOM   18  N  NE2 . GLN A 1 3   ? 1.089   -0.420  -14.810 1.00 27.12 ? 160 GLN A NE2 1 
ATOM   19  N  N   . ARG A 1 4   ? -2.374  -3.612  -9.611  1.00 15.15 ? 161 ARG A N   1 
ATOM   20  C  CA  . ARG A 1 4   ? -3.453  -3.580  -8.638  1.00 14.11 ? 161 ARG A CA  1 
ATOM   21  C  C   . ARG A 1 4   ? -3.027  -2.693  -7.462  1.00 12.05 ? 161 ARG A C   1 
ATOM   22  O  O   . ARG A 1 4   ? -1.826  -2.508  -7.240  1.00 12.77 ? 161 ARG A O   1 
ATOM   23  C  CB  . ARG A 1 4   ? -3.766  -4.960  -8.045  1.00 14.86 ? 161 ARG A CB  1 
ATOM   24  C  CG  . ARG A 1 4   ? -4.112  -6.059  -9.031  1.00 20.23 ? 161 ARG A CG  1 
ATOM   25  C  CD  . ARG A 1 4   ? -4.403  -7.375  -8.332  1.00 17.45 ? 161 ARG A CD  1 
ATOM   26  N  NE  . ARG A 1 4   ? -3.280  -7.946  -7.590  1.00 14.77 ? 161 ARG A NE  1 
ATOM   27  C  CZ  . ARG A 1 4   ? -3.398  -8.966  -6.749  1.00 15.09 ? 161 ARG A CZ  1 
ATOM   28  N  NH1 . ARG A 1 4   ? -4.597  -9.523  -6.539  1.00 15.61 ? 161 ARG A NH1 1 
ATOM   29  N  NH2 . ARG A 1 4   ? -2.349  -9.447  -6.089  1.00 15.96 ? 161 ARG A NH2 1 
ATOM   30  N  N   . LEU A 1 5   ? -3.996  -2.163  -6.739  1.00 12.11 ? 162 LEU A N   1 
ATOM   31  C  CA  . LEU A 1 5   ? -3.723  -1.330  -5.577  1.00 11.61 ? 162 LEU A CA  1 
ATOM   32  C  C   . LEU A 1 5   ? -4.621  -1.766  -4.425  1.00 12.01 ? 162 LEU A C   1 
ATOM   33  O  O   . LEU A 1 5   ? -5.826  -1.935  -4.614  1.00 12.12 ? 162 LEU A O   1 
ATOM   34  C  CB  . LEU A 1 5   ? -4.006  0.157   -5.853  1.00 11.37 ? 162 LEU A CB  1 
ATOM   35  C  CG  . LEU A 1 5   ? -3.722  1.119   -4.696  1.00 9.70  ? 162 LEU A CG  1 
ATOM   36  C  CD1 . LEU A 1 5   ? -2.246  1.053   -4.299  1.00 13.49 ? 162 LEU A CD1 1 
ATOM   37  C  CD2 . LEU A 1 5   ? -4.085  2.542   -5.086  1.00 12.30 ? 162 LEU A CD2 1 
ATOM   38  N  N   . PHE A 1 6   ? -4.039  -2.043  -3.270  1.00 9.33  ? 163 PHE A N   1 
ATOM   39  C  CA  . PHE A 1 6   ? -4.827  -2.394  -2.101  1.00 10.16 ? 163 PHE A CA  1 
ATOM   40  C  C   . PHE A 1 6   ? -4.739  -1.313  -1.015  1.00 12.27 ? 163 PHE A C   1 
ATOM   41  O  O   . PHE A 1 6   ? -3.665  -0.747  -0.807  1.00 13.34 ? 163 PHE A O   1 
ATOM   42  C  CB  . PHE A 1 6   ? -4.352  -3.678  -1.431  1.00 12.67 ? 163 PHE A CB  1 
ATOM   43  C  CG  . PHE A 1 6   ? -4.393  -4.942  -2.228  1.00 10.21 ? 163 PHE A CG  1 
ATOM   44  C  CD1 . PHE A 1 6   ? -3.527  -5.177  -3.276  1.00 11.81 ? 163 PHE A CD1 1 
ATOM   45  C  CD2 . PHE A 1 6   ? -5.306  -5.938  -1.888  1.00 14.21 ? 163 PHE A CD2 1 
ATOM   46  C  CE1 . PHE A 1 6   ? -3.576  -6.359  -3.989  1.00 13.78 ? 163 PHE A CE1 1 
ATOM   47  C  CE2 . PHE A 1 6   ? -5.351  -7.128  -2.584  1.00 16.73 ? 163 PHE A CE2 1 
ATOM   48  C  CZ  . PHE A 1 6   ? -4.484  -7.339  -3.637  1.00 18.73 ? 163 PHE A CZ  1 
ATOM   49  N  N   . GLN A 1 7   ? -5.870  -1.060  -0.379  1.00 11.00 ? 164 GLN A N   1 
ATOM   50  C  CA  . GLN A 1 7   ? -5.910  -0.161  0.772   1.00 10.34 ? 164 GLN A CA  1 
ATOM   51  C  C   . GLN A 1 7   ? -5.921  -1.089  1.995   1.00 12.60 ? 164 GLN A C   1 
ATOM   52  O  O   . GLN A 1 7   ? -6.782  -1.965  2.086   1.00 14.54 ? 164 GLN A O   1 
ATOM   53  C  CB  . GLN A 1 7   ? -7.146  0.736   0.768   1.00 10.62 ? 164 GLN A CB  1 
ATOM   54  C  CG  . GLN A 1 7   ? -7.319  1.516   2.069   1.00 13.54 ? 164 GLN A CG  1 
ATOM   55  C  CD  . GLN A 1 7   ? -8.340  2.624   1.977   1.00 15.50 ? 164 GLN A CD  1 
ATOM   56  O  OE1 . GLN A 1 7   ? -8.405  3.501   2.863   1.00 17.67 ? 164 GLN A OE1 1 
ATOM   57  N  NE2 . GLN A 1 7   ? -9.191  2.626   0.959   1.00 13.35 ? 164 GLN A NE2 1 
ATOM   58  N  N   . VAL A 1 8   ? -4.994  -0.867  2.911   1.00 12.83 ? 165 VAL A N   1 
ATOM   59  C  CA  . VAL A 1 8   ? -4.821  -1.691  4.116   1.00 11.77 ? 165 VAL A CA  1 
ATOM   60  C  C   . VAL A 1 8   ? -5.196  -0.761  5.279   1.00 13.02 ? 165 VAL A C   1 
ATOM   61  O  O   . VAL A 1 8   ? -4.491  0.201   5.595   1.00 12.97 ? 165 VAL A O   1 
ATOM   62  C  CB  . VAL A 1 8   ? -3.381  -2.217  4.199   1.00 11.78 ? 165 VAL A CB  1 
ATOM   63  C  CG1 . VAL A 1 8   ? -3.182  -3.091  5.439   1.00 15.60 ? 165 VAL A CG1 1 
ATOM   64  C  CG2 . VAL A 1 8   ? -3.017  -3.012  2.941   1.00 12.78 ? 165 VAL A CG2 1 
ATOM   65  N  N   . LYS A 1 9   ? -6.418  -0.993  5.760   1.00 13.53 ? 166 LYS A N   1 
ATOM   66  C  CA  . LYS A 1 9   ? -7.002  -0.139  6.785   1.00 13.85 ? 166 LYS A CA  1 
ATOM   67  C  C   . LYS A 1 9   ? -7.693  -0.864  7.943   1.00 14.87 ? 166 LYS A C   1 
ATOM   68  O  O   . LYS A 1 9   ? -8.458  -1.808  7.741   1.00 15.73 ? 166 LYS A O   1 
ATOM   69  C  CB  . LYS A 1 9   ? -8.076  0.712   6.094   1.00 11.06 ? 166 LYS A CB  1 
ATOM   70  C  CG  . LYS A 1 9   ? -8.779  1.726   6.991   1.00 12.00 ? 166 LYS A CG  1 
ATOM   71  C  CD  . LYS A 1 9   ? -9.805  2.542   6.202   1.00 13.62 ? 166 LYS A CD  1 
ATOM   72  C  CE  . LYS A 1 9   ? -10.350 3.658   7.107   1.00 15.75 ? 166 LYS A CE  1 
ATOM   73  N  NZ  . LYS A 1 9   ? -9.242  4.557   7.537   1.00 19.92 ? 166 LYS A NZ  1 
ATOM   74  N  N   . GLY A 1 10  ? -7.551  -0.257  9.117   1.00 14.85 ? 167 GLY A N   1 
ATOM   75  C  CA  . GLY A 1 10  ? -8.228  -0.756  10.301  1.00 18.33 ? 167 GLY A CA  1 
ATOM   76  C  C   . GLY A 1 10  ? -7.458  -0.596  11.598  1.00 19.78 ? 167 GLY A C   1 
ATOM   77  O  O   . GLY A 1 10  ? -6.303  -0.184  11.669  1.00 16.43 ? 167 GLY A O   1 
ATOM   78  N  N   . ARG A 1 11  ? -8.183  -0.886  12.678  1.00 24.00 ? 168 ARG A N   1 
ATOM   79  C  CA  . ARG A 1 11  ? -7.622  -0.877  14.024  1.00 28.30 ? 168 ARG A CA  1 
ATOM   80  C  C   . ARG A 1 11  ? -8.126  -2.144  14.724  1.00 31.24 ? 168 ARG A C   1 
ATOM   81  O  O   . ARG A 1 11  ? -7.363  -3.082  14.932  1.00 32.02 ? 168 ARG A O   1 
ATOM   82  C  CB  . ARG A 1 11  ? -7.968  0.375   14.824  1.00 32.45 ? 168 ARG A CB  1 
ATOM   83  C  CG  . ARG A 1 11  ? -7.393  0.289   16.243  1.00 35.96 ? 168 ARG A CG  1 
ATOM   84  C  CD  . ARG A 1 11  ? -6.963  1.648   16.751  1.00 34.59 ? 168 ARG A CD  1 
ATOM   85  N  NE  . ARG A 1 11  ? -6.355  1.602   18.074  1.00 37.62 ? 168 ARG A NE  1 
ATOM   86  N  N   . ARG A 1 12  ? -9.445  -2.184  14.926  1.00 33.43 ? 169 ARG A N   1 
ATOM   87  C  CA  . ARG A 1 12  ? -10.043 -3.376  15.533  1.00 34.72 ? 169 ARG A CA  1 
ATOM   88  C  C   . ARG A 1 12  ? -9.745  -4.551  14.603  1.00 35.93 ? 169 ARG A C   1 
ATOM   89  O  O   . ARG A 1 12  ? -9.133  -5.544  14.994  1.00 39.03 ? 169 ARG A O   1 
ATOM   90  C  CB  . ARG A 1 12  ? -11.547 -3.228  15.733  1.00 37.30 ? 169 ARG A CB  1 
ATOM   91  C  CG  . ARG A 1 12  ? -12.169 -4.405  16.477  1.00 36.56 ? 169 ARG A CG  1 
ATOM   92  N  N   . VAL A 1 13  ? -10.227 -4.442  13.370  1.00 34.50 ? 170 VAL A N   1 
ATOM   93  C  CA  . VAL A 1 13  ? -9.986  -5.469  12.356  1.00 32.27 ? 170 VAL A CA  1 
ATOM   94  C  C   . VAL A 1 13  ? -9.327  -4.773  11.159  1.00 28.90 ? 170 VAL A C   1 
ATOM   95  O  O   . VAL A 1 13  ? -9.862  -3.766  10.686  1.00 29.99 ? 170 VAL A O   1 
ATOM   96  C  CB  . VAL A 1 13  ? -11.229 -6.262  11.940  1.00 33.68 ? 170 VAL A CB  1 
ATOM   97  C  CG1 A VAL A 1 13  ? -12.387 -5.319  11.630  0.50 34.04 ? 170 VAL A CG1 1 
ATOM   98  C  CG1 B VAL A 1 13  ? -11.928 -6.926  13.122  0.50 34.76 ? 170 VAL A CG1 1 
ATOM   99  C  CG2 A VAL A 1 13  ? -10.965 -7.180  10.759  0.50 32.04 ? 170 VAL A CG2 1 
ATOM   100 C  CG2 B VAL A 1 13  ? -12.246 -5.413  11.186  0.50 35.68 ? 170 VAL A CG2 1 
ATOM   101 N  N   . VAL A 1 14  ? -8.154  -5.240  10.732  1.00 26.73 ? 171 VAL A N   1 
ATOM   102 C  CA  . VAL A 1 14  ? -7.518  -4.608  9.570   1.00 23.37 ? 171 VAL A CA  1 
ATOM   103 C  C   . VAL A 1 14  ? -7.871  -5.390  8.312   1.00 23.06 ? 171 VAL A C   1 
ATOM   104 O  O   . VAL A 1 14  ? -7.741  -6.617  8.313   1.00 23.18 ? 171 VAL A O   1 
ATOM   105 C  CB  . VAL A 1 14  ? -5.992  -4.504  9.680   1.00 23.29 ? 171 VAL A CB  1 
ATOM   106 C  CG1 . VAL A 1 14  ? -5.404  -3.817  8.447   1.00 23.00 ? 171 VAL A CG1 1 
ATOM   107 C  CG2 . VAL A 1 14  ? -5.590  -3.721  10.921  1.00 26.24 ? 171 VAL A CG2 1 
ATOM   108 N  N   . ARG A 1 15  ? -8.334  -4.702  7.275   1.00 20.06 ? 172 ARG A N   1 
ATOM   109 C  CA  . ARG A 1 15  ? -8.684  -5.392  6.034   1.00 19.53 ? 172 ARG A CA  1 
ATOM   110 C  C   . ARG A 1 15  ? -7.874  -4.818  4.889   1.00 18.25 ? 172 ARG A C   1 
ATOM   111 O  O   . ARG A 1 15  ? -7.525  -3.635  4.930   1.00 19.08 ? 172 ARG A O   1 
ATOM   112 C  CB  . ARG A 1 15  ? -10.166 -5.204  5.701   1.00 21.21 ? 172 ARG A CB  1 
ATOM   113 C  CG  . ARG A 1 15  ? -11.092 -5.890  6.696   1.00 26.93 ? 172 ARG A CG  1 
ATOM   114 C  CD  . ARG A 1 15  ? -12.557 -5.621  6.358   1.00 30.59 ? 172 ARG A CD  1 
ATOM   115 N  NE  . ARG A 1 15  ? -13.402 -5.987  7.506   1.00 37.13 ? 172 ARG A NE  1 
ATOM   116 C  CZ  . ARG A 1 15  ? -13.662 -7.245  7.844   1.00 39.12 ? 172 ARG A CZ  1 
ATOM   117 N  NH1 . ARG A 1 15  ? -14.428 -7.513  8.894   1.00 41.48 ? 172 ARG A NH1 1 
ATOM   118 N  NH2 . ARG A 1 15  ? -13.185 -8.257  7.127   1.00 43.12 ? 172 ARG A NH2 1 
ATOM   119 N  N   . ALA A 1 16  ? -7.545  -5.628  3.894   1.00 16.71 ? 173 ALA A N   1 
ATOM   120 C  CA  . ALA A 1 16  ? -6.828  -5.137  2.717   1.00 16.66 ? 173 ALA A CA  1 
ATOM   121 C  C   . ALA A 1 16  ? -7.865  -5.261  1.604   1.00 16.84 ? 173 ALA A C   1 
ATOM   122 O  O   . ALA A 1 16  ? -8.329  -6.383  1.392   1.00 18.05 ? 173 ALA A O   1 
ATOM   123 C  CB  . ALA A 1 16  ? -5.609  -6.004  2.410   1.00 15.58 ? 173 ALA A CB  1 
ATOM   124 N  N   . THR A 1 17  ? -8.224  -4.179  0.952   1.00 16.23 ? 174 THR A N   1 
ATOM   125 C  CA  . THR A 1 17  ? -9.229  -4.188  -0.099  1.00 17.72 ? 174 THR A CA  1 
ATOM   126 C  C   . THR A 1 17  ? -8.752  -3.467  -1.353  1.00 16.26 ? 174 THR A C   1 
ATOM   127 O  O   . THR A 1 17  ? -8.157  -2.392  -1.269  1.00 14.12 ? 174 THR A O   1 
ATOM   128 C  CB  . THR A 1 17  ? -10.513 -3.486  0.385   1.00 23.02 ? 174 THR A CB  1 
ATOM   129 O  OG1 . THR A 1 17  ? -10.870 -3.949  1.701   1.00 25.14 ? 174 THR A OG1 1 
ATOM   130 C  CG2 . THR A 1 17  ? -11.654 -3.751  -0.588  1.00 23.04 ? 174 THR A CG2 1 
ATOM   131 N  N   . GLU A 1 18  ? -9.015  -4.079  -2.508  1.00 14.37 ? 175 GLU A N   1 
ATOM   132 C  CA  . GLU A 1 18  ? -8.623  -3.452  -3.766  1.00 15.14 ? 175 GLU A CA  1 
ATOM   133 C  C   . GLU A 1 18  ? -9.434  -2.194  -4.040  1.00 14.34 ? 175 GLU A C   1 
ATOM   134 O  O   . GLU A 1 18  ? -10.637 -2.108  -3.787  1.00 15.01 ? 175 GLU A O   1 
ATOM   135 C  CB  . GLU A 1 18  ? -8.756  -4.411  -4.951  1.00 15.29 ? 175 GLU A CB  1 
ATOM   136 C  CG  . GLU A 1 18  ? -7.539  -5.304  -5.072  1.00 16.20 ? 175 GLU A CG  1 
ATOM   137 C  CD  . GLU A 1 18  ? -7.523  -6.069  -6.382  1.00 18.90 ? 175 GLU A CD  1 
ATOM   138 O  OE1 . GLU A 1 18  ? -7.746  -7.302  -6.297  1.00 20.53 ? 175 GLU A OE1 1 
ATOM   139 O  OE2 . GLU A 1 18  ? -7.268  -5.475  -7.445  1.00 19.10 ? 175 GLU A OE2 1 
ATOM   140 N  N   . VAL A 1 19  ? -8.725  -1.162  -4.471  1.00 13.13 ? 176 VAL A N   1 
ATOM   141 C  CA  . VAL A 1 19  ? -9.251  0.160   -4.797  1.00 14.59 ? 176 VAL A CA  1 
ATOM   142 C  C   . VAL A 1 19  ? -8.702  0.573   -6.155  1.00 15.31 ? 176 VAL A C   1 
ATOM   143 O  O   . VAL A 1 19  ? -7.793  -0.055  -6.707  1.00 15.09 ? 176 VAL A O   1 
ATOM   144 C  CB  . VAL A 1 19  ? -8.866  1.188   -3.719  1.00 13.34 ? 176 VAL A CB  1 
ATOM   145 C  CG1 . VAL A 1 19  ? -9.560  0.868   -2.396  1.00 14.77 ? 176 VAL A CG1 1 
ATOM   146 C  CG2 . VAL A 1 19  ? -7.357  1.209   -3.533  1.00 12.76 ? 176 VAL A CG2 1 
ATOM   147 N  N   . PRO A 1 20  ? -9.241  1.623   -6.758  1.00 15.54 ? 177 PRO A N   1 
ATOM   148 C  CA  . PRO A 1 20  ? -8.781  2.073   -8.064  1.00 16.70 ? 177 PRO A CA  1 
ATOM   149 C  C   . PRO A 1 20  ? -7.301  2.420   -8.032  1.00 14.75 ? 177 PRO A C   1 
ATOM   150 O  O   . PRO A 1 20  ? -6.847  2.981   -7.025  1.00 15.63 ? 177 PRO A O   1 
ATOM   151 C  CB  . PRO A 1 20  ? -9.661  3.283   -8.363  1.00 16.92 ? 177 PRO A CB  1 
ATOM   152 C  CG  . PRO A 1 20  ? -10.902 3.013   -7.584  1.00 16.74 ? 177 PRO A CG  1 
ATOM   153 C  CD  . PRO A 1 20  ? -10.387 2.433   -6.276  1.00 16.30 ? 177 PRO A CD  1 
ATOM   154 N  N   . VAL A 1 21  ? -6.593  2.045   -9.089  1.00 16.23 ? 178 VAL A N   1 
ATOM   155 C  CA  . VAL A 1 21  ? -5.152  2.308   -9.171  1.00 14.28 ? 178 VAL A CA  1 
ATOM   156 C  C   . VAL A 1 21  ? -4.950  3.782   -9.499  1.00 14.51 ? 178 VAL A C   1 
ATOM   157 O  O   . VAL A 1 21  ? -4.938  4.196   -10.661 1.00 15.75 ? 178 VAL A O   1 
ATOM   158 C  CB  . VAL A 1 21  ? -4.427  1.412   -10.184 1.00 15.40 ? 178 VAL A CB  1 
ATOM   159 C  CG1 . VAL A 1 21  ? -2.943  1.758   -10.286 1.00 14.21 ? 178 VAL A CG1 1 
ATOM   160 C  CG2 . VAL A 1 21  ? -4.567  -0.061  -9.826  1.00 17.02 ? 178 VAL A CG2 1 
ATOM   161 N  N   . SER A 1 22  ? -4.838  4.597   -8.462  1.00 13.42 ? 179 SER A N   1 
ATOM   162 C  CA  . SER A 1 22  ? -4.681  6.032   -8.576  1.00 14.19 ? 179 SER A CA  1 
ATOM   163 C  C   . SER A 1 22  ? -4.207  6.642   -7.270  1.00 14.56 ? 179 SER A C   1 
ATOM   164 O  O   . SER A 1 22  ? -4.554  6.157   -6.193  1.00 14.32 ? 179 SER A O   1 
ATOM   165 C  CB  . SER A 1 22  ? -6.069  6.652   -8.848  1.00 15.07 ? 179 SER A CB  1 
ATOM   166 O  OG  . SER A 1 22  ? -6.073  8.073   -8.704  1.00 15.85 ? 179 SER A OG  1 
ATOM   167 N  N   . TRP A 1 23  ? -3.510  7.779   -7.342  1.00 14.17 ? 180 TRP A N   1 
ATOM   168 C  CA  . TRP A 1 23  ? -3.118  8.472   -6.124  1.00 14.81 ? 180 TRP A CA  1 
ATOM   169 C  C   . TRP A 1 23  ? -4.356  8.932   -5.357  1.00 13.09 ? 180 TRP A C   1 
ATOM   170 O  O   . TRP A 1 23  ? -4.294  9.168   -4.153  1.00 13.81 ? 180 TRP A O   1 
ATOM   171 C  CB  . TRP A 1 23  ? -2.275  9.730   -6.362  1.00 14.50 ? 180 TRP A CB  1 
ATOM   172 C  CG  . TRP A 1 23  ? -0.826  9.482   -6.640  1.00 16.20 ? 180 TRP A CG  1 
ATOM   173 C  CD1 . TRP A 1 23  ? -0.151  9.787   -7.785  1.00 14.20 ? 180 TRP A CD1 1 
ATOM   174 C  CD2 . TRP A 1 23  ? 0.139   8.901   -5.750  1.00 18.71 ? 180 TRP A CD2 1 
ATOM   175 N  NE1 . TRP A 1 23  ? 1.162   9.395   -7.683  1.00 13.76 ? 180 TRP A NE1 1 
ATOM   176 C  CE2 . TRP A 1 23  ? 1.367   8.864   -6.434  1.00 16.81 ? 180 TRP A CE2 1 
ATOM   177 C  CE3 . TRP A 1 23  ? 0.066   8.397   -4.442  1.00 18.84 ? 180 TRP A CE3 1 
ATOM   178 C  CZ2 . TRP A 1 23  ? 2.526   8.346   -5.851  1.00 22.17 ? 180 TRP A CZ2 1 
ATOM   179 C  CZ3 . TRP A 1 23  ? 1.219   7.886   -3.876  1.00 21.69 ? 180 TRP A CZ3 1 
ATOM   180 C  CH2 . TRP A 1 23  ? 2.428   7.875   -4.575  1.00 21.10 ? 180 TRP A CH2 1 
ATOM   181 N  N   . GLU A 1 24  ? -5.513  9.119   -6.002  1.00 14.16 ? 181 GLU A N   1 
ATOM   182 C  CA  . GLU A 1 24  ? -6.738  9.535   -5.359  1.00 15.49 ? 181 GLU A CA  1 
ATOM   183 C  C   . GLU A 1 24  ? -7.253  8.526   -4.337  1.00 14.74 ? 181 GLU A C   1 
ATOM   184 O  O   . GLU A 1 24  ? -8.077  8.857   -3.482  1.00 16.38 ? 181 GLU A O   1 
ATOM   185 C  CB  . GLU A 1 24  ? -7.837  9.876   -6.377  1.00 16.38 ? 181 GLU A CB  1 
ATOM   186 C  CG  . GLU A 1 24  ? -7.445  11.036  -7.284  1.00 24.79 ? 181 GLU A CG  1 
ATOM   187 C  CD  . GLU A 1 24  ? -7.481  12.387  -6.612  1.00 23.84 ? 181 GLU A CD  1 
ATOM   188 O  OE1 . GLU A 1 24  ? -6.924  13.321  -7.241  1.00 32.19 ? 181 GLU A OE1 1 
ATOM   189 O  OE2 . GLU A 1 24  ? -8.021  12.555  -5.499  1.00 24.91 ? 181 GLU A OE2 1 
ATOM   190 N  N   . SER A 1 25  ? -6.781  7.279   -4.417  1.00 13.89 ? 182 SER A N   1 
ATOM   191 C  CA  . SER A 1 25  ? -7.154  6.270   -3.435  1.00 13.29 ? 182 SER A CA  1 
ATOM   192 C  C   . SER A 1 25  ? -6.322  6.386   -2.162  1.00 13.79 ? 182 SER A C   1 
ATOM   193 O  O   . SER A 1 25  ? -6.702  5.863   -1.117  1.00 15.06 ? 182 SER A O   1 
ATOM   194 C  CB  . SER A 1 25  ? -6.937  4.870   -4.000  1.00 13.12 ? 182 SER A CB  1 
ATOM   195 O  OG  . SER A 1 25  ? -7.867  4.568   -5.024  1.00 13.70 ? 182 SER A OG  1 
ATOM   196 N  N   . PHE A 1 26  ? -5.159  7.025   -2.267  1.00 12.91 ? 183 PHE A N   1 
ATOM   197 C  CA  . PHE A 1 26  ? -4.264  7.134   -1.117  1.00 13.02 ? 183 PHE A CA  1 
ATOM   198 C  C   . PHE A 1 26  ? -4.690  8.207   -0.109  1.00 15.28 ? 183 PHE A C   1 
ATOM   199 O  O   . PHE A 1 26  ? -5.461  9.125   -0.389  1.00 16.75 ? 183 PHE A O   1 
ATOM   200 C  CB  . PHE A 1 26  ? -2.845  7.472   -1.568  1.00 11.79 ? 183 PHE A CB  1 
ATOM   201 C  CG  . PHE A 1 26  ? -2.032  6.370   -2.193  1.00 12.29 ? 183 PHE A CG  1 
ATOM   202 C  CD1 . PHE A 1 26  ? -0.902  5.900   -1.541  1.00 12.29 ? 183 PHE A CD1 1 
ATOM   203 C  CD2 . PHE A 1 26  ? -2.365  5.821   -3.418  1.00 10.71 ? 183 PHE A CD2 1 
ATOM   204 C  CE1 . PHE A 1 26  ? -0.102  4.921   -2.116  1.00 12.22 ? 183 PHE A CE1 1 
ATOM   205 C  CE2 . PHE A 1 26  ? -1.578  4.838   -3.992  1.00 11.52 ? 183 PHE A CE2 1 
ATOM   206 C  CZ  . PHE A 1 26  ? -0.452  4.360   -3.327  1.00 12.34 ? 183 PHE A CZ  1 
ATOM   207 N  N   . ASN A 1 27  ? -4.192  8.013   1.101   1.00 14.24 ? 184 ASN A N   1 
ATOM   208 C  CA  . ASN A 1 27  ? -4.388  8.956   2.206   1.00 14.05 ? 184 ASN A CA  1 
ATOM   209 C  C   . ASN A 1 27  ? -3.209  8.751   3.154   1.00 14.93 ? 184 ASN A C   1 
ATOM   210 O  O   . ASN A 1 27  ? -2.515  7.730   3.102   1.00 15.71 ? 184 ASN A O   1 
ATOM   211 C  CB  . ASN A 1 27  ? -5.741  8.818   2.882   1.00 12.75 ? 184 ASN A CB  1 
ATOM   212 C  CG  . ASN A 1 27  ? -5.901  7.538   3.662   1.00 12.07 ? 184 ASN A CG  1 
ATOM   213 O  OD1 . ASN A 1 27  ? -5.187  7.306   4.636   1.00 16.06 ? 184 ASN A OD1 1 
ATOM   214 N  ND2 . ASN A 1 27  ? -6.856  6.704   3.252   1.00 14.91 ? 184 ASN A ND2 1 
ATOM   215 N  N   . ASN A 1 28  ? -2.982  9.723   4.042   1.00 14.22 ? 185 ASN A N   1 
ATOM   216 C  CA  . ASN A 1 28  ? -1.843  9.612   4.957   1.00 15.68 ? 185 ASN A CA  1 
ATOM   217 C  C   . ASN A 1 28  ? -2.118  8.830   6.222   1.00 14.53 ? 185 ASN A C   1 
ATOM   218 O  O   . ASN A 1 28  ? -1.250  8.748   7.106   1.00 16.25 ? 185 ASN A O   1 
ATOM   219 C  CB  . ASN A 1 28  ? -1.403  11.043  5.339   1.00 17.53 ? 185 ASN A CB  1 
ATOM   220 C  CG  . ASN A 1 28  ? -0.830  11.823  4.178   1.00 29.05 ? 185 ASN A CG  1 
ATOM   221 O  OD1 . ASN A 1 28  ? -0.927  13.052  4.118   1.00 35.61 ? 185 ASN A OD1 1 
ATOM   222 N  ND2 . ASN A 1 28  ? -0.209  11.136  3.224   1.00 33.27 ? 185 ASN A ND2 1 
ATOM   223 N  N   . GLY A 1 29  ? -3.277  8.197   6.375   1.00 13.75 ? 186 GLY A N   1 
ATOM   224 C  CA  . GLY A 1 29  ? -3.618  7.490   7.585   1.00 13.88 ? 186 GLY A CA  1 
ATOM   225 C  C   . GLY A 1 29  ? -3.618  5.976   7.569   1.00 12.38 ? 186 GLY A C   1 
ATOM   226 O  O   . GLY A 1 29  ? -3.861  5.313   8.587   1.00 13.79 ? 186 GLY A O   1 
ATOM   227 N  N   . ASP A 1 30  ? -3.508  5.419   6.366   1.00 14.03 ? 187 ASP A N   1 
ATOM   228 C  CA  . ASP A 1 30  ? -3.530  3.978   6.133   1.00 11.89 ? 187 ASP A CA  1 
ATOM   229 C  C   . ASP A 1 30  ? -2.283  3.535   5.367   1.00 13.02 ? 187 ASP A C   1 
ATOM   230 O  O   . ASP A 1 30  ? -1.405  4.344   5.028   1.00 13.24 ? 187 ASP A O   1 
ATOM   231 C  CB  . ASP A 1 30  ? -4.775  3.649   5.265   1.00 13.08 ? 187 ASP A CB  1 
ATOM   232 C  CG  . ASP A 1 30  ? -6.084  4.087   5.889   1.00 16.81 ? 187 ASP A CG  1 
ATOM   233 O  OD1 . ASP A 1 30  ? -6.188  4.191   7.119   1.00 14.28 ? 187 ASP A OD1 1 
ATOM   234 O  OD2 . ASP A 1 30  ? -7.057  4.368   5.168   1.00 13.59 ? 187 ASP A OD2 1 
ATOM   235 N  N   . CYS A 1 31  ? -2.233  2.237   5.044   1.00 13.05 ? 188 CYS A N   1 
ATOM   236 C  CA  . CYS A 1 31  ? -1.168  1.688   4.212   1.00 12.59 ? 188 CYS A CA  1 
ATOM   237 C  C   . CYS A 1 31  ? -1.761  1.226   2.880   1.00 11.97 ? 188 CYS A C   1 
ATOM   238 O  O   . CYS A 1 31  ? -2.970  1.032   2.755   1.00 12.31 ? 188 CYS A O   1 
ATOM   239 C  CB  . CYS A 1 31  ? -0.451  0.491   4.840   1.00 14.59 ? 188 CYS A CB  1 
ATOM   240 S  SG  . CYS A 1 31  ? 0.473   0.935   6.328   1.00 14.33 ? 188 CYS A SG  1 
ATOM   241 N  N   . PHE A 1 32  ? -0.928  1.197   1.843   1.00 11.75 ? 189 PHE A N   1 
ATOM   242 C  CA  . PHE A 1 32  ? -1.307  0.857   0.480   1.00 12.81 ? 189 PHE A CA  1 
ATOM   243 C  C   . PHE A 1 32  ? -0.302  -0.089  -0.160  1.00 12.28 ? 189 PHE A C   1 
ATOM   244 O  O   . PHE A 1 32  ? 0.907   -0.068  0.103   1.00 14.12 ? 189 PHE A O   1 
ATOM   245 C  CB  . PHE A 1 32  ? -1.448  2.140   -0.393  1.00 13.54 ? 189 PHE A CB  1 
ATOM   246 C  CG  . PHE A 1 32  ? -2.643  2.955   0.060   1.00 11.18 ? 189 PHE A CG  1 
ATOM   247 C  CD1 . PHE A 1 32  ? -2.488  3.891   1.072   1.00 13.50 ? 189 PHE A CD1 1 
ATOM   248 C  CD2 . PHE A 1 32  ? -3.909  2.745   -0.455  1.00 12.01 ? 189 PHE A CD2 1 
ATOM   249 C  CE1 . PHE A 1 32  ? -3.547  4.589   1.611   1.00 10.79 ? 189 PHE A CE1 1 
ATOM   250 C  CE2 . PHE A 1 32  ? -4.969  3.492   0.038   1.00 12.26 ? 189 PHE A CE2 1 
ATOM   251 C  CZ  . PHE A 1 32  ? -4.813  4.396   1.062   1.00 13.06 ? 189 PHE A CZ  1 
ATOM   252 N  N   . ILE A 1 33  ? -0.807  -1.003  -0.994  1.00 10.34 ? 190 ILE A N   1 
ATOM   253 C  CA  . ILE A 1 33  ? 0.115   -1.947  -1.660  1.00 11.60 ? 190 ILE A CA  1 
ATOM   254 C  C   . ILE A 1 33  ? -0.101  -1.853  -3.165  1.00 11.97 ? 190 ILE A C   1 
ATOM   255 O  O   . ILE A 1 33  ? -1.171  -2.191  -3.676  1.00 12.34 ? 190 ILE A O   1 
ATOM   256 C  CB  . ILE A 1 33  ? -0.131  -3.393  -1.191  1.00 11.71 ? 190 ILE A CB  1 
ATOM   257 C  CG1 . ILE A 1 33  ? 0.035   -3.575  0.316   1.00 15.69 ? 190 ILE A CG1 1 
ATOM   258 C  CG2 . ILE A 1 33  ? 0.784   -4.352  -1.948  1.00 12.55 ? 190 ILE A CG2 1 
ATOM   259 C  CD1 A ILE A 1 33  ? 1.394   -3.292  0.897   0.50 20.13 ? 190 ILE A CD1 1 
ATOM   260 C  CD1 B ILE A 1 33  ? -0.441  -4.882  0.870   0.50 13.83 ? 190 ILE A CD1 1 
ATOM   261 N  N   . LEU A 1 34  ? 0.882   -1.282  -3.853  1.00 12.05 ? 191 LEU A N   1 
ATOM   262 C  CA  . LEU A 1 34  ? 0.798   -1.170  -5.309  1.00 11.96 ? 191 LEU A CA  1 
ATOM   263 C  C   . LEU A 1 34  ? 1.519   -2.381  -5.895  1.00 12.83 ? 191 LEU A C   1 
ATOM   264 O  O   . LEU A 1 34  ? 2.746   -2.494  -5.881  1.00 12.84 ? 191 LEU A O   1 
ATOM   265 C  CB  . LEU A 1 34  ? 1.413   0.124   -5.818  1.00 10.65 ? 191 LEU A CB  1 
ATOM   266 C  CG  . LEU A 1 34  ? 1.447   0.304   -7.334  1.00 10.89 ? 191 LEU A CG  1 
ATOM   267 C  CD1 . LEU A 1 34  ? 0.057   0.545   -7.898  1.00 14.28 ? 191 LEU A CD1 1 
ATOM   268 C  CD2 . LEU A 1 34  ? 2.353   1.485   -7.700  1.00 13.86 ? 191 LEU A CD2 1 
ATOM   269 N  N   . ASP A 1 35  ? 0.720   -3.309  -6.392  1.00 13.00 ? 192 ASP A N   1 
ATOM   270 C  CA  . ASP A 1 35  ? 1.228   -4.546  -6.967  1.00 14.94 ? 192 ASP A CA  1 
ATOM   271 C  C   . ASP A 1 35  ? 1.469   -4.397  -8.461  1.00 13.65 ? 192 ASP A C   1 
ATOM   272 O  O   . ASP A 1 35  ? 0.534   -4.228  -9.228  1.00 14.41 ? 192 ASP A O   1 
ATOM   273 C  CB  . ASP A 1 35  ? 0.179   -5.640  -6.714  1.00 13.27 ? 192 ASP A CB  1 
ATOM   274 C  CG  . ASP A 1 35  ? 0.553   -6.982  -7.303  1.00 17.15 ? 192 ASP A CG  1 
ATOM   275 O  OD1 . ASP A 1 35  ? 1.724   -7.149  -7.689  1.00 14.77 ? 192 ASP A OD1 1 
ATOM   276 O  OD2 . ASP A 1 35  ? -0.352  -7.854  -7.344  1.00 16.22 ? 192 ASP A OD2 1 
ATOM   277 N  N   . LEU A 1 36  ? 2.739   -4.455  -8.845  1.00 12.96 ? 193 LEU A N   1 
ATOM   278 C  CA  . LEU A 1 36  ? 3.164   -4.329  -10.226 1.00 15.43 ? 193 LEU A CA  1 
ATOM   279 C  C   . LEU A 1 36  ? 3.720   -5.629  -10.794 1.00 18.63 ? 193 LEU A C   1 
ATOM   280 O  O   . LEU A 1 36  ? 4.559   -5.582  -11.703 1.00 20.67 ? 193 LEU A O   1 
ATOM   281 C  CB  . LEU A 1 36  ? 4.192   -3.194  -10.367 1.00 16.10 ? 193 LEU A CB  1 
ATOM   282 C  CG  . LEU A 1 36  ? 3.748   -1.822  -9.853  1.00 14.80 ? 193 LEU A CG  1 
ATOM   283 C  CD1 . LEU A 1 36  ? 4.871   -0.798  -10.030 1.00 15.70 ? 193 LEU A CD1 1 
ATOM   284 C  CD2 . LEU A 1 36  ? 2.486   -1.340  -10.541 1.00 15.96 ? 193 LEU A CD2 1 
ATOM   285 N  N   . GLY A 1 37  ? 3.328   -6.758  -10.220 1.00 18.24 ? 194 GLY A N   1 
ATOM   286 C  CA  . GLY A 1 37  ? 3.742   -8.061  -10.744 1.00 18.83 ? 194 GLY A CA  1 
ATOM   287 C  C   . GLY A 1 37  ? 5.069   -8.544  -10.186 1.00 17.10 ? 194 GLY A C   1 
ATOM   288 O  O   . GLY A 1 37  ? 5.147   -9.151  -9.126  1.00 17.66 ? 194 GLY A O   1 
ATOM   289 N  N   . ASN A 1 38  ? 6.159   -8.182  -10.885 1.00 17.90 ? 195 ASN A N   1 
ATOM   290 C  CA  . ASN A 1 38  ? 7.490   -8.551  -10.436 1.00 19.02 ? 195 ASN A CA  1 
ATOM   291 C  C   . ASN A 1 38  ? 7.976   -7.674  -9.291  1.00 18.62 ? 195 ASN A C   1 
ATOM   292 O  O   . ASN A 1 38  ? 8.946   -7.998  -8.608  1.00 18.35 ? 195 ASN A O   1 
ATOM   293 C  CB  . ASN A 1 38  ? 8.533   -8.464  -11.569 1.00 23.04 ? 195 ASN A CB  1 
ATOM   294 C  CG  . ASN A 1 38  ? 8.219   -9.402  -12.714 1.00 31.68 ? 195 ASN A CG  1 
ATOM   295 O  OD1 . ASN A 1 38  ? 7.645   -10.469 -12.495 1.00 31.51 ? 195 ASN A OD1 1 
ATOM   296 N  ND2 . ASN A 1 38  ? 8.593   -9.001  -13.921 1.00 35.09 ? 195 ASN A ND2 1 
ATOM   297 N  N   . ASN A 1 39  ? 7.323   -6.536  -9.066  1.00 16.72 ? 196 ASN A N   1 
ATOM   298 C  CA  . ASN A 1 39  ? 7.664   -5.624  -7.987  1.00 16.48 ? 196 ASN A CA  1 
ATOM   299 C  C   . ASN A 1 39  ? 6.378   -5.246  -7.241  1.00 13.48 ? 196 ASN A C   1 
ATOM   300 O  O   . ASN A 1 39  ? 5.374   -4.968  -7.889  1.00 15.42 ? 196 ASN A O   1 
ATOM   301 C  CB  . ASN A 1 39  ? 8.310   -4.329  -8.488  1.00 17.05 ? 196 ASN A CB  1 
ATOM   302 C  CG  . ASN A 1 39  ? 9.646   -4.654  -9.175  1.00 18.90 ? 196 ASN A CG  1 
ATOM   303 O  OD1 . ASN A 1 39  ? 10.592  -4.854  -8.433  1.00 20.36 ? 196 ASN A OD1 1 
ATOM   304 N  ND2 . ASN A 1 39  ? 9.649   -4.807  -10.479 1.00 22.15 ? 196 ASN A ND2 1 
ATOM   305 N  N   . ILE A 1 40  ? 6.459   -5.242  -5.919  1.00 14.71 ? 197 ILE A N   1 
ATOM   306 C  CA  . ILE A 1 40  ? 5.312   -4.952  -5.051  1.00 14.00 ? 197 ILE A CA  1 
ATOM   307 C  C   . ILE A 1 40  ? 5.704   -3.806  -4.128  1.00 16.56 ? 197 ILE A C   1 
ATOM   308 O  O   . ILE A 1 40  ? 6.688   -3.947  -3.381  1.00 17.15 ? 197 ILE A O   1 
ATOM   309 C  CB  . ILE A 1 40  ? 4.930   -6.210  -4.256  1.00 12.47 ? 197 ILE A CB  1 
ATOM   310 C  CG1 . ILE A 1 40  ? 4.542   -7.363  -5.202  1.00 14.19 ? 197 ILE A CG1 1 
ATOM   311 C  CG2 . ILE A 1 40  ? 3.792   -5.893  -3.289  1.00 15.39 ? 197 ILE A CG2 1 
ATOM   312 C  CD1 . ILE A 1 40  ? 4.587   -8.705  -4.488  1.00 13.56 ? 197 ILE A CD1 1 
ATOM   313 N  N   . HIS A 1 41  ? 4.964   -2.711  -4.193  1.00 14.44 ? 198 HIS A N   1 
ATOM   314 C  CA  . HIS A 1 41  ? 5.280   -1.544  -3.370  1.00 14.57 ? 198 HIS A CA  1 
ATOM   315 C  C   . HIS A 1 41  ? 4.392   -1.355  -2.149  1.00 14.56 ? 198 HIS A C   1 
ATOM   316 O  O   . HIS A 1 41  ? 3.231   -0.960  -2.248  1.00 17.46 ? 198 HIS A O   1 
ATOM   317 C  CB  . HIS A 1 41  ? 5.182   -0.275  -4.242  1.00 13.71 ? 198 HIS A CB  1 
ATOM   318 C  CG  . HIS A 1 41  ? 6.306   -0.270  -5.236  1.00 15.78 ? 198 HIS A CG  1 
ATOM   319 N  ND1 . HIS A 1 41  ? 7.544   0.284   -4.958  1.00 16.82 ? 198 HIS A ND1 1 
ATOM   320 C  CD2 . HIS A 1 41  ? 6.374   -0.820  -6.475  1.00 16.05 ? 198 HIS A CD2 1 
ATOM   321 C  CE1 . HIS A 1 41  ? 8.314   0.066   -6.007  1.00 17.45 ? 198 HIS A CE1 1 
ATOM   322 N  NE2 . HIS A 1 41  ? 7.643   -0.562  -6.949  1.00 20.60 ? 198 HIS A NE2 1 
ATOM   323 N  N   . GLN A 1 42  ? 4.994   -1.562  -0.983  1.00 12.17 ? 199 GLN A N   1 
ATOM   324 C  CA  . GLN A 1 42  ? 4.297   -1.379  0.285   1.00 12.69 ? 199 GLN A CA  1 
ATOM   325 C  C   . GLN A 1 42  ? 4.531   0.047   0.780   1.00 16.46 ? 199 GLN A C   1 
ATOM   326 O  O   . GLN A 1 42  ? 5.661   0.340   1.184   1.00 18.33 ? 199 GLN A O   1 
ATOM   327 C  CB  . GLN A 1 42  ? 4.807   -2.389  1.310   1.00 17.43 ? 199 GLN A CB  1 
ATOM   328 C  CG  . GLN A 1 42  ? 4.163   -2.246  2.680   1.00 20.43 ? 199 GLN A CG  1 
ATOM   329 C  CD  . GLN A 1 42  ? 4.681   -3.337  3.616   1.00 21.75 ? 199 GLN A CD  1 
ATOM   330 O  OE1 . GLN A 1 42  ? 4.904   -4.466  3.187   1.00 28.26 ? 199 GLN A OE1 1 
ATOM   331 N  NE2 . GLN A 1 42  ? 4.861   -2.957  4.866   1.00 23.89 ? 199 GLN A NE2 1 
ATOM   332 N  N   . TRP A 1 43  ? 3.502   0.878   0.769   1.00 13.95 ? 200 TRP A N   1 
ATOM   333 C  CA  . TRP A 1 43  ? 3.626   2.262   1.207   1.00 13.28 ? 200 TRP A CA  1 
ATOM   334 C  C   . TRP A 1 43  ? 2.767   2.536   2.424   1.00 16.32 ? 200 TRP A C   1 
ATOM   335 O  O   . TRP A 1 43  ? 1.616   2.111   2.466   1.00 15.90 ? 200 TRP A O   1 
ATOM   336 C  CB  . TRP A 1 43  ? 3.174   3.150   0.051   1.00 14.55 ? 200 TRP A CB  1 
ATOM   337 C  CG  . TRP A 1 43  ? 3.219   4.629   0.241   1.00 13.26 ? 200 TRP A CG  1 
ATOM   338 C  CD1 . TRP A 1 43  ? 4.195   5.467   -0.223  1.00 15.22 ? 200 TRP A CD1 1 
ATOM   339 C  CD2 . TRP A 1 43  ? 2.236   5.464   0.866   1.00 16.31 ? 200 TRP A CD2 1 
ATOM   340 N  NE1 . TRP A 1 43  ? 3.890   6.767   0.105   1.00 17.82 ? 200 TRP A NE1 1 
ATOM   341 C  CE2 . TRP A 1 43  ? 2.691   6.789   0.770   1.00 16.06 ? 200 TRP A CE2 1 
ATOM   342 C  CE3 . TRP A 1 43  ? 1.019   5.207   1.515   1.00 13.61 ? 200 TRP A CE3 1 
ATOM   343 C  CZ2 . TRP A 1 43  ? 1.986   7.868   1.302   1.00 16.89 ? 200 TRP A CZ2 1 
ATOM   344 C  CZ3 . TRP A 1 43  ? 0.315   6.277   2.039   1.00 14.26 ? 200 TRP A CZ3 1 
ATOM   345 C  CH2 . TRP A 1 43  ? 0.810   7.590   1.929   1.00 13.71 ? 200 TRP A CH2 1 
ATOM   346 N  N   . CYS A 1 44  ? 3.358   3.173   3.443   1.00 15.25 ? 201 CYS A N   1 
ATOM   347 C  CA  . CYS A 1 44  ? 2.539   3.462   4.632   1.00 16.41 ? 201 CYS A CA  1 
ATOM   348 C  C   . CYS A 1 44  ? 2.484   4.952   4.919   1.00 18.53 ? 201 CYS A C   1 
ATOM   349 O  O   . CYS A 1 44  ? 3.490   5.668   4.828   1.00 17.91 ? 201 CYS A O   1 
ATOM   350 C  CB  . CYS A 1 44  ? 2.980   2.649   5.842   1.00 15.15 ? 201 CYS A CB  1 
ATOM   351 S  SG  . CYS A 1 44  ? 2.452   0.921   5.740   1.00 20.03 ? 201 CYS A SG  1 
ATOM   352 N  N   . GLY A 1 45  ? 1.282   5.423   5.246   1.00 17.76 ? 202 GLY A N   1 
ATOM   353 C  CA  . GLY A 1 45  ? 1.101   6.848   5.515   1.00 17.22 ? 202 GLY A CA  1 
ATOM   354 C  C   . GLY A 1 45  ? 1.798   7.225   6.830   1.00 16.04 ? 202 GLY A C   1 
ATOM   355 O  O   . GLY A 1 45  ? 1.983   6.353   7.675   1.00 16.87 ? 202 GLY A O   1 
ATOM   356 N  N   . SER A 1 46  ? 2.098   8.522   6.951   1.00 17.16 ? 203 SER A N   1 
ATOM   357 C  CA  . SER A 1 46  ? 2.749   8.954   8.191   1.00 20.39 ? 203 SER A CA  1 
ATOM   358 C  C   . SER A 1 46  ? 1.847   8.706   9.392   1.00 20.81 ? 203 SER A C   1 
ATOM   359 O  O   . SER A 1 46  ? 2.369   8.481   10.492  1.00 22.39 ? 203 SER A O   1 
ATOM   360 C  CB  . SER A 1 46  ? 3.184   10.415  8.140   1.00 19.12 ? 203 SER A CB  1 
ATOM   361 O  OG  A SER A 1 46  ? 3.880   10.672  6.928   0.67 26.42 ? 203 SER A OG  1 
ATOM   362 O  OG  B SER A 1 46  ? 2.229   11.238  7.492   0.33 19.03 ? 203 SER A OG  1 
ATOM   363 N  N   . ASN A 1 47  ? 0.522   8.754   9.184   1.00 18.16 ? 204 ASN A N   1 
ATOM   364 C  CA  . ASN A 1 47  ? -0.382  8.518   10.309  1.00 17.58 ? 204 ASN A CA  1 
ATOM   365 C  C   . ASN A 1 47  ? -0.966  7.117   10.360  1.00 16.22 ? 204 ASN A C   1 
ATOM   366 O  O   . ASN A 1 47  ? -1.944  6.893   11.086  1.00 16.81 ? 204 ASN A O   1 
ATOM   367 C  CB  . ASN A 1 47  ? -1.453  9.614   10.304  1.00 20.03 ? 204 ASN A CB  1 
ATOM   368 C  CG  . ASN A 1 47  ? -0.788  10.999  10.260  1.00 18.67 ? 204 ASN A CG  1 
ATOM   369 O  OD1 . ASN A 1 47  ? 0.195   11.214  10.982  1.00 27.61 ? 204 ASN A OD1 1 
ATOM   370 N  ND2 . ASN A 1 47  ? -1.305  11.890  9.455   1.00 26.52 ? 204 ASN A ND2 1 
ATOM   371 N  N   . SER A 1 48  ? -0.403  6.157   9.613   1.00 17.06 ? 205 SER A N   1 
ATOM   372 C  CA  . SER A 1 48  ? -0.877  4.782   9.693   1.00 15.48 ? 205 SER A CA  1 
ATOM   373 C  C   . SER A 1 48  ? -0.559  4.190   11.067  1.00 17.91 ? 205 SER A C   1 
ATOM   374 O  O   . SER A 1 48  ? 0.347   4.694   11.742  1.00 22.03 ? 205 SER A O   1 
ATOM   375 C  CB  . SER A 1 48  ? -0.227  3.908   8.614   1.00 15.52 ? 205 SER A CB  1 
ATOM   376 O  OG  . SER A 1 48  ? 1.194   3.882   8.770   1.00 19.64 ? 205 SER A OG  1 
ATOM   377 N  N   . ASN A 1 49  ? -1.309  3.174   11.465  1.00 17.71 ? 206 ASN A N   1 
ATOM   378 C  CA  . ASN A 1 49  ? -1.061  2.537   12.766  1.00 18.91 ? 206 ASN A CA  1 
ATOM   379 C  C   . ASN A 1 49  ? -0.268  1.245   12.600  1.00 19.73 ? 206 ASN A C   1 
ATOM   380 O  O   . ASN A 1 49  ? -0.070  0.707   11.503  1.00 19.75 ? 206 ASN A O   1 
ATOM   381 C  CB  . ASN A 1 49  ? -2.365  2.349   13.525  1.00 17.43 ? 206 ASN A CB  1 
ATOM   382 C  CG  . ASN A 1 49  ? -3.315  1.344   12.924  1.00 20.47 ? 206 ASN A CG  1 
ATOM   383 O  OD1 . ASN A 1 49  ? -2.976  0.158   12.841  1.00 19.70 ? 206 ASN A OD1 1 
ATOM   384 N  ND2 . ASN A 1 49  ? -4.497  1.781   12.501  1.00 19.21 ? 206 ASN A ND2 1 
ATOM   385 N  N   . ARG A 1 50  ? 0.235   0.705   13.715  1.00 21.29 ? 207 ARG A N   1 
ATOM   386 C  CA  . ARG A 1 50  ? 1.058   -0.501  13.719  1.00 21.32 ? 207 ARG A CA  1 
ATOM   387 C  C   . ARG A 1 50  ? 0.337   -1.713  13.162  1.00 20.87 ? 207 ARG A C   1 
ATOM   388 O  O   . ARG A 1 50  ? 0.936   -2.559  12.486  1.00 21.00 ? 207 ARG A O   1 
ATOM   389 C  CB  . ARG A 1 50  ? 1.576   -0.784  15.144  1.00 24.62 ? 207 ARG A CB  1 
ATOM   390 C  CG  . ARG A 1 50  ? 2.938   -1.447  15.191  1.00 32.92 ? 207 ARG A CG  1 
ATOM   391 C  CD  . ARG A 1 50  ? 3.668   -1.112  16.476  1.00 37.11 ? 207 ARG A CD  1 
ATOM   392 N  NE  . ARG A 1 50  ? 3.302   -1.838  17.650  1.00 43.81 ? 207 ARG A NE  1 
ATOM   393 C  CZ  . ARG A 1 50  ? 3.753   -2.958  18.182  1.00 43.26 ? 207 ARG A CZ  1 
ATOM   394 N  NH1 . ARG A 1 50  ? 3.185   -3.367  19.319  1.00 43.32 ? 207 ARG A NH1 1 
ATOM   395 N  NH2 . ARG A 1 50  ? 4.742   -3.667  17.666  1.00 39.87 ? 207 ARG A NH2 1 
ATOM   396 N  N   . TYR A 1 51  ? -0.961  -1.830  13.424  1.00 20.19 ? 208 TYR A N   1 
ATOM   397 C  CA  . TYR A 1 51  ? -1.751  -2.942  12.919  1.00 20.44 ? 208 TYR A CA  1 
ATOM   398 C  C   . TYR A 1 51  ? -1.782  -2.905  11.392  1.00 18.65 ? 208 TYR A C   1 
ATOM   399 O  O   . TYR A 1 51  ? -1.605  -3.937  10.741  1.00 18.74 ? 208 TYR A O   1 
ATOM   400 C  CB  . TYR A 1 51  ? -3.160  -2.910  13.507  1.00 24.18 ? 208 TYR A CB  1 
ATOM   401 C  CG  . TYR A 1 51  ? -3.161  -2.950  15.025  1.00 32.03 ? 208 TYR A CG  1 
ATOM   402 C  CD1 . TYR A 1 51  ? -3.704  -1.921  15.777  1.00 35.43 ? 208 TYR A CD1 1 
ATOM   403 C  CD2 . TYR A 1 51  ? -2.595  -4.031  15.681  1.00 36.00 ? 208 TYR A CD2 1 
ATOM   404 C  CE1 . TYR A 1 51  ? -3.704  -1.976  17.164  1.00 38.59 ? 208 TYR A CE1 1 
ATOM   405 C  CE2 . TYR A 1 51  ? -2.585  -4.093  17.066  1.00 38.62 ? 208 TYR A CE2 1 
ATOM   406 C  CZ  . TYR A 1 51  ? -3.138  -3.060  17.794  1.00 39.99 ? 208 TYR A CZ  1 
ATOM   407 O  OH  . TYR A 1 51  ? -3.090  -3.163  19.172  1.00 43.02 ? 208 TYR A OH  1 
ATOM   408 N  N   . GLU A 1 52  ? -1.976  -1.717  10.816  1.00 18.51 ? 209 GLU A N   1 
ATOM   409 C  CA  . GLU A 1 52  ? -1.989  -1.584  9.362   1.00 18.13 ? 209 GLU A CA  1 
ATOM   410 C  C   . GLU A 1 52  ? -0.626  -1.886  8.750   1.00 17.98 ? 209 GLU A C   1 
ATOM   411 O  O   . GLU A 1 52  ? -0.522  -2.552  7.714   1.00 18.01 ? 209 GLU A O   1 
ATOM   412 C  CB  . GLU A 1 52  ? -2.426  -0.161  8.989   1.00 16.67 ? 209 GLU A CB  1 
ATOM   413 C  CG  . GLU A 1 52  ? -3.891  0.081   9.308   1.00 14.08 ? 209 GLU A CG  1 
ATOM   414 C  CD  . GLU A 1 52  ? -4.292  1.547   9.281   1.00 11.55 ? 209 GLU A CD  1 
ATOM   415 O  OE1 . GLU A 1 52  ? -3.392  2.394   9.434   1.00 14.10 ? 209 GLU A OE1 1 
ATOM   416 O  OE2 . GLU A 1 52  ? -5.509  1.771   9.094   1.00 13.19 ? 209 GLU A OE2 1 
ATOM   417 N  N   . ARG A 1 53  ? 0.447   -1.399  9.385   1.00 17.98 ? 210 ARG A N   1 
ATOM   418 C  CA  . ARG A 1 53  ? 1.785   -1.683  8.858   1.00 18.25 ? 210 ARG A CA  1 
ATOM   419 C  C   . ARG A 1 53  ? 2.060   -3.182  8.902   1.00 19.33 ? 210 ARG A C   1 
ATOM   420 O  O   . ARG A 1 53  ? 2.614   -3.715  7.931   1.00 19.88 ? 210 ARG A O   1 
ATOM   421 C  CB  . ARG A 1 53  ? 2.840   -0.898  9.623   1.00 17.91 ? 210 ARG A CB  1 
ATOM   422 C  CG  . ARG A 1 53  ? 2.846   0.577   9.220   1.00 24.30 ? 210 ARG A CG  1 
ATOM   423 C  CD  . ARG A 1 53  ? 4.104   1.241   9.782   1.00 34.32 ? 210 ARG A CD  1 
ATOM   424 N  NE  . ARG A 1 53  ? 3.752   1.955   11.012  1.00 38.68 ? 210 ARG A NE  1 
ATOM   425 C  CZ  . ARG A 1 53  ? 3.445   3.248   11.008  1.00 44.08 ? 210 ARG A CZ  1 
ATOM   426 N  NH1 . ARG A 1 53  ? 3.472   3.938   9.869   1.00 47.24 ? 210 ARG A NH1 1 
ATOM   427 N  NH2 . ARG A 1 53  ? 3.114   3.877   12.126  1.00 45.84 ? 210 ARG A NH2 1 
ATOM   428 N  N   . LEU A 1 54  ? 1.701   -3.850  9.997   1.00 19.12 ? 211 LEU A N   1 
ATOM   429 C  CA  . LEU A 1 54  ? 1.876   -5.294  10.074  1.00 19.01 ? 211 LEU A CA  1 
ATOM   430 C  C   . LEU A 1 54  ? 1.121   -6.058  8.999   1.00 20.22 ? 211 LEU A C   1 
ATOM   431 O  O   . LEU A 1 54  ? 1.642   -6.966  8.341   1.00 20.69 ? 211 LEU A O   1 
ATOM   432 C  CB  . LEU A 1 54  ? 1.392   -5.846  11.437  1.00 18.53 ? 211 LEU A CB  1 
ATOM   433 C  CG  . LEU A 1 54  ? 2.387   -5.569  12.567  1.00 23.61 ? 211 LEU A CG  1 
ATOM   434 C  CD1 . LEU A 1 54  ? 1.705   -5.755  13.917  1.00 23.13 ? 211 LEU A CD1 1 
ATOM   435 C  CD2 . LEU A 1 54  ? 3.598   -6.484  12.440  1.00 24.21 ? 211 LEU A CD2 1 
ATOM   436 N  N   . LYS A 1 55  ? -0.150  -5.704  8.808   1.00 19.65 ? 212 LYS A N   1 
ATOM   437 C  CA  . LYS A 1 55  ? -0.971  -6.359  7.798   1.00 19.74 ? 212 LYS A CA  1 
ATOM   438 C  C   . LYS A 1 55  ? -0.450  -6.069  6.396   1.00 19.23 ? 212 LYS A C   1 
ATOM   439 O  O   . LYS A 1 55  ? -0.510  -6.924  5.510   1.00 17.94 ? 212 LYS A O   1 
ATOM   440 C  CB  . LYS A 1 55  ? -2.423  -5.877  7.908   1.00 22.74 ? 212 LYS A CB  1 
ATOM   441 C  CG  . LYS A 1 55  ? -3.419  -7.002  7.674   1.00 29.66 ? 212 LYS A CG  1 
ATOM   442 C  CD  . LYS A 1 55  ? -3.363  -7.950  8.877   1.00 30.74 ? 212 LYS A CD  1 
ATOM   443 C  CE  . LYS A 1 55  ? -3.866  -9.323  8.509   1.00 31.62 ? 212 LYS A CE  1 
ATOM   444 N  NZ  . LYS A 1 55  ? -3.818  -10.319 9.601   1.00 35.30 ? 212 LYS A NZ  1 
ATOM   445 N  N   . ALA A 1 56  ? 0.072   -4.856  6.186   1.00 17.25 ? 213 ALA A N   1 
ATOM   446 C  CA  . ALA A 1 56  ? 0.606   -4.509  4.872   1.00 17.55 ? 213 ALA A CA  1 
ATOM   447 C  C   . ALA A 1 56  ? 1.774   -5.435  4.535   1.00 15.23 ? 213 ALA A C   1 
ATOM   448 O  O   . ALA A 1 56  ? 1.895   -5.895  3.404   1.00 15.45 ? 213 ALA A O   1 
ATOM   449 C  CB  . ALA A 1 56  ? 0.987   -3.046  4.772   1.00 17.27 ? 213 ALA A CB  1 
ATOM   450 N  N   . THR A 1 57  ? 2.631   -5.724  5.524   1.00 15.22 ? 214 THR A N   1 
ATOM   451 C  CA  . THR A 1 57  ? 3.742   -6.661  5.320   1.00 15.84 ? 214 THR A CA  1 
ATOM   452 C  C   . THR A 1 57  ? 3.202   -8.049  5.018   1.00 16.00 ? 214 THR A C   1 
ATOM   453 O  O   . THR A 1 57  ? 3.691   -8.691  4.080   1.00 15.57 ? 214 THR A O   1 
ATOM   454 C  CB  . THR A 1 57  ? 4.623   -6.725  6.584   1.00 22.24 ? 214 THR A CB  1 
ATOM   455 O  OG1 . THR A 1 57  ? 5.267   -5.455  6.715   1.00 22.79 ? 214 THR A OG1 1 
ATOM   456 C  CG2 . THR A 1 57  ? 5.641   -7.844  6.484   1.00 21.50 ? 214 THR A CG2 1 
ATOM   457 N  N   . GLN A 1 58  ? 2.211   -8.510  5.770   1.00 16.04 ? 215 GLN A N   1 
ATOM   458 C  CA  . GLN A 1 58  ? 1.626   -9.818  5.494   1.00 17.15 ? 215 GLN A CA  1 
ATOM   459 C  C   . GLN A 1 58  ? 1.034   -9.880  4.099   1.00 16.33 ? 215 GLN A C   1 
ATOM   460 O  O   . GLN A 1 58  ? 1.225   -10.824 3.352   1.00 16.98 ? 215 GLN A O   1 
ATOM   461 C  CB  . GLN A 1 58  ? 0.522   -10.178 6.491   1.00 21.21 ? 215 GLN A CB  1 
ATOM   462 C  CG  . GLN A 1 58  ? 1.014   -10.461 7.895   1.00 20.62 ? 215 GLN A CG  1 
ATOM   463 C  CD  A GLN A 1 58  ? 1.913   -11.674 7.974   0.67 22.87 ? 215 GLN A CD  1 
ATOM   464 C  CD  B GLN A 1 58  ? -0.067  -11.070 8.766   0.33 23.78 ? 215 GLN A CD  1 
ATOM   465 O  OE1 A GLN A 1 58  ? 3.027   -11.665 7.450   0.67 23.96 ? 215 GLN A OE1 1 
ATOM   466 O  OE1 B GLN A 1 58  ? -0.035  -12.251 9.116   0.33 25.73 ? 215 GLN A OE1 1 
ATOM   467 N  NE2 A GLN A 1 58  ? 1.446   -12.748 8.608   0.67 25.49 ? 215 GLN A NE2 1 
ATOM   468 N  NE2 B GLN A 1 58  ? -1.039  -10.250 9.136   0.33 27.06 ? 215 GLN A NE2 1 
ATOM   469 N  N   . VAL A 1 59  ? 0.295   -8.891  3.655   1.00 16.35 ? 216 VAL A N   1 
ATOM   470 C  CA  . VAL A 1 59  ? -0.287  -8.935  2.316   1.00 15.27 ? 216 VAL A CA  1 
ATOM   471 C  C   . VAL A 1 59  ? 0.759   -8.860  1.212   1.00 13.83 ? 216 VAL A C   1 
ATOM   472 O  O   . VAL A 1 59  ? 0.720   -9.656  0.271   1.00 16.31 ? 216 VAL A O   1 
ATOM   473 C  CB  . VAL A 1 59  ? -1.345  -7.837  2.136   1.00 16.69 ? 216 VAL A CB  1 
ATOM   474 C  CG1 . VAL A 1 59  ? -1.946  -7.898  0.733   1.00 17.82 ? 216 VAL A CG1 1 
ATOM   475 C  CG2 . VAL A 1 59  ? -2.442  -7.984  3.182   1.00 17.91 ? 216 VAL A CG2 1 
ATOM   476 N  N   . SER A 1 60  ? 1.751   -7.988  1.364   1.00 12.61 ? 217 SER A N   1 
ATOM   477 C  CA  . SER A 1 60  ? 2.806   -7.847  0.368   1.00 12.87 ? 217 SER A CA  1 
ATOM   478 C  C   . SER A 1 60  ? 3.623   -9.124  0.207   1.00 12.50 ? 217 SER A C   1 
ATOM   479 O  O   . SER A 1 60  ? 3.828   -9.579  -0.921  1.00 13.49 ? 217 SER A O   1 
ATOM   480 C  CB  . SER A 1 60  ? 3.725   -6.676  0.710   1.00 12.63 ? 217 SER A CB  1 
ATOM   481 O  OG  A SER A 1 60  ? 4.174   -6.725  2.046   0.50 17.36 ? 217 SER A OG  1 
ATOM   482 O  OG  B SER A 1 60  ? 2.989   -5.477  0.879   0.50 11.70 ? 217 SER A OG  1 
ATOM   483 N  N   . LYS A 1 61  ? 3.974   -9.741  1.338   1.00 14.63 ? 218 LYS A N   1 
ATOM   484 C  CA  . LYS A 1 61  ? 4.744   -10.982 1.306   1.00 15.38 ? 218 LYS A CA  1 
ATOM   485 C  C   . LYS A 1 61  ? 3.850   -12.133 0.858   1.00 15.11 ? 218 LYS A C   1 
ATOM   486 O  O   . LYS A 1 61  ? 4.315   -13.067 0.203   1.00 17.00 ? 218 LYS A O   1 
ATOM   487 C  CB  . LYS A 1 61  ? 5.441   -11.221 2.643   1.00 16.83 ? 218 LYS A CB  1 
ATOM   488 C  CG  . LYS A 1 61  ? 6.536   -10.202 2.936   1.00 19.35 ? 218 LYS A CG  1 
ATOM   489 C  CD  . LYS A 1 61  ? 7.307   -10.509 4.223   1.00 20.04 ? 218 LYS A CD  1 
ATOM   490 C  CE  . LYS A 1 61  ? 8.442   -9.483  4.336   1.00 25.24 ? 218 LYS A CE  1 
ATOM   491 N  NZ  . LYS A 1 61  ? 9.471   -9.935  5.321   1.00 25.72 ? 218 LYS A NZ  1 
ATOM   492 N  N   . GLY A 1 62  ? 2.561   -12.049 1.138   1.00 15.24 ? 219 GLY A N   1 
ATOM   493 C  CA  . GLY A 1 62  ? 1.583   -13.056 0.729   1.00 15.27 ? 219 GLY A CA  1 
ATOM   494 C  C   . GLY A 1 62  ? 1.469   -13.049 -0.789  1.00 16.05 ? 219 GLY A C   1 
ATOM   495 O  O   . GLY A 1 62  ? 1.476   -14.088 -1.447  1.00 16.00 ? 219 GLY A O   1 
ATOM   496 N  N   . ILE A 1 63  ? 1.401   -11.859 -1.404  1.00 13.97 ? 220 ILE A N   1 
ATOM   497 C  CA  . ILE A 1 63  ? 1.349   -11.801 -2.866  1.00 12.99 ? 220 ILE A CA  1 
ATOM   498 C  C   . ILE A 1 63  ? 2.644   -12.387 -3.422  1.00 13.31 ? 220 ILE A C   1 
ATOM   499 O  O   . ILE A 1 63  ? 2.680   -13.212 -4.333  1.00 14.36 ? 220 ILE A O   1 
ATOM   500 C  CB  . ILE A 1 63  ? 1.116   -10.358 -3.354  1.00 13.02 ? 220 ILE A CB  1 
ATOM   501 C  CG1 . ILE A 1 63  ? -0.243  -9.860  -2.830  1.00 14.86 ? 220 ILE A CG1 1 
ATOM   502 C  CG2 . ILE A 1 63  ? 1.249   -10.235 -4.857  1.00 14.80 ? 220 ILE A CG2 1 
ATOM   503 C  CD1 . ILE A 1 63  ? -0.476  -8.378  -3.063  1.00 18.03 ? 220 ILE A CD1 1 
ATOM   504 N  N   . ARG A 1 64  ? 3.781   -11.946 -2.862  1.00 13.22 ? 221 ARG A N   1 
ATOM   505 C  CA  . ARG A 1 64  ? 5.080   -12.414 -3.318  1.00 15.22 ? 221 ARG A CA  1 
ATOM   506 C  C   . ARG A 1 64  ? 5.230   -13.929 -3.235  1.00 14.27 ? 221 ARG A C   1 
ATOM   507 O  O   . ARG A 1 64  ? 5.649   -14.554 -4.228  1.00 16.87 ? 221 ARG A O   1 
ATOM   508 C  CB  . ARG A 1 64  ? 6.204   -11.775 -2.480  1.00 17.00 ? 221 ARG A CB  1 
ATOM   509 C  CG  . ARG A 1 64  ? 7.603   -12.288 -2.826  1.00 17.78 ? 221 ARG A CG  1 
ATOM   510 C  CD  . ARG A 1 64  ? 8.624   -11.788 -1.801  1.00 18.13 ? 221 ARG A CD  1 
ATOM   511 N  NE  . ARG A 1 64  ? 8.511   -12.489 -0.527  1.00 17.88 ? 221 ARG A NE  1 
ATOM   512 C  CZ  . ARG A 1 64  ? 9.101   -12.132 0.616   1.00 20.07 ? 221 ARG A CZ  1 
ATOM   513 N  NH1 . ARG A 1 64  ? 9.865   -11.050 0.661   1.00 20.61 ? 221 ARG A NH1 1 
ATOM   514 N  NH2 . ARG A 1 64  ? 8.891   -12.905 1.671   1.00 23.36 ? 221 ARG A NH2 1 
ATOM   515 N  N   . ASP A 1 65  ? 4.909   -14.493 -2.075  1.00 16.05 ? 222 ASP A N   1 
ATOM   516 C  CA  . ASP A 1 65  ? 5.122   -15.933 -1.891  1.00 18.62 ? 222 ASP A CA  1 
ATOM   517 C  C   . ASP A 1 65  ? 3.999   -16.833 -2.361  1.00 19.42 ? 222 ASP A C   1 
ATOM   518 O  O   . ASP A 1 65  ? 4.307   -17.891 -2.940  1.00 21.15 ? 222 ASP A O   1 
ATOM   519 C  CB  . ASP A 1 65  ? 5.428   -16.180 -0.410  1.00 16.64 ? 222 ASP A CB  1 
ATOM   520 C  CG  . ASP A 1 65  ? 6.661   -15.427 0.086   1.00 20.29 ? 222 ASP A CG  1 
ATOM   521 O  OD1 . ASP A 1 65  ? 7.540   -15.168 -0.748  1.00 21.57 ? 222 ASP A OD1 1 
ATOM   522 O  OD2 . ASP A 1 65  ? 6.692   -15.157 1.308   1.00 24.12 ? 222 ASP A OD2 1 
ATOM   523 N  N   . ASN A 1 66  ? 2.758   -16.447 -2.147  1.00 18.67 ? 223 ASN A N   1 
ATOM   524 C  CA  . ASN A 1 66  ? 1.613   -17.266 -2.529  1.00 18.86 ? 223 ASN A CA  1 
ATOM   525 C  C   . ASN A 1 66  ? 1.144   -17.035 -3.955  1.00 20.96 ? 223 ASN A C   1 
ATOM   526 O  O   . ASN A 1 66  ? 0.699   -18.000 -4.604  1.00 22.38 ? 223 ASN A O   1 
ATOM   527 C  CB  . ASN A 1 66  ? 0.438   -16.998 -1.578  1.00 19.83 ? 223 ASN A CB  1 
ATOM   528 C  CG  . ASN A 1 66  ? 0.751   -17.082 -0.102  1.00 22.11 ? 223 ASN A CG  1 
ATOM   529 O  OD1 . ASN A 1 66  ? 1.693   -17.771 0.297   1.00 22.46 ? 223 ASN A OD1 1 
ATOM   530 N  ND2 . ASN A 1 66  ? -0.009  -16.376 0.737   1.00 23.01 ? 223 ASN A ND2 1 
ATOM   531 N  N   . GLU A 1 67  ? 1.195   -15.807 -4.468  1.00 19.43 ? 224 GLU A N   1 
ATOM   532 C  CA  . GLU A 1 67  ? 0.720   -15.571 -5.828  1.00 17.79 ? 224 GLU A CA  1 
ATOM   533 C  C   . GLU A 1 67  ? 1.805   -15.533 -6.883  1.00 18.28 ? 224 GLU A C   1 
ATOM   534 O  O   . GLU A 1 67  ? 1.535   -15.781 -8.055  1.00 18.28 ? 224 GLU A O   1 
ATOM   535 C  CB  . GLU A 1 67  ? -0.092  -14.257 -5.872  1.00 15.42 ? 224 GLU A CB  1 
ATOM   536 C  CG  . GLU A 1 67  ? -1.178  -14.237 -4.804  1.00 15.52 ? 224 GLU A CG  1 
ATOM   537 C  CD  . GLU A 1 67  ? -2.029  -12.975 -4.779  1.00 16.60 ? 224 GLU A CD  1 
ATOM   538 O  OE1 . GLU A 1 67  ? -2.070  -12.241 -5.771  1.00 17.99 ? 224 GLU A OE1 1 
ATOM   539 O  OE2 . GLU A 1 67  ? -2.705  -12.814 -3.743  1.00 18.39 ? 224 GLU A OE2 1 
ATOM   540 N  N   . ARG A 1 68  ? 3.053   -15.254 -6.483  1.00 15.84 ? 225 ARG A N   1 
ATOM   541 C  CA  . ARG A 1 68  ? 4.131   -15.161 -7.461  1.00 16.90 ? 225 ARG A CA  1 
ATOM   542 C  C   . ARG A 1 68  ? 5.198   -16.239 -7.266  1.00 17.55 ? 225 ARG A C   1 
ATOM   543 O  O   . ARG A 1 68  ? 6.250   -16.141 -7.902  1.00 19.30 ? 225 ARG A O   1 
ATOM   544 C  CB  . ARG A 1 68  ? 4.797   -13.776 -7.398  1.00 18.22 ? 225 ARG A CB  1 
ATOM   545 C  CG  . ARG A 1 68  ? 3.881   -12.573 -7.526  1.00 18.79 ? 225 ARG A CG  1 
ATOM   546 C  CD  . ARG A 1 68  ? 3.410   -12.309 -8.951  1.00 16.04 ? 225 ARG A CD  1 
ATOM   547 N  NE  . ARG A 1 68  ? 2.016   -11.838 -8.968  1.00 19.04 ? 225 ARG A NE  1 
ATOM   548 C  CZ  . ARG A 1 68  ? 1.649   -10.631 -8.540  1.00 18.85 ? 225 ARG A CZ  1 
ATOM   549 N  NH1 . ARG A 1 68  ? 2.570   -9.778  -8.084  1.00 16.84 ? 225 ARG A NH1 1 
ATOM   550 N  NH2 . ARG A 1 68  ? 0.363   -10.308 -8.565  1.00 19.55 ? 225 ARG A NH2 1 
ATOM   551 N  N   . SER A 1 69  ? 5.004   -17.140 -6.328  1.00 19.37 ? 226 SER A N   1 
ATOM   552 C  CA  . SER A 1 69  ? 5.961   -18.197 -6.009  1.00 21.64 ? 226 SER A CA  1 
ATOM   553 C  C   . SER A 1 69  ? 7.340   -17.656 -5.667  1.00 22.28 ? 226 SER A C   1 
ATOM   554 O  O   . SER A 1 69  ? 8.383   -18.212 -6.022  1.00 22.25 ? 226 SER A O   1 
ATOM   555 C  CB  . SER A 1 69  ? 6.043   -19.218 -7.146  1.00 27.23 ? 226 SER A CB  1 
ATOM   556 O  OG  . SER A 1 69  ? 4.951   -20.122 -7.038  1.00 34.06 ? 226 SER A OG  1 
ATOM   557 N  N   . GLY A 1 70  ? 7.351   -16.522 -4.964  1.00 21.00 ? 227 GLY A N   1 
ATOM   558 C  CA  . GLY A 1 70  ? 8.589   -15.890 -4.556  1.00 20.42 ? 227 GLY A CA  1 
ATOM   559 C  C   . GLY A 1 70  ? 9.273   -15.105 -5.648  1.00 20.95 ? 227 GLY A C   1 
ATOM   560 O  O   . GLY A 1 70  ? 10.304  -14.479 -5.358  1.00 21.68 ? 227 GLY A O   1 
ATOM   561 N  N   . ARG A 1 71  ? 8.714   -14.988 -6.839  1.00 19.56 ? 228 ARG A N   1 
ATOM   562 C  CA  . ARG A 1 71  ? 9.339   -14.298 -7.949  1.00 21.22 ? 228 ARG A CA  1 
ATOM   563 C  C   . ARG A 1 71  ? 8.903   -12.848 -8.088  1.00 20.70 ? 228 ARG A C   1 
ATOM   564 O  O   . ARG A 1 71  ? 8.466   -12.367 -9.126  1.00 22.70 ? 228 ARG A O   1 
ATOM   565 C  CB  . ARG A 1 71  ? 9.147   -15.067 -9.262  1.00 24.89 ? 228 ARG A CB  1 
ATOM   566 C  CG  . ARG A 1 71  ? 9.759   -16.463 -9.196  1.00 29.29 ? 228 ARG A CG  1 
ATOM   567 C  CD  . ARG A 1 71  ? 10.058  -17.005 -10.582 1.00 31.91 ? 228 ARG A CD  1 
ATOM   568 N  NE  . ARG A 1 71  ? 10.822  -18.251 -10.518 1.00 35.27 ? 228 ARG A NE  1 
ATOM   569 C  CZ  . ARG A 1 71  ? 11.405  -18.804 -11.583 1.00 35.33 ? 228 ARG A CZ  1 
ATOM   570 N  N   . ALA A 1 72  ? 9.038   -12.135 -6.976  1.00 19.80 ? 229 ALA A N   1 
ATOM   571 C  CA  . ALA A 1 72  ? 8.720   -10.714 -6.923  1.00 19.53 ? 229 ALA A CA  1 
ATOM   572 C  C   . ALA A 1 72  ? 9.535   -10.086 -5.797  1.00 18.37 ? 229 ALA A C   1 
ATOM   573 O  O   . ALA A 1 72  ? 9.946   -10.766 -4.856  1.00 21.41 ? 229 ALA A O   1 
ATOM   574 C  CB  . ALA A 1 72  ? 7.241   -10.461 -6.721  1.00 22.46 ? 229 ALA A CB  1 
ATOM   575 N  N   . ARG A 1 73  ? 9.767   -8.782  -5.920  1.00 18.40 ? 230 ARG A N   1 
ATOM   576 C  CA  . ARG A 1 73  ? 10.522  -8.082  -4.891  1.00 18.15 ? 230 ARG A CA  1 
ATOM   577 C  C   . ARG A 1 73  ? 9.553   -7.115  -4.201  1.00 17.67 ? 230 ARG A C   1 
ATOM   578 O  O   . ARG A 1 73  ? 8.803   -6.450  -4.915  1.00 16.78 ? 230 ARG A O   1 
ATOM   579 C  CB  . ARG A 1 73  ? 11.710  -7.332  -5.484  1.00 25.98 ? 230 ARG A CB  1 
ATOM   580 C  CG  . ARG A 1 73  ? 12.647  -6.782  -4.412  1.00 30.56 ? 230 ARG A CG  1 
ATOM   581 C  CD  . ARG A 1 73  ? 14.007  -6.433  -4.996  1.00 33.19 ? 230 ARG A CD  1 
ATOM   582 N  N   . VAL A 1 74  ? 9.579   -7.104  -2.893  1.00 16.17 ? 231 VAL A N   1 
ATOM   583 C  CA  . VAL A 1 74  ? 8.748   -6.185  -2.111  1.00 17.60 ? 231 VAL A CA  1 
ATOM   584 C  C   . VAL A 1 74  ? 9.597   -4.951  -1.791  1.00 18.75 ? 231 VAL A C   1 
ATOM   585 O  O   . VAL A 1 74  ? 10.742  -5.075  -1.346  1.00 18.78 ? 231 VAL A O   1 
ATOM   586 C  CB  . VAL A 1 74  ? 8.238   -6.825  -0.823  1.00 16.72 ? 231 VAL A CB  1 
ATOM   587 C  CG1 . VAL A 1 74  ? 7.523   -5.820  0.076   1.00 18.34 ? 231 VAL A CG1 1 
ATOM   588 C  CG2 . VAL A 1 74  ? 7.285   -7.984  -1.153  1.00 17.80 ? 231 VAL A CG2 1 
ATOM   589 N  N   . HIS A 1 75  ? 9.063   -3.776  -2.061  1.00 17.20 ? 232 HIS A N   1 
ATOM   590 C  CA  . HIS A 1 75  ? 9.740   -2.512  -1.804  1.00 16.68 ? 232 HIS A CA  1 
ATOM   591 C  C   . HIS A 1 75  ? 8.973   -1.736  -0.743  1.00 19.04 ? 232 HIS A C   1 
ATOM   592 O  O   . HIS A 1 75  ? 7.811   -1.395  -0.990  1.00 19.59 ? 232 HIS A O   1 
ATOM   593 C  CB  . HIS A 1 75  ? 9.809   -1.653  -3.069  1.00 16.56 ? 232 HIS A CB  1 
ATOM   594 C  CG  . HIS A 1 75  ? 10.423  -2.381  -4.228  1.00 19.91 ? 232 HIS A CG  1 
ATOM   595 N  ND1 . HIS A 1 75  ? 11.790  -2.401  -4.411  1.00 20.47 ? 232 HIS A ND1 1 
ATOM   596 C  CD2 . HIS A 1 75  ? 9.889   -3.095  -5.236  1.00 19.09 ? 232 HIS A CD2 1 
ATOM   597 C  CE1 . HIS A 1 75  ? 12.076  -3.111  -5.493  1.00 21.15 ? 232 HIS A CE1 1 
ATOM   598 N  NE2 . HIS A 1 75  ? 10.937  -3.544  -6.007  1.00 19.23 ? 232 HIS A NE2 1 
ATOM   599 N  N   . VAL A 1 76  ? 9.574   -1.413  0.388   1.00 18.43 ? 233 VAL A N   1 
ATOM   600 C  CA  . VAL A 1 76  ? 8.842   -0.689  1.430   1.00 19.15 ? 233 VAL A CA  1 
ATOM   601 C  C   . VAL A 1 76  ? 9.137   0.801   1.384   1.00 20.32 ? 233 VAL A C   1 
ATOM   602 O  O   . VAL A 1 76  ? 10.300  1.197   1.299   1.00 21.79 ? 233 VAL A O   1 
ATOM   603 C  CB  . VAL A 1 76  ? 9.171   -1.262  2.827   1.00 22.14 ? 233 VAL A CB  1 
ATOM   604 C  CG1 . VAL A 1 76  ? 8.383   -0.551  3.917   1.00 27.03 ? 233 VAL A CG1 1 
ATOM   605 C  CG2 . VAL A 1 76  ? 8.879   -2.755  2.852   1.00 20.44 ? 233 VAL A CG2 1 
ATOM   606 N  N   . SER A 1 77  ? 8.084   1.621   1.375   1.00 16.64 ? 234 SER A N   1 
ATOM   607 C  CA  . SER A 1 77  ? 8.292   3.067   1.360   1.00 18.53 ? 234 SER A CA  1 
ATOM   608 C  C   . SER A 1 77  ? 7.229   3.780   2.183   1.00 17.96 ? 234 SER A C   1 
ATOM   609 O  O   . SER A 1 77  ? 6.355   3.186   2.803   1.00 17.09 ? 234 SER A O   1 
ATOM   610 C  CB  . SER A 1 77  ? 8.402   3.639   -0.032  1.00 20.29 ? 234 SER A CB  1 
ATOM   611 O  OG  . SER A 1 77  ? 7.218   3.690   -0.803  1.00 22.47 ? 234 SER A OG  1 
ATOM   612 N  N   . GLU A 1 78  ? 7.367   5.100   2.246   1.00 20.01 ? 235 GLU A N   1 
ATOM   613 C  CA  . GLU A 1 78  ? 6.414   5.896   3.016   1.00 22.23 ? 235 GLU A CA  1 
ATOM   614 C  C   . GLU A 1 78  ? 6.360   7.303   2.453   1.00 22.50 ? 235 GLU A C   1 
ATOM   615 O  O   . GLU A 1 78  ? 7.084   7.635   1.538   1.00 21.78 ? 235 GLU A O   1 
ATOM   616 C  CB  . GLU A 1 78  ? 6.835   5.984   4.483   1.00 26.01 ? 235 GLU A CB  1 
ATOM   617 C  CG  . GLU A 1 78  ? 8.215   6.633   4.586   1.00 32.01 ? 235 GLU A CG  1 
ATOM   618 C  CD  . GLU A 1 78  ? 8.658   6.735   6.031   1.00 38.85 ? 235 GLU A CD  1 
ATOM   619 O  OE1 . GLU A 1 78  ? 8.262   5.860   6.828   1.00 41.73 ? 235 GLU A OE1 1 
ATOM   620 O  OE2 . GLU A 1 78  ? 9.390   7.702   6.322   1.00 40.69 ? 235 GLU A OE2 1 
ATOM   621 N  N   . GLU A 1 79  ? 5.426   8.078   3.011   1.00 26.40 ? 236 GLU A N   1 
ATOM   622 C  CA  . GLU A 1 79  ? 5.256   9.456   2.538   1.00 31.20 ? 236 GLU A CA  1 
ATOM   623 C  C   . GLU A 1 79  ? 6.597   10.163  2.473   1.00 32.04 ? 236 GLU A C   1 
ATOM   624 O  O   . GLU A 1 79  ? 7.317   10.274  3.471   1.00 34.63 ? 236 GLU A O   1 
ATOM   625 C  CB  . GLU A 1 79  ? 4.205   10.115  3.424   1.00 37.15 ? 236 GLU A CB  1 
ATOM   626 C  CG  . GLU A 1 79  ? 3.878   11.555  3.156   1.00 42.83 ? 236 GLU A CG  1 
ATOM   627 C  CD  . GLU A 1 79  ? 2.885   11.962  2.100   1.00 45.34 ? 236 GLU A CD  1 
ATOM   628 O  OE1 . GLU A 1 79  ? 2.157   11.119  1.540   1.00 48.91 ? 236 GLU A OE1 1 
ATOM   629 O  OE2 . GLU A 1 79  ? 2.831   13.180  1.803   1.00 48.16 ? 236 GLU A OE2 1 
ATOM   630 N  N   . GLY A 1 80  ? 6.991   10.564  1.272   1.00 31.02 ? 237 GLY A N   1 
ATOM   631 C  CA  . GLY A 1 80  ? 8.215   11.254  0.968   1.00 30.31 ? 237 GLY A CA  1 
ATOM   632 C  C   . GLY A 1 80  ? 9.302   10.411  0.328   1.00 29.10 ? 237 GLY A C   1 
ATOM   633 O  O   . GLY A 1 80  ? 10.277  10.936  -0.215  1.00 32.39 ? 237 GLY A O   1 
ATOM   634 N  N   . THR A 1 81  ? 9.191   9.081   0.446   1.00 26.40 ? 238 THR A N   1 
ATOM   635 C  CA  . THR A 1 81  ? 10.201  8.200   -0.109  1.00 23.78 ? 238 THR A CA  1 
ATOM   636 C  C   . THR A 1 81  ? 9.685   7.284   -1.214  1.00 22.07 ? 238 THR A C   1 
ATOM   637 O  O   . THR A 1 81  ? 10.313  6.273   -1.537  1.00 21.23 ? 238 THR A O   1 
ATOM   638 C  CB  . THR A 1 81  ? 10.866  7.281   0.937   1.00 22.08 ? 238 THR A CB  1 
ATOM   639 O  OG1 . THR A 1 81  ? 9.939   6.339   1.472   1.00 24.10 ? 238 THR A OG1 1 
ATOM   640 C  CG2 . THR A 1 81  ? 11.465  8.083   2.085   1.00 20.20 ? 238 THR A CG2 1 
ATOM   641 N  N   . GLU A 1 82  ? 8.565   7.653   -1.838  1.00 21.12 ? 239 GLU A N   1 
ATOM   642 C  CA  . GLU A 1 82  ? 8.004   6.834   -2.903  1.00 19.42 ? 239 GLU A CA  1 
ATOM   643 C  C   . GLU A 1 82  ? 8.985   6.614   -4.041  1.00 21.36 ? 239 GLU A C   1 
ATOM   644 O  O   . GLU A 1 82  ? 9.439   7.610   -4.620  1.00 21.35 ? 239 GLU A O   1 
ATOM   645 C  CB  . GLU A 1 82  ? 6.796   7.588   -3.515  1.00 20.16 ? 239 GLU A CB  1 
ATOM   646 C  CG  . GLU A 1 82  ? 5.655   7.890   -2.582  1.00 24.43 ? 239 GLU A CG  1 
ATOM   647 C  CD  . GLU A 1 82  ? 5.816   9.058   -1.641  1.00 21.14 ? 239 GLU A CD  1 
ATOM   648 O  OE1 . GLU A 1 82  ? 5.055   9.131   -0.655  1.00 22.89 ? 239 GLU A OE1 1 
ATOM   649 O  OE2 . GLU A 1 82  ? 6.681   9.934   -1.857  1.00 26.32 ? 239 GLU A OE2 1 
ATOM   650 N  N   . PRO A 1 83  ? 9.241   5.401   -4.494  1.00 21.29 ? 240 PRO A N   1 
ATOM   651 C  CA  . PRO A 1 83  ? 10.166  5.124   -5.589  1.00 21.92 ? 240 PRO A CA  1 
ATOM   652 C  C   . PRO A 1 83  ? 9.708   5.676   -6.927  1.00 22.13 ? 240 PRO A C   1 
ATOM   653 O  O   . PRO A 1 83  ? 8.468   5.734   -7.076  1.00 21.73 ? 240 PRO A O   1 
ATOM   654 C  CB  . PRO A 1 83  ? 10.218  3.594   -5.563  1.00 23.02 ? 240 PRO A CB  1 
ATOM   655 C  CG  . PRO A 1 83  ? 9.866   3.179   -4.172  1.00 23.87 ? 240 PRO A CG  1 
ATOM   656 C  CD  . PRO A 1 83  ? 8.799   4.177   -3.768  1.00 21.23 ? 240 PRO A CD  1 
ATOM   657 N  N   . GLU A 1 84  ? 10.576  5.933   -7.894  1.00 22.85 ? 241 GLU A N   1 
ATOM   658 C  CA  . GLU A 1 84  ? 10.019  6.416   -9.149  1.00 22.91 ? 241 GLU A CA  1 
ATOM   659 C  C   . GLU A 1 84  ? 9.136   5.385   -9.824  1.00 22.65 ? 241 GLU A C   1 
ATOM   660 O  O   . GLU A 1 84  ? 8.281   5.830   -10.603 1.00 21.49 ? 241 GLU A O   1 
ATOM   661 C  CB  . GLU A 1 84  ? 11.145  6.829   -10.086 1.00 29.52 ? 241 GLU A CB  1 
ATOM   662 C  CG  . GLU A 1 84  ? 11.931  7.989   -9.483  1.00 32.56 ? 241 GLU A CG  1 
ATOM   663 C  CD  . GLU A 1 84  ? 13.337  8.063   -10.024 0.60 32.63 ? 241 GLU A CD  1 
ATOM   664 O  OE1 . GLU A 1 84  ? 13.751  7.141   -10.738 0.60 31.81 ? 241 GLU A OE1 1 
ATOM   665 O  OE2 . GLU A 1 84  ? 14.032  9.047   -9.699  0.60 35.99 ? 241 GLU A OE2 1 
ATOM   666 N  N   . ALA A 1 85  ? 9.331   4.096   -9.555  1.00 21.70 ? 242 ALA A N   1 
ATOM   667 C  CA  . ALA A 1 85  ? 8.486   3.086   -10.184 1.00 22.12 ? 242 ALA A CA  1 
ATOM   668 C  C   . ALA A 1 85  ? 7.030   3.342   -9.805  1.00 20.28 ? 242 ALA A C   1 
ATOM   669 O  O   . ALA A 1 85  ? 6.172   3.162   -10.685 1.00 21.60 ? 242 ALA A O   1 
ATOM   670 C  CB  . ALA A 1 85  ? 8.904   1.678   -9.801  1.00 24.03 ? 242 ALA A CB  1 
ATOM   671 N  N   . MET A 1 86  ? 6.743   3.762   -8.579  1.00 19.07 ? 243 MET A N   1 
ATOM   672 C  CA  . MET A 1 86  ? 5.376   4.077   -8.196  1.00 17.47 ? 243 MET A CA  1 
ATOM   673 C  C   . MET A 1 86  ? 4.876   5.310   -8.955  1.00 18.44 ? 243 MET A C   1 
ATOM   674 O  O   . MET A 1 86  ? 3.769   5.307   -9.478  1.00 17.53 ? 243 MET A O   1 
ATOM   675 C  CB  . MET A 1 86  ? 5.176   4.396   -6.721  1.00 19.10 ? 243 MET A CB  1 
ATOM   676 C  CG  . MET A 1 86  ? 5.338   3.224   -5.780  1.00 19.67 ? 243 MET A CG  1 
ATOM   677 S  SD  . MET A 1 86  ? 4.990   3.680   -4.078  1.00 16.19 ? 243 MET A SD  1 
ATOM   678 C  CE  . MET A 1 86  ? 3.219   3.860   -4.048  1.00 19.22 ? 243 MET A CE  1 
ATOM   679 N  N   . LEU A 1 87  ? 5.713   6.352   -9.010  1.00 17.95 ? 244 LEU A N   1 
ATOM   680 C  CA  . LEU A 1 87  ? 5.338   7.572   -9.719  1.00 18.58 ? 244 LEU A CA  1 
ATOM   681 C  C   . LEU A 1 87  ? 5.189   7.364   -11.212 1.00 18.69 ? 244 LEU A C   1 
ATOM   682 O  O   . LEU A 1 87  ? 4.319   7.973   -11.841 1.00 19.40 ? 244 LEU A O   1 
ATOM   683 C  CB  . LEU A 1 87  ? 6.387   8.655   -9.415  1.00 19.22 ? 244 LEU A CB  1 
ATOM   684 C  CG  . LEU A 1 87  ? 6.503   9.034   -7.932  1.00 26.92 ? 244 LEU A CG  1 
ATOM   685 C  CD1 . LEU A 1 87  ? 7.890   9.573   -7.614  1.00 28.33 ? 244 LEU A CD1 1 
ATOM   686 C  CD2 . LEU A 1 87  ? 5.428   10.049  -7.571  1.00 29.42 ? 244 LEU A CD2 1 
ATOM   687 N  N   . GLN A 1 88  ? 5.969   6.472   -11.827 1.00 17.89 ? 245 GLN A N   1 
ATOM   688 C  CA  . GLN A 1 88  ? 5.808   6.191   -13.248 1.00 20.05 ? 245 GLN A CA  1 
ATOM   689 C  C   . GLN A 1 88  ? 4.439   5.587   -13.536 1.00 20.58 ? 245 GLN A C   1 
ATOM   690 O  O   . GLN A 1 88  ? 3.853   5.876   -14.585 1.00 23.27 ? 245 GLN A O   1 
ATOM   691 C  CB  . GLN A 1 88  ? 6.939   5.296   -13.745 1.00 20.61 ? 245 GLN A CB  1 
ATOM   692 C  CG  . GLN A 1 88  ? 8.274   6.015   -13.877 1.00 28.06 ? 245 GLN A CG  1 
ATOM   693 C  CD  . GLN A 1 88  ? 8.310   7.044   -14.988 1.00 31.13 ? 245 GLN A CD  1 
ATOM   694 O  OE1 . GLN A 1 88  ? 7.433   7.086   -15.856 1.00 31.89 ? 245 GLN A OE1 1 
ATOM   695 N  NE2 . GLN A 1 88  ? 9.331   7.900   -14.982 1.00 34.55 ? 245 GLN A NE2 1 
ATOM   696 N  N   . VAL A 1 89  ? 3.889   4.802   -12.605 1.00 17.24 ? 246 VAL A N   1 
ATOM   697 C  CA  . VAL A 1 89  ? 2.567   4.220   -12.825 1.00 17.97 ? 246 VAL A CA  1 
ATOM   698 C  C   . VAL A 1 89  ? 1.436   5.165   -12.445 1.00 16.85 ? 246 VAL A C   1 
ATOM   699 O  O   . VAL A 1 89  ? 0.462   5.322   -13.188 1.00 18.62 ? 246 VAL A O   1 
ATOM   700 C  CB  . VAL A 1 89  ? 2.435   2.910   -12.021 1.00 15.79 ? 246 VAL A CB  1 
ATOM   701 C  CG1 . VAL A 1 89  ? 1.028   2.333   -12.080 1.00 18.93 ? 246 VAL A CG1 1 
ATOM   702 C  CG2 . VAL A 1 89  ? 3.432   1.881   -12.537 1.00 19.07 ? 246 VAL A CG2 1 
ATOM   703 N  N   . LEU A 1 90  ? 1.542   5.771   -11.264 1.00 15.08 ? 247 LEU A N   1 
ATOM   704 C  CA  . LEU A 1 90  ? 0.467   6.633   -10.772 1.00 15.86 ? 247 LEU A CA  1 
ATOM   705 C  C   . LEU A 1 90  ? 0.540   8.090   -11.180 1.00 16.64 ? 247 LEU A C   1 
ATOM   706 O  O   . LEU A 1 90  ? -0.431  8.831   -10.996 1.00 18.38 ? 247 LEU A O   1 
ATOM   707 C  CB  . LEU A 1 90  ? 0.419   6.529   -9.239  1.00 15.47 ? 247 LEU A CB  1 
ATOM   708 C  CG  . LEU A 1 90  ? 0.232   5.096   -8.719  1.00 16.94 ? 247 LEU A CG  1 
ATOM   709 C  CD1 . LEU A 1 90  ? 0.525   5.006   -7.229  1.00 18.08 ? 247 LEU A CD1 1 
ATOM   710 C  CD2 . LEU A 1 90  ? -1.173  4.610   -9.039  1.00 18.80 ? 247 LEU A CD2 1 
ATOM   711 N  N   . GLY A 1 91  ? 1.672   8.519   -11.722 1.00 16.84 ? 248 GLY A N   1 
ATOM   712 C  CA  . GLY A 1 91  ? 1.849   9.923   -12.103 1.00 17.25 ? 248 GLY A CA  1 
ATOM   713 C  C   . GLY A 1 91  ? 2.412   10.649  -10.878 1.00 16.46 ? 248 GLY A C   1 
ATOM   714 O  O   . GLY A 1 91  ? 2.742   10.028  -9.871  1.00 17.31 ? 248 GLY A O   1 
ATOM   715 N  N   . PRO A 1 92  ? 2.528   11.964  -10.970 1.00 17.69 ? 249 PRO A N   1 
ATOM   716 C  CA  . PRO A 1 92  ? 3.038   12.796  -9.895  1.00 17.45 ? 249 PRO A CA  1 
ATOM   717 C  C   . PRO A 1 92  ? 2.080   12.763  -8.713  1.00 15.58 ? 249 PRO A C   1 
ATOM   718 O  O   . PRO A 1 92  ? 0.870   12.640  -8.891  1.00 18.36 ? 249 PRO A O   1 
ATOM   719 C  CB  . PRO A 1 92  ? 3.153   14.186  -10.499 1.00 18.89 ? 249 PRO A CB  1 
ATOM   720 C  CG  . PRO A 1 92  ? 2.208   14.182  -11.636 1.00 19.90 ? 249 PRO A CG  1 
ATOM   721 C  CD  . PRO A 1 92  ? 2.142   12.775  -12.157 1.00 19.03 ? 249 PRO A CD  1 
ATOM   722 N  N   . LYS A 1 93  ? 2.657   12.722  -7.526  1.00 17.71 ? 250 LYS A N   1 
ATOM   723 C  CA  . LYS A 1 93  ? 1.867   12.616  -6.304  1.00 17.18 ? 250 LYS A CA  1 
ATOM   724 C  C   . LYS A 1 93  ? 1.298   13.941  -5.843  1.00 19.86 ? 250 LYS A C   1 
ATOM   725 O  O   . LYS A 1 93  ? 2.027   14.911  -5.637  1.00 20.08 ? 250 LYS A O   1 
ATOM   726 C  CB  . LYS A 1 93  ? 2.782   12.033  -5.219  1.00 22.48 ? 250 LYS A CB  1 
ATOM   727 C  CG  . LYS A 1 93  ? 2.060   11.710  -3.917  1.00 21.29 ? 250 LYS A CG  1 
ATOM   728 C  CD  . LYS A 1 93  ? 3.118   11.384  -2.876  1.00 28.27 ? 250 LYS A CD  1 
ATOM   729 C  CE  . LYS A 1 93  ? 2.593   11.518  -1.461  1.00 26.84 ? 250 LYS A CE  1 
ATOM   730 N  NZ  . LYS A 1 93  ? 3.796   11.682  -0.582  1.00 32.09 ? 250 LYS A NZ  1 
ATOM   731 N  N   . PRO A 1 94  ? -0.013  13.995  -5.657  1.00 19.35 ? 251 PRO A N   1 
ATOM   732 C  CA  . PRO A 1 94  ? -0.679  15.196  -5.182  1.00 21.37 ? 251 PRO A CA  1 
ATOM   733 C  C   . PRO A 1 94  ? -0.592  15.308  -3.674  1.00 21.76 ? 251 PRO A C   1 
ATOM   734 O  O   . PRO A 1 94  ? -0.095  14.393  -2.997  1.00 20.62 ? 251 PRO A O   1 
ATOM   735 C  CB  . PRO A 1 94  ? -2.128  14.975  -5.616  1.00 22.11 ? 251 PRO A CB  1 
ATOM   736 C  CG  . PRO A 1 94  ? -2.305  13.490  -5.564  1.00 21.33 ? 251 PRO A CG  1 
ATOM   737 C  CD  . PRO A 1 94  ? -0.970  12.887  -5.892  1.00 20.67 ? 251 PRO A CD  1 
ATOM   738 N  N   . ALA A 1 95  ? -1.046  16.433  -3.119  1.00 22.56 ? 252 ALA A N   1 
ATOM   739 C  CA  . ALA A 1 95  ? -1.063  16.548  -1.653  1.00 22.89 ? 252 ALA A CA  1 
ATOM   740 C  C   . ALA A 1 95  ? -2.098  15.505  -1.204  1.00 21.75 ? 252 ALA A C   1 
ATOM   741 O  O   . ALA A 1 95  ? -3.151  15.448  -1.843  1.00 22.06 ? 252 ALA A O   1 
ATOM   742 C  CB  . ALA A 1 95  ? -1.451  17.940  -1.216  1.00 28.34 ? 252 ALA A CB  1 
ATOM   743 N  N   . LEU A 1 96  ? -1.792  14.656  -0.239  1.00 20.80 ? 253 LEU A N   1 
ATOM   744 C  CA  . LEU A 1 96  ? -2.768  13.631  0.148   1.00 18.68 ? 253 LEU A CA  1 
ATOM   745 C  C   . LEU A 1 96  ? -3.637  14.037  1.333   1.00 19.55 ? 253 LEU A C   1 
ATOM   746 O  O   . LEU A 1 96  ? -3.156  14.711  2.237   1.00 21.25 ? 253 LEU A O   1 
ATOM   747 C  CB  . LEU A 1 96  ? -2.035  12.344  0.538   1.00 18.18 ? 253 LEU A CB  1 
ATOM   748 C  CG  . LEU A 1 96  ? -1.216  11.597  -0.512  1.00 18.72 ? 253 LEU A CG  1 
ATOM   749 C  CD1 . LEU A 1 96  ? -0.668  10.306  0.085   1.00 20.82 ? 253 LEU A CD1 1 
ATOM   750 C  CD2 . LEU A 1 96  ? -2.044  11.280  -1.746  1.00 20.05 ? 253 LEU A CD2 1 
ATOM   751 N  N   . PRO A 1 97  ? -4.889  13.592  1.342   1.00 20.12 ? 254 PRO A N   1 
ATOM   752 C  CA  . PRO A 1 97  ? -5.792  13.849  2.454   1.00 18.81 ? 254 PRO A CA  1 
ATOM   753 C  C   . PRO A 1 97  ? -5.315  13.089  3.678   1.00 20.32 ? 254 PRO A C   1 
ATOM   754 O  O   . PRO A 1 97  ? -4.637  12.068  3.573   1.00 18.39 ? 254 PRO A O   1 
ATOM   755 C  CB  . PRO A 1 97  ? -7.139  13.334  1.964   1.00 19.67 ? 254 PRO A CB  1 
ATOM   756 C  CG  . PRO A 1 97  ? -6.819  12.330  0.913   1.00 21.42 ? 254 PRO A CG  1 
ATOM   757 C  CD  . PRO A 1 97  ? -5.515  12.754  0.299   1.00 18.90 ? 254 PRO A CD  1 
ATOM   758 N  N   . ALA A 1 98  ? -5.760  13.475  4.863   1.00 19.93 ? 255 ALA A N   1 
ATOM   759 C  CA  . ALA A 1 98  ? -5.355  12.866  6.115   1.00 21.75 ? 255 ALA A CA  1 
ATOM   760 C  C   . ALA A 1 98  ? -5.780  11.420  6.317   1.00 22.54 ? 255 ALA A C   1 
ATOM   761 O  O   . ALA A 1 98  ? -5.094  10.678  7.029   1.00 24.62 ? 255 ALA A O   1 
ATOM   762 C  CB  . ALA A 1 98  ? -5.943  13.729  7.237   1.00 23.08 ? 255 ALA A CB  1 
ATOM   763 N  N   . GLY A 1 99  ? -6.890  11.010  5.729   1.00 21.15 ? 256 GLY A N   1 
ATOM   764 C  CA  . GLY A 1 99  ? -7.371  9.634   5.916   1.00 20.16 ? 256 GLY A CA  1 
ATOM   765 C  C   . GLY A 1 99  ? -8.450  9.698   7.003   1.00 18.99 ? 256 GLY A C   1 
ATOM   766 O  O   . GLY A 1 99  ? -8.478  10.629  7.807   1.00 20.83 ? 256 GLY A O   1 
ATOM   767 N  N   . THR A 1 100 ? -9.365  8.749   6.970   1.00 20.95 ? 257 THR A N   1 
ATOM   768 C  CA  . THR A 1 100 ? -10.461 8.669   7.922   1.00 19.52 ? 257 THR A CA  1 
ATOM   769 C  C   . THR A 1 100 ? -10.067 7.829   9.128   1.00 19.19 ? 257 THR A C   1 
ATOM   770 O  O   . THR A 1 100 ? -9.332  6.848   8.980   1.00 22.14 ? 257 THR A O   1 
ATOM   771 C  CB  . THR A 1 100 ? -11.704 8.059   7.245   1.00 25.51 ? 257 THR A CB  1 
ATOM   772 O  OG1 . THR A 1 100 ? -11.442 6.698   6.870   1.00 29.26 ? 257 THR A OG1 1 
ATOM   773 C  CG2 . THR A 1 100 ? -12.070 8.848   5.990   1.00 29.99 ? 257 THR A CG2 1 
ATOM   774 N  N   . GLU A 1 101 ? -10.466 8.235   10.327  1.00 16.63 ? 258 GLU A N   1 
ATOM   775 C  CA  . GLU A 1 101 ? -10.161 7.507   11.539  1.00 17.27 ? 258 GLU A CA  1 
ATOM   776 C  C   . GLU A 1 101 ? -10.661 6.069   11.410  1.00 21.38 ? 258 GLU A C   1 
ATOM   777 O  O   . GLU A 1 101 ? -11.748 5.868   10.851  1.00 25.07 ? 258 GLU A O   1 
ATOM   778 C  CB  . GLU A 1 101 ? -10.805 8.209   12.745  1.00 17.63 ? 258 GLU A CB  1 
ATOM   779 C  CG  . GLU A 1 101 ? -10.419 7.552   14.049  1.00 19.69 ? 258 GLU A CG  1 
ATOM   780 C  CD  . GLU A 1 101 ? -8.924  7.489   14.205  1.00 19.98 ? 258 GLU A CD  1 
ATOM   781 O  OE1 . GLU A 1 101 ? -8.240  8.516   14.389  1.00 17.63 ? 258 GLU A OE1 1 
ATOM   782 O  OE2 . GLU A 1 101 ? -8.301  6.382   14.178  1.00 20.31 ? 258 GLU A OE2 1 
ATOM   783 N  N   . ASP A 1 102 ? -9.864  5.131   11.874  1.00 20.86 ? 259 ASP A N   1 
ATOM   784 C  CA  . ASP A 1 102 ? -10.212 3.718   11.803  1.00 21.83 ? 259 ASP A CA  1 
ATOM   785 C  C   . ASP A 1 102 ? -11.209 3.349   12.892  1.00 24.11 ? 259 ASP A C   1 
ATOM   786 O  O   . ASP A 1 102 ? -11.308 4.029   13.905  1.00 23.15 ? 259 ASP A O   1 
ATOM   787 C  CB  . ASP A 1 102 ? -8.953  2.863   11.960  1.00 17.71 ? 259 ASP A CB  1 
ATOM   788 C  CG  . ASP A 1 102 ? -7.859  3.221   10.953  1.00 16.93 ? 259 ASP A CG  1 
ATOM   789 O  OD1 . ASP A 1 102 ? -6.733  3.489   11.419  1.00 17.95 ? 259 ASP A OD1 1 
ATOM   790 O  OD2 . ASP A 1 102 ? -8.168  3.340   9.755   1.00 16.48 ? 259 ASP A OD2 1 
ATOM   791 N  N   . THR A 1 103 ? -11.944 2.255   12.693  1.00 26.49 ? 260 THR A N   1 
ATOM   792 C  CA  . THR A 1 103 ? -12.923 1.835   13.710  1.00 29.14 ? 260 THR A CA  1 
ATOM   793 C  C   . THR A 1 103 ? -12.189 1.124   14.838  1.00 30.75 ? 260 THR A C   1 
ATOM   794 O  O   . THR A 1 103 ? -11.528 0.114   14.586  1.00 31.56 ? 260 THR A O   1 
ATOM   795 C  CB  . THR A 1 103 ? -13.993 0.954   13.056  1.00 32.24 ? 260 THR A CB  1 
ATOM   796 O  OG1 . THR A 1 103 ? -14.632 1.691   11.992  1.00 34.96 ? 260 THR A OG1 1 
ATOM   797 C  CG2 . THR A 1 103 ? -15.064 0.536   14.049  1.00 35.58 ? 260 THR A CG2 1 
ATOM   798 N  N   . ALA A 1 104 ? -12.233 1.659   16.054  1.00 32.57 ? 261 ALA A N   1 
ATOM   799 C  CA  . ALA A 1 104 ? -11.516 1.091   17.189  1.00 34.39 ? 261 ALA A CA  1 
ATOM   800 C  C   . ALA A 1 104 ? -12.198 -0.129  17.784  1.00 35.54 ? 261 ALA A C   1 
ATOM   801 O  O   . ALA A 1 104 ? -13.439 -0.237  17.703  1.00 37.10 ? 261 ALA A O   1 
ATOM   802 C  CB  . ALA A 1 104 ? -11.313 2.158   18.262  1.00 36.18 ? 261 ALA A CB  1 
HETATM 803 CD CD  . CD  B 2 .   ? -6.392  6.434   14.550  0.50 18.27 ? 262 CD  A CD  1 
HETATM 804 CD CD  . CD  C 2 .   ? -5.489  4.060   9.389   1.00 16.23 ? 263 CD  A CD  1 
HETATM 805 CD CD  . CD  D 2 .   ? -8.098  -7.259  -8.753  0.50 20.94 ? 264 CD  A CD  1 
HETATM 806 CD CD  A CD  E 2 .   ? 13.547  -1.111  -3.598  0.50 23.76 ? 265 CD  A CD  1 
HETATM 807 CD CD  B CD  E 2 .   ? 13.545  -2.160  -2.521  0.50 38.88 ? 265 CD  A CD  1 
HETATM 808 O  O   . HOH F 3 .   ? -6.804  -2.616  -7.713  1.00 18.08 ? 266 HOH A O   1 
HETATM 809 O  O   . HOH F 3 .   ? -6.574  6.153   9.627   1.00 14.04 ? 267 HOH A O   1 
HETATM 810 O  O   . HOH F 3 .   ? -4.231  4.914   11.347  1.00 14.09 ? 268 HOH A O   1 
HETATM 811 O  O   . HOH F 3 .   ? -8.968  -8.177  -0.623  1.00 17.68 ? 269 HOH A O   1 
HETATM 812 O  O   . HOH F 3 .   ? -7.288  -6.647  -10.839 1.00 19.70 ? 270 HOH A O   1 
HETATM 813 O  O   . HOH F 3 .   ? 7.942   1.284   -2.290  1.00 20.70 ? 271 HOH A O   1 
HETATM 814 O  O   . HOH F 3 .   ? -4.614  -11.004 -3.898  0.50 8.98  ? 272 HOH A O   1 
HETATM 815 O  O   . HOH F 3 .   ? -4.121  5.474   14.562  1.00 30.05 ? 273 HOH A O   1 
HETATM 816 O  O   . HOH F 3 .   ? 11.159  -9.253  -1.217  1.00 19.78 ? 274 HOH A O   1 
HETATM 817 O  O   . HOH F 3 .   ? 5.246   13.833  -7.493  1.00 24.31 ? 275 HOH A O   1 
HETATM 818 O  O   . HOH F 3 .   ? -7.801  1.318   -11.504 1.00 32.65 ? 276 HOH A O   1 
HETATM 819 O  O   . HOH F 3 .   ? -2.983  8.648   -9.896  1.00 20.71 ? 277 HOH A O   1 
HETATM 820 O  O   . HOH F 3 .   ? 12.280  3.108   1.719   1.00 33.85 ? 278 HOH A O   1 
HETATM 821 O  O   . HOH F 3 .   ? -1.869  2.346   -15.593 1.00 26.01 ? 279 HOH A O   1 
HETATM 822 O  O   . HOH F 3 .   ? -10.749 -7.251  2.419   1.00 22.90 ? 280 HOH A O   1 
HETATM 823 O  O   . HOH F 3 .   ? 3.732   16.122  -7.209  1.00 23.84 ? 281 HOH A O   1 
HETATM 824 O  O   . HOH F 3 .   ? 11.561  0.636   -7.172  1.00 21.52 ? 282 HOH A O   1 
HETATM 825 O  O   . HOH F 3 .   ? 11.932  2.973   -8.526  1.00 22.79 ? 283 HOH A O   1 
HETATM 826 O  O   . HOH F 3 .   ? -9.625  -1.946  3.407   1.00 23.93 ? 284 HOH A O   1 
HETATM 827 O  O   . HOH F 3 .   ? -10.101 -6.710  -2.727  1.00 24.23 ? 285 HOH A O   1 
HETATM 828 O  O   . HOH F 3 .   ? 11.786  4.048   -0.680  1.00 23.33 ? 286 HOH A O   1 
HETATM 829 O  O   . HOH F 3 .   ? -10.186 4.463   -3.272  1.00 22.48 ? 287 HOH A O   1 
HETATM 830 O  O   . HOH F 3 .   ? 9.064   -1.465  -9.246  1.00 24.29 ? 288 HOH A O   1 
HETATM 831 O  O   . HOH F 3 .   ? -9.090  4.841   -0.721  1.00 26.51 ? 289 HOH A O   1 
HETATM 832 O  O   . HOH F 3 .   ? 0.059   2.491   16.238  1.00 30.51 ? 290 HOH A O   1 
HETATM 833 O  O   . HOH F 3 .   ? 7.154   -4.438  -12.060 1.00 25.25 ? 291 HOH A O   1 
HETATM 834 O  O   . HOH F 3 .   ? 1.635   10.255  4.926   1.00 29.87 ? 292 HOH A O   1 
HETATM 835 O  O   . HOH F 3 .   ? -11.559 1.052   9.815   1.00 25.56 ? 293 HOH A O   1 
HETATM 836 O  O   . HOH F 3 .   ? -2.279  -6.392  12.289  1.00 26.79 ? 294 HOH A O   1 
HETATM 837 O  O   . HOH F 3 .   ? 13.279  4.904   -7.079  1.00 24.07 ? 295 HOH A O   1 
HETATM 838 O  O   . HOH F 3 .   ? 2.405   -12.793 3.885   1.00 54.05 ? 296 HOH A O   1 
HETATM 839 O  O   . HOH F 3 .   ? 6.074   9.037   6.754   1.00 32.05 ? 297 HOH A O   1 
HETATM 840 O  O   . HOH F 3 .   ? 7.371   11.650  -3.900  1.00 28.41 ? 298 HOH A O   1 
HETATM 841 O  O   . HOH F 3 .   ? 2.674   -18.695 -6.471  1.00 27.88 ? 299 HOH A O   1 
HETATM 842 O  O   . HOH F 3 .   ? 11.154  -7.762  5.354   1.00 29.50 ? 300 HOH A O   1 
HETATM 843 O  O   . HOH F 3 .   ? 9.723   -12.780 4.711   1.00 23.72 ? 301 HOH A O   1 
HETATM 844 O  O   . HOH F 3 .   ? 6.905   0.958   -12.495 1.00 33.62 ? 302 HOH A O   1 
HETATM 845 O  O   . HOH F 3 .   ? -2.959  -14.554 -1.712  1.00 50.64 ? 303 HOH A O   1 
HETATM 846 O  O   . HOH F 3 .   ? -5.418  11.024  -2.469  1.00 23.08 ? 304 HOH A O   1 
HETATM 847 O  O   . HOH F 3 .   ? 9.673   10.234  -4.355  1.00 28.44 ? 305 HOH A O   1 
HETATM 848 O  O   . HOH F 3 .   ? -10.548 5.504   3.319   1.00 34.62 ? 306 HOH A O   1 
HETATM 849 O  O   . HOH F 3 .   ? 0.122   4.149   -15.738 1.00 29.25 ? 307 HOH A O   1 
HETATM 850 O  O   . HOH F 3 .   ? 12.245  -11.032 -3.217  1.00 37.47 ? 308 HOH A O   1 
HETATM 851 O  O   . HOH F 3 .   ? -12.639 3.563   -3.805  1.00 35.06 ? 309 HOH A O   1 
HETATM 852 O  O   . HOH F 3 .   ? 3.826   -4.041  22.041  1.00 28.30 ? 310 HOH A O   1 
HETATM 853 O  O   . HOH F 3 .   ? 11.800  -1.288  -9.149  1.00 32.27 ? 311 HOH A O   1 
HETATM 854 O  O   . HOH F 3 .   ? -4.849  -1.891  -13.395 1.00 34.28 ? 312 HOH A O   1 
HETATM 855 O  O   . HOH F 3 .   ? 0.750   14.610  0.912   1.00 41.22 ? 313 HOH A O   1 
HETATM 856 O  O   . HOH F 3 .   ? 4.874   -6.038  19.660  1.00 25.54 ? 314 HOH A O   1 
HETATM 857 O  O   . HOH F 3 .   ? 11.661  -12.007 -11.141 1.00 60.07 ? 315 HOH A O   1 
HETATM 858 O  O   . HOH F 3 .   ? -11.046 -1.652  12.342  1.00 31.36 ? 316 HOH A O   1 
HETATM 859 O  O   . HOH F 3 .   ? -0.364  0.490   -17.860 1.00 48.32 ? 317 HOH A O   1 
HETATM 860 O  O   . HOH F 3 .   ? -1.877  7.981   14.430  1.00 60.53 ? 318 HOH A O   1 
HETATM 861 O  O   . HOH F 3 .   ? -4.219  6.804   -11.734 1.00 37.10 ? 319 HOH A O   1 
HETATM 862 O  O   . HOH F 3 .   ? -12.667 -4.066  -4.013  1.00 42.08 ? 320 HOH A O   1 
HETATM 863 O  O   . HOH F 3 .   ? 11.561  -13.885 -2.992  1.00 40.25 ? 321 HOH A O   1 
HETATM 864 O  O   . HOH F 3 .   ? -9.514  12.898  5.149   1.00 69.97 ? 322 HOH A O   1 
HETATM 865 O  O   . HOH F 3 .   ? 1.593   1.876   -16.344 1.00 34.27 ? 323 HOH A O   1 
HETATM 866 O  O   . HOH F 3 .   ? -1.048  12.042  -10.595 1.00 36.44 ? 324 HOH A O   1 
HETATM 867 O  O   . HOH F 3 .   ? 4.671   -14.922 3.483   1.00 41.65 ? 325 HOH A O   1 
HETATM 868 O  O   . HOH F 3 .   ? -7.633  15.967  5.113   1.00 66.68 ? 326 HOH A O   1 
HETATM 869 O  O   . HOH F 3 .   ? 13.030  -3.879  -9.007  1.00 43.01 ? 327 HOH A O   1 
HETATM 870 O  O   . HOH F 3 .   ? -5.575  13.120  -9.551  1.00 38.44 ? 328 HOH A O   1 
HETATM 871 O  O   . HOH F 3 .   ? -11.760 -6.598  -4.877  1.00 35.35 ? 329 HOH A O   1 
HETATM 872 O  O   . HOH F 3 .   ? 7.117   -19.263 -1.923  1.00 40.40 ? 330 HOH A O   1 
HETATM 873 O  O   . HOH F 3 .   ? 11.060  1.579   -1.794  1.00 28.86 ? 331 HOH A O   1 
HETATM 874 O  O   . HOH F 3 .   ? -6.483  11.229  -11.214 1.00 42.84 ? 332 HOH A O   1 
HETATM 875 O  O   . HOH F 3 .   ? 0.664   -4.405  18.284  1.00 40.13 ? 333 HOH A O   1 
HETATM 876 O  O   . HOH F 3 .   ? 7.996   -1.585  -11.902 1.00 32.08 ? 334 HOH A O   1 
HETATM 877 O  O   . HOH F 3 .   ? -6.795  -2.651  -10.748 1.00 43.84 ? 335 HOH A O   1 
HETATM 878 O  O   . HOH F 3 .   ? 7.395   -6.116  3.717   1.00 67.56 ? 336 HOH A O   1 
HETATM 879 O  O   . HOH F 3 .   ? -3.384  11.737  -8.931  1.00 36.78 ? 337 HOH A O   1 
HETATM 880 O  O   . HOH F 3 .   ? -14.779 -10.430 5.901   1.00 39.46 ? 338 HOH A O   1 
HETATM 881 O  O   . HOH F 3 .   ? 7.637   1.822   -14.988 1.00 54.34 ? 339 HOH A O   1 
HETATM 882 O  O   . HOH F 3 .   ? 3.931   1.836   13.713  1.00 41.15 ? 340 HOH A O   1 
HETATM 883 O  O   . HOH F 3 .   ? -12.900 -0.709  -3.108  1.00 33.55 ? 341 HOH A O   1 
HETATM 884 O  O   . HOH F 3 .   ? -16.719 -9.578  8.478   1.00 63.68 ? 342 HOH A O   1 
HETATM 885 O  O   . HOH F 3 .   ? 10.295  7.521   8.776   1.00 34.19 ? 343 HOH A O   1 
HETATM 886 O  O   . HOH F 3 .   ? -1.506  -13.544 0.813   0.50 28.35 ? 344 HOH A O   1 
HETATM 887 O  O   . HOH F 3 .   ? 12.593  -7.194  -0.012  1.00 39.88 ? 345 HOH A O   1 
HETATM 888 O  O   . HOH F 3 .   ? 11.036  -8.462  1.838   1.00 43.91 ? 346 HOH A O   1 
HETATM 889 O  O   . HOH F 3 .   ? 10.796  4.778   3.546   1.00 37.48 ? 347 HOH A O   1 
HETATM 890 O  O   . HOH F 3 .   ? -7.324  -1.054  -12.898 1.00 39.82 ? 348 HOH A O   1 
HETATM 891 O  O   . HOH F 3 .   ? -9.006  6.291   5.559   1.00 38.60 ? 349 HOH A O   1 
HETATM 892 O  O   . HOH F 3 .   ? 10.301  -15.461 -0.863  1.00 40.92 ? 350 HOH A O   1 
HETATM 893 O  O   . HOH F 3 .   ? -2.288  18.505  -4.816  1.00 37.01 ? 351 HOH A O   1 
HETATM 894 O  O   . HOH F 3 .   ? 12.120  -2.385  0.978   1.00 35.56 ? 352 HOH A O   1 
HETATM 895 O  O   . HOH F 3 .   ? -12.703 -1.326  9.166   1.00 37.47 ? 353 HOH A O   1 
HETATM 896 O  O   . HOH F 3 .   ? -0.979  15.389  -9.493  1.00 55.87 ? 354 HOH A O   1 
HETATM 897 O  O   . HOH F 3 .   ? 15.229  -3.025  -4.049  1.00 38.38 ? 355 HOH A O   1 
HETATM 898 O  O   . HOH F 3 .   ? 11.236  11.323  -6.372  1.00 38.08 ? 356 HOH A O   1 
HETATM 899 O  O   . HOH F 3 .   ? -6.951  14.821  -4.357  1.00 36.21 ? 357 HOH A O   1 
HETATM 900 O  O   . HOH F 3 .   ? -6.372  3.915   14.135  1.00 40.63 ? 358 HOH A O   1 
HETATM 901 O  O   . HOH F 3 .   ? 8.759   4.878   9.314   1.00 25.78 ? 359 HOH A O   1 
HETATM 902 O  O   . HOH F 3 .   ? 12.715  0.926   -4.509  1.00 31.98 ? 360 HOH A O   1 
HETATM 903 O  O   . HOH F 3 .   ? -13.526 1.243   -4.981  1.00 55.70 ? 361 HOH A O   1 
HETATM 904 O  O   . HOH F 3 .   ? 7.874   -20.805 -4.095  1.00 60.26 ? 362 HOH A O   1 
HETATM 905 O  O   . HOH F 3 .   ? 5.564   -20.338 0.157   1.00 56.22 ? 363 HOH A O   1 
HETATM 906 O  O   . HOH F 3 .   ? 2.745   14.306  6.332   1.00 54.90 ? 364 HOH A O   1 
HETATM 907 O  O   . HOH F 3 .   ? 12.156  -10.536 -8.811  1.00 51.24 ? 365 HOH A O   1 
HETATM 908 O  O   . HOH F 3 .   ? -14.522 -6.815  -6.188  1.00 41.17 ? 366 HOH A O   1 
HETATM 909 O  O   . HOH F 3 .   ? -1.950  14.056  6.640   1.00 46.23 ? 367 HOH A O   1 
HETATM 910 O  O   . HOH F 3 .   ? -11.354 -1.121  5.252   1.00 36.10 ? 368 HOH A O   1 
HETATM 911 O  O   . HOH F 3 .   ? -4.760  13.795  -3.176  1.00 49.88 ? 369 HOH A O   1 
HETATM 912 O  O   . HOH F 3 .   ? 5.584   14.508  3.192   1.00 57.12 ? 370 HOH A O   1 
HETATM 913 O  O   . HOH F 3 .   ? 5.347   6.375   7.582   1.00 55.56 ? 371 HOH A O   1 
HETATM 914 O  O   . HOH F 3 .   ? 2.581   0.054   19.882  1.00 52.86 ? 372 HOH A O   1 
HETATM 915 O  O   . HOH F 3 .   ? 0.452   -13.992 11.598  1.00 52.06 ? 373 HOH A O   1 
HETATM 916 O  O   . HOH F 3 .   ? 12.738  -0.520  -0.985  1.00 46.15 ? 374 HOH A O   1 
HETATM 917 O  O   . HOH F 3 .   ? -12.032 6.323   -1.507  1.00 57.34 ? 375 HOH A O   1 
HETATM 918 O  O   . HOH F 3 .   ? -8.073  9.342   -9.873  1.00 27.28 ? 376 HOH A O   1 
HETATM 919 O  O   . HOH F 3 .   ? 10.729  -5.833  2.237   1.00 49.28 ? 377 HOH A O   1 
HETATM 920 O  O   . HOH F 3 .   ? 7.750   7.299   9.635   1.00 66.89 ? 378 HOH A O   1 
HETATM 921 O  O   . HOH F 3 .   ? 1.494   19.024  -4.389  1.00 42.67 ? 379 HOH A O   1 
HETATM 922 O  O   . HOH F 3 .   ? -5.995  16.705  -0.246  1.00 44.71 ? 380 HOH A O   1 
HETATM 923 O  O   . HOH F 3 .   ? -4.413  17.889  2.056   1.00 57.71 ? 381 HOH A O   1 
HETATM 924 O  O   . HOH F 3 .   ? 2.712   -15.380 10.455  1.00 44.22 ? 382 HOH A O   1 
HETATM 925 O  O   . HOH F 3 .   ? 12.823  2.248   -11.052 1.00 46.27 ? 383 HOH A O   1 
HETATM 926 O  O   . HOH F 3 .   ? 5.623   2.032   17.026  1.00 47.31 ? 384 HOH A O   1 
HETATM 927 O  O   . HOH F 3 .   ? 2.297   12.956  10.574  1.00 37.70 ? 385 HOH A O   1 
HETATM 928 O  O   . HOH F 3 .   ? 3.780   -1.993  -14.569 1.00 51.60 ? 386 HOH A O   1 
HETATM 929 O  O   . HOH F 3 .   ? 12.264  -7.803  -9.166  1.00 54.04 ? 387 HOH A O   1 
HETATM 930 O  O   . HOH F 3 .   ? 5.561   -22.827 -7.506  1.00 33.92 ? 388 HOH A O   1 
HETATM 931 O  O   . HOH F 3 .   ? 3.960   0.288   -16.658 1.00 60.54 ? 389 HOH A O   1 
HETATM 932 O  O   . HOH F 3 .   ? 9.926   -19.913 -8.268  1.00 47.32 ? 390 HOH A O   1 
HETATM 933 O  O   . HOH F 3 .   ? -10.218 -2.657  -12.025 1.00 53.59 ? 391 HOH A O   1 
HETATM 934 O  O   . HOH F 3 .   ? -1.907  10.076  -13.170 1.00 56.03 ? 392 HOH A O   1 
HETATM 935 O  O   . HOH F 3 .   ? -7.120  12.871  -2.760  1.00 44.70 ? 393 HOH A O   1 
HETATM 936 O  O   . HOH F 3 .   ? 12.237  -6.091  -11.420 1.00 43.44 ? 394 HOH A O   1 
HETATM 937 O  O   . HOH F 3 .   ? 9.334   2.196   9.388   1.00 44.88 ? 395 HOH A O   1 
# 
